data_6J6T
#
_entry.id   6J6T
#
_cell.length_a   60.809
_cell.length_b   78.833
_cell.length_c   176.794
_cell.angle_alpha   90.000
_cell.angle_beta   94.221
_cell.angle_gamma   90.000
#
_symmetry.space_group_name_H-M   'P 1 21 1'
#
loop_
_entity.id
_entity.type
_entity.pdbx_description
1 polymer 'Histone deacetylase 15'
2 non-polymer 'ZINC ION'
3 non-polymer 'POTASSIUM ION'
4 non-polymer 'SULFATE ION'
5 water water
#
_entity_poly.entity_id   1
_entity_poly.type   'polypeptide(L)'
_entity_poly.pdbx_seq_one_letter_code
;ATSSTAVGFDERMLLHSEFEVKAQPHPERPDRLRAIAASLATAGVFPGRCLPINAREITKQELQMVHTSEHVDAVDTTSQ
LLYSYFTSDTYANEYSARAARLAAGLCADLATDIFTGRVKNGFALVRPPGHHAGVRHAMGFCLHNNAAVAALVAQAAGAK
KVLIVDWDVHHGNGTQEIFEQNKSVLYISLHRHEGGNFYPGTGAADEVGSNGGEGYCVNVPWSCGGVGDKDYIFAFQHVV
LPIASAFSPDFVIISAGFDAARGDPLGCCDVTPAGYSRMTQMLGDLCGGKMLVILEGGYNLRSISASATAVIKVLLGENP
ENELPIATTPSVAGLQTVLDVLNIQLEFWPSLAISYSKLLSELE
;
_entity_poly.pdbx_strand_id   A,B,C,D
#
# COMPACT_ATOMS: atom_id res chain seq x y z
N SER A 3 -1.88 -3.31 48.74
CA SER A 3 -0.68 -2.70 49.33
C SER A 3 0.59 -2.72 48.42
N SER A 4 0.74 -3.75 47.62
CA SER A 4 1.97 -3.85 46.87
C SER A 4 1.80 -3.24 45.47
N THR A 5 2.92 -3.12 44.77
CA THR A 5 2.93 -2.74 43.36
C THR A 5 2.98 -3.98 42.48
N ALA A 6 2.08 -4.06 41.51
CA ALA A 6 2.09 -5.16 40.54
C ALA A 6 2.78 -4.75 39.24
N VAL A 7 3.42 -5.71 38.58
CA VAL A 7 3.94 -5.51 37.23
C VAL A 7 3.39 -6.60 36.34
N GLY A 8 2.85 -6.21 35.19
CA GLY A 8 2.29 -7.14 34.23
C GLY A 8 3.28 -7.34 33.09
N PHE A 9 3.61 -8.59 32.82
CA PHE A 9 4.62 -8.88 31.82
C PHE A 9 4.46 -10.31 31.34
N ASP A 10 4.83 -10.54 30.08
CA ASP A 10 4.88 -11.89 29.49
C ASP A 10 5.84 -11.88 28.30
N GLU A 11 6.79 -12.82 28.30
CA GLU A 11 7.77 -12.90 27.22
C GLU A 11 7.13 -13.12 25.85
N ARG A 12 5.90 -13.62 25.76
CA ARG A 12 5.33 -13.87 24.44
C ARG A 12 5.04 -12.58 23.69
N MET A 13 4.99 -11.43 24.37
CA MET A 13 4.88 -10.16 23.65
C MET A 13 6.18 -9.80 22.92
N LEU A 14 7.29 -10.45 23.26
CA LEU A 14 8.53 -10.28 22.51
C LEU A 14 8.45 -10.86 21.11
N LEU A 15 7.45 -11.66 20.79
CA LEU A 15 7.46 -12.36 19.52
C LEU A 15 6.91 -11.51 18.38
N HIS A 16 6.16 -10.45 18.70
CA HIS A 16 5.59 -9.53 17.73
C HIS A 16 6.72 -8.66 17.16
N SER A 17 6.98 -8.78 15.86
CA SER A 17 8.03 -8.04 15.18
C SER A 17 7.72 -7.98 13.69
N GLU A 18 8.45 -7.10 12.99
CA GLU A 18 8.26 -6.86 11.57
C GLU A 18 9.01 -7.95 10.79
N PHE A 19 8.28 -8.80 10.07
CA PHE A 19 8.89 -9.89 9.33
C PHE A 19 9.46 -9.41 7.98
N GLU A 20 8.68 -8.62 7.24
CA GLU A 20 9.08 -8.22 5.90
C GLU A 20 10.40 -7.46 5.92
N VAL A 21 11.26 -7.75 4.95
CA VAL A 21 12.52 -7.05 4.82
C VAL A 21 12.27 -5.62 4.36
N LYS A 22 12.64 -4.65 5.18
CA LYS A 22 12.45 -3.24 4.88
C LYS A 22 13.79 -2.52 4.96
N ALA A 23 13.93 -1.43 4.20
CA ALA A 23 15.18 -0.67 4.27
C ALA A 23 15.38 -0.03 5.64
N GLN A 24 14.32 0.58 6.20
CA GLN A 24 14.39 1.15 7.55
C GLN A 24 13.85 0.19 8.61
N PRO A 25 14.62 -0.09 9.67
CA PRO A 25 14.10 -0.98 10.73
C PRO A 25 12.97 -0.30 11.50
N HIS A 26 12.00 -1.12 11.92
CA HIS A 26 10.85 -0.59 12.61
C HIS A 26 11.23 -0.21 14.04
N PRO A 27 10.83 0.97 14.51
CA PRO A 27 11.22 1.36 15.89
C PRO A 27 10.46 0.62 16.97
N GLU A 28 9.25 0.13 16.70
CA GLU A 28 8.46 -0.61 17.69
C GLU A 28 8.92 -2.06 17.64
N ARG A 29 9.81 -2.44 18.54
CA ARG A 29 10.59 -3.65 18.38
C ARG A 29 10.70 -4.36 19.72
N PRO A 30 10.91 -5.68 19.70
CA PRO A 30 10.96 -6.45 20.95
C PRO A 30 12.01 -5.98 21.94
N ASP A 31 13.13 -5.44 21.48
CA ASP A 31 14.17 -4.95 22.40
C ASP A 31 13.64 -3.90 23.37
N ARG A 32 12.59 -3.16 23.01
CA ARG A 32 12.01 -2.21 23.96
C ARG A 32 11.67 -2.89 25.28
N LEU A 33 10.99 -4.04 25.21
CA LEU A 33 10.59 -4.73 26.43
C LEU A 33 11.79 -5.39 27.11
N ARG A 34 12.68 -6.02 26.32
CA ARG A 34 13.92 -6.59 26.86
C ARG A 34 14.70 -5.59 27.69
N ALA A 35 14.88 -4.37 27.15
CA ALA A 35 15.71 -3.39 27.82
C ALA A 35 15.10 -2.97 29.15
N ILE A 36 13.78 -2.78 29.18
CA ILE A 36 13.13 -2.38 30.41
C ILE A 36 13.16 -3.51 31.43
N ALA A 37 12.82 -4.72 30.99
CA ALA A 37 12.88 -5.89 31.87
C ALA A 37 14.27 -6.07 32.45
N ALA A 38 15.30 -5.98 31.61
CA ALA A 38 16.67 -6.14 32.10
C ALA A 38 17.02 -5.04 33.10
N SER A 39 16.67 -3.79 32.81
CA SER A 39 17.01 -2.75 33.76
C SER A 39 16.22 -2.88 35.07
N LEU A 40 14.97 -3.35 35.01
CA LEU A 40 14.24 -3.57 36.26
C LEU A 40 14.84 -4.72 37.07
N ALA A 41 15.33 -5.75 36.39
CA ALA A 41 15.89 -6.89 37.10
C ALA A 41 17.16 -6.49 37.84
N THR A 42 18.07 -5.79 37.17
CA THR A 42 19.31 -5.39 37.84
C THR A 42 19.04 -4.36 38.94
N ALA A 43 18.05 -3.49 38.77
CA ALA A 43 17.66 -2.62 39.87
C ALA A 43 17.02 -3.38 41.03
N GLY A 44 16.74 -4.68 40.88
CA GLY A 44 16.04 -5.41 41.92
C GLY A 44 14.57 -5.06 42.09
N VAL A 45 13.98 -4.36 41.12
CA VAL A 45 12.59 -3.92 41.21
C VAL A 45 11.62 -4.99 40.72
N PHE A 46 11.99 -5.73 39.68
CA PHE A 46 11.10 -6.72 39.08
C PHE A 46 11.91 -7.73 38.27
N PRO A 47 11.78 -9.04 38.54
CA PRO A 47 11.05 -9.52 39.71
C PRO A 47 11.91 -9.28 40.95
N GLY A 48 11.30 -9.27 42.12
CA GLY A 48 11.97 -8.77 43.30
C GLY A 48 10.98 -8.06 44.20
N ARG A 49 10.74 -6.77 43.96
CA ARG A 49 9.87 -5.99 44.83
C ARG A 49 8.45 -5.83 44.30
N CYS A 50 8.18 -6.16 43.04
CA CYS A 50 6.83 -6.04 42.50
C CYS A 50 6.20 -7.41 42.35
N LEU A 51 4.88 -7.46 42.49
CA LEU A 51 4.15 -8.70 42.29
C LEU A 51 4.00 -8.95 40.80
N PRO A 52 4.50 -10.09 40.28
CA PRO A 52 4.29 -10.44 38.87
C PRO A 52 2.97 -11.16 38.66
N ILE A 53 1.92 -10.42 38.33
CA ILE A 53 0.64 -11.04 38.17
C ILE A 53 0.65 -12.03 37.00
N ASN A 54 -0.30 -12.95 37.04
CA ASN A 54 -0.46 -13.96 36.01
C ASN A 54 -0.96 -13.34 34.70
N ALA A 55 -0.27 -13.62 33.60
CA ALA A 55 -0.63 -13.03 32.30
C ALA A 55 -1.66 -13.90 31.61
N ARG A 56 -2.81 -13.30 31.26
CA ARG A 56 -3.91 -13.99 30.62
C ARG A 56 -4.24 -13.29 29.30
N GLU A 57 -4.56 -14.09 28.27
CA GLU A 57 -5.07 -13.52 27.02
C GLU A 57 -6.46 -12.96 27.27
N ILE A 58 -6.69 -11.72 26.84
CA ILE A 58 -8.02 -11.14 26.91
C ILE A 58 -8.97 -11.93 26.01
N THR A 59 -10.26 -11.82 26.30
CA THR A 59 -11.28 -12.44 25.48
C THR A 59 -11.86 -11.44 24.48
N LYS A 60 -12.41 -11.98 23.39
CA LYS A 60 -13.06 -11.15 22.39
C LYS A 60 -14.18 -10.32 23.01
N GLN A 61 -14.97 -10.94 23.88
CA GLN A 61 -16.08 -10.23 24.50
C GLN A 61 -15.60 -9.02 25.29
N GLU A 62 -14.46 -9.15 25.98
CA GLU A 62 -13.89 -8.00 26.66
C GLU A 62 -13.41 -6.93 25.66
N LEU A 63 -12.71 -7.32 24.60
CA LEU A 63 -12.27 -6.33 23.62
C LEU A 63 -13.46 -5.63 22.96
N GLN A 64 -14.61 -6.29 22.90
CA GLN A 64 -15.75 -5.72 22.20
C GLN A 64 -16.51 -4.69 23.02
N MET A 65 -16.15 -4.48 24.28
CA MET A 65 -16.74 -3.27 24.85
C MET A 65 -16.02 -2.00 24.39
N VAL A 66 -15.03 -2.13 23.52
CA VAL A 66 -14.30 -1.00 22.95
C VAL A 66 -14.28 -1.09 21.42
N HIS A 67 -13.96 -2.26 20.91
CA HIS A 67 -13.73 -2.44 19.48
C HIS A 67 -14.92 -3.13 18.84
N THR A 68 -15.02 -3.00 17.52
CA THR A 68 -16.00 -3.78 16.79
C THR A 68 -15.59 -5.25 16.71
N SER A 69 -16.61 -6.09 16.52
CA SER A 69 -16.38 -7.50 16.27
C SER A 69 -15.51 -7.72 15.04
N GLU A 70 -15.75 -6.95 13.97
CA GLU A 70 -14.92 -7.06 12.78
C GLU A 70 -13.46 -6.76 13.10
N HIS A 71 -13.20 -5.70 13.88
CA HIS A 71 -11.82 -5.37 14.20
C HIS A 71 -11.14 -6.50 14.95
N VAL A 72 -11.85 -7.10 15.91
CA VAL A 72 -11.25 -8.17 16.70
C VAL A 72 -10.96 -9.40 15.85
N ASP A 73 -11.85 -9.74 14.91
CA ASP A 73 -11.63 -10.89 14.05
C ASP A 73 -10.48 -10.64 13.07
N ALA A 74 -10.40 -9.44 12.50
CA ALA A 74 -9.26 -9.10 11.66
C ALA A 74 -7.93 -9.31 12.40
N VAL A 75 -7.81 -8.79 13.62
CA VAL A 75 -6.57 -8.96 14.35
C VAL A 75 -6.31 -10.44 14.64
N ASP A 76 -7.34 -11.16 15.06
CA ASP A 76 -7.14 -12.58 15.42
C ASP A 76 -6.70 -13.41 14.22
N THR A 77 -7.20 -13.09 13.04
CA THR A 77 -6.91 -13.88 11.85
C THR A 77 -5.46 -13.77 11.38
N THR A 78 -4.74 -12.72 11.79
CA THR A 78 -3.33 -12.61 11.41
C THR A 78 -2.49 -13.73 12.00
N SER A 79 -2.96 -14.42 13.04
CA SER A 79 -2.20 -15.57 13.55
C SER A 79 -2.09 -16.68 12.50
N GLN A 80 -2.93 -16.65 11.47
CA GLN A 80 -2.89 -17.63 10.40
C GLN A 80 -2.08 -17.19 9.20
N LEU A 81 -1.44 -16.02 9.26
CA LEU A 81 -0.66 -15.47 8.16
C LEU A 81 0.79 -15.36 8.59
N LEU A 82 1.71 -15.55 7.65
CA LEU A 82 3.13 -15.32 7.95
C LEU A 82 3.38 -13.87 8.38
N TYR A 83 2.84 -12.91 7.64
CA TYR A 83 2.89 -11.54 8.11
C TYR A 83 1.83 -10.73 7.38
N SER A 84 1.50 -9.56 7.93
CA SER A 84 0.42 -8.76 7.36
C SER A 84 0.53 -7.34 7.87
N TYR A 85 -0.21 -6.46 7.21
CA TYR A 85 -0.22 -5.04 7.52
C TYR A 85 -1.65 -4.57 7.65
N PHE A 86 -1.92 -3.81 8.71
CA PHE A 86 -3.20 -3.12 8.81
C PHE A 86 -3.13 -1.75 8.16
N THR A 87 -2.01 -1.07 8.30
CA THR A 87 -1.63 0.13 7.57
C THR A 87 -0.19 -0.09 7.14
N SER A 88 0.40 0.86 6.43
CA SER A 88 1.76 0.64 5.97
C SER A 88 2.78 0.61 7.11
N ASP A 89 2.49 1.22 8.26
CA ASP A 89 3.43 1.21 9.38
C ASP A 89 3.03 0.27 10.51
N THR A 90 1.89 -0.40 10.42
CA THR A 90 1.37 -1.24 11.50
C THR A 90 1.33 -2.70 11.05
N TYR A 91 2.29 -3.47 11.50
CA TYR A 91 2.52 -4.84 11.07
C TYR A 91 1.91 -5.86 12.03
N ALA A 92 1.87 -7.11 11.57
CA ALA A 92 1.57 -8.25 12.40
C ALA A 92 2.34 -9.42 11.82
N ASN A 93 2.83 -10.32 12.68
CA ASN A 93 3.28 -11.64 12.24
C ASN A 93 2.36 -12.68 12.89
N GLU A 94 2.71 -13.97 12.77
CA GLU A 94 1.79 -15.00 13.26
C GLU A 94 1.65 -14.99 14.79
N TYR A 95 2.55 -14.33 15.51
CA TYR A 95 2.45 -14.24 16.97
C TYR A 95 1.79 -12.96 17.45
N SER A 96 1.40 -12.05 16.56
CA SER A 96 0.92 -10.74 16.99
C SER A 96 -0.43 -10.79 17.72
N ALA A 97 -1.34 -11.69 17.33
CA ALA A 97 -2.66 -11.66 17.93
C ALA A 97 -2.59 -12.06 19.39
N ARG A 98 -1.80 -13.10 19.68
CA ARG A 98 -1.59 -13.49 21.07
C ARG A 98 -0.90 -12.36 21.84
N ALA A 99 0.14 -11.76 21.26
CA ALA A 99 0.84 -10.66 21.95
C ALA A 99 -0.12 -9.52 22.28
N ALA A 100 -1.00 -9.13 21.33
CA ALA A 100 -1.96 -8.08 21.62
C ALA A 100 -3.02 -8.52 22.63
N ARG A 101 -3.44 -9.79 22.58
CA ARG A 101 -4.37 -10.27 23.60
C ARG A 101 -3.70 -10.28 24.97
N LEU A 102 -2.42 -10.67 25.05
CA LEU A 102 -1.75 -10.63 26.34
C LEU A 102 -1.60 -9.19 26.83
N ALA A 103 -1.22 -8.27 25.94
CA ALA A 103 -1.06 -6.89 26.37
C ALA A 103 -2.36 -6.33 26.92
N ALA A 104 -3.47 -6.56 26.21
CA ALA A 104 -4.75 -6.10 26.71
C ALA A 104 -5.19 -6.89 27.94
N GLY A 105 -4.86 -8.19 27.97
CA GLY A 105 -5.27 -9.01 29.10
C GLY A 105 -4.57 -8.63 30.39
N LEU A 106 -3.28 -8.30 30.31
CA LEU A 106 -2.57 -7.78 31.48
C LEU A 106 -3.15 -6.46 31.94
N CYS A 107 -3.48 -5.57 31.01
CA CYS A 107 -4.08 -4.30 31.41
C CYS A 107 -5.44 -4.53 32.07
N ALA A 108 -6.24 -5.43 31.51
CA ALA A 108 -7.57 -5.72 32.08
C ALA A 108 -7.43 -6.21 33.51
N ASP A 109 -6.53 -7.16 33.76
CA ASP A 109 -6.45 -7.76 35.09
C ASP A 109 -5.77 -6.84 36.09
N LEU A 110 -4.86 -5.97 35.64
CA LEU A 110 -4.28 -4.99 36.55
C LEU A 110 -5.35 -3.98 36.98
N ALA A 111 -6.17 -3.52 36.04
CA ALA A 111 -7.21 -2.55 36.39
C ALA A 111 -8.16 -3.14 37.43
N THR A 112 -8.59 -4.38 37.21
CA THR A 112 -9.45 -5.07 38.15
C THR A 112 -8.80 -5.17 39.52
N ASP A 113 -7.57 -5.69 39.57
CA ASP A 113 -6.87 -5.85 40.84
C ASP A 113 -6.62 -4.51 41.52
N ILE A 114 -6.28 -3.46 40.75
CA ILE A 114 -6.00 -2.16 41.37
C ILE A 114 -7.30 -1.55 41.89
N PHE A 115 -8.34 -1.56 41.06
CA PHE A 115 -9.59 -0.92 41.47
C PHE A 115 -10.24 -1.64 42.65
N THR A 116 -10.30 -2.96 42.62
CA THR A 116 -10.92 -3.70 43.70
C THR A 116 -10.04 -3.80 44.95
N GLY A 117 -8.82 -3.23 44.93
CA GLY A 117 -7.97 -3.24 46.10
C GLY A 117 -7.11 -4.46 46.30
N ARG A 118 -7.11 -5.41 45.35
CA ARG A 118 -6.22 -6.56 45.49
C ARG A 118 -4.75 -6.12 45.54
N VAL A 119 -4.37 -5.09 44.76
CA VAL A 119 -3.07 -4.45 44.89
C VAL A 119 -3.27 -2.95 44.95
N LYS A 120 -2.20 -2.24 45.34
CA LYS A 120 -2.25 -0.79 45.42
C LYS A 120 -2.17 -0.14 44.05
N ASN A 121 -1.21 -0.56 43.22
CA ASN A 121 -1.01 0.05 41.91
C ASN A 121 -0.22 -0.91 41.03
N GLY A 122 0.03 -0.51 39.80
CA GLY A 122 0.63 -1.42 38.87
C GLY A 122 1.14 -0.76 37.61
N PHE A 123 1.99 -1.49 36.92
CA PHE A 123 2.64 -1.06 35.70
C PHE A 123 2.46 -2.18 34.68
N ALA A 124 1.86 -1.86 33.54
CA ALA A 124 1.71 -2.84 32.48
C ALA A 124 2.89 -2.70 31.53
N LEU A 125 3.83 -3.64 31.61
CA LEU A 125 5.00 -3.70 30.74
C LEU A 125 4.64 -4.50 29.49
N VAL A 126 4.00 -3.82 28.53
CA VAL A 126 3.32 -4.50 27.44
C VAL A 126 3.70 -3.92 26.08
N ARG A 127 3.52 -4.73 25.04
CA ARG A 127 3.49 -4.29 23.66
C ARG A 127 2.67 -5.30 22.88
N PRO A 128 2.09 -4.91 21.74
CA PRO A 128 2.20 -3.60 21.11
C PRO A 128 1.50 -2.52 21.91
N PRO A 129 1.83 -1.25 21.63
CA PRO A 129 1.12 -0.15 22.29
C PRO A 129 -0.35 -0.12 21.90
N GLY A 130 -1.13 0.81 22.46
CA GLY A 130 -2.57 0.81 22.24
C GLY A 130 -3.24 2.09 21.82
N HIS A 131 -2.68 3.27 22.16
CA HIS A 131 -3.52 4.47 22.13
C HIS A 131 -3.81 4.99 20.72
N HIS A 132 -3.23 4.41 19.65
CA HIS A 132 -3.64 4.85 18.32
C HIS A 132 -4.76 4.01 17.72
N ALA A 133 -5.09 2.85 18.29
CA ALA A 133 -6.16 2.01 17.75
C ALA A 133 -7.54 2.56 18.16
N GLY A 134 -8.42 2.71 17.17
CA GLY A 134 -9.75 3.27 17.40
C GLY A 134 -10.78 2.17 17.59
N VAL A 135 -12.04 2.57 17.53
CA VAL A 135 -13.14 1.60 17.59
C VAL A 135 -12.95 0.49 16.57
N ARG A 136 -12.54 0.86 15.35
CA ARG A 136 -12.65 0.01 14.19
C ARG A 136 -11.32 -0.40 13.59
N HIS A 137 -10.26 0.35 13.81
CA HIS A 137 -9.03 0.16 13.06
C HIS A 137 -7.80 0.10 13.96
N ALA A 138 -6.91 -0.83 13.66
CA ALA A 138 -5.55 -0.78 14.16
C ALA A 138 -4.76 0.25 13.36
N MET A 139 -3.96 1.04 14.05
CA MET A 139 -3.04 1.96 13.34
C MET A 139 -1.99 2.47 14.32
N GLY A 140 -1.05 3.24 13.77
CA GLY A 140 0.10 3.78 14.48
C GLY A 140 0.80 2.82 15.42
N PHE A 141 1.10 1.61 14.96
CA PHE A 141 1.80 0.55 15.68
C PHE A 141 0.88 -0.15 16.68
N CYS A 142 -0.41 0.19 16.76
CA CYS A 142 -1.30 -0.30 17.81
C CYS A 142 -2.35 -1.24 17.24
N LEU A 143 -2.57 -2.39 17.89
CA LEU A 143 -3.54 -3.39 17.47
C LEU A 143 -4.85 -3.29 18.23
N HIS A 144 -4.82 -3.30 19.56
CA HIS A 144 -5.98 -3.03 20.38
C HIS A 144 -5.64 -1.91 21.35
N ASN A 145 -6.67 -1.18 21.79
CA ASN A 145 -6.43 -0.04 22.67
C ASN A 145 -6.43 -0.51 24.13
N ASN A 146 -5.23 -0.78 24.66
CA ASN A 146 -5.08 -1.31 26.00
C ASN A 146 -5.68 -0.37 27.05
N ALA A 147 -5.40 0.93 26.93
CA ALA A 147 -5.87 1.89 27.93
C ALA A 147 -7.40 1.98 27.91
N ALA A 148 -8.02 2.03 26.74
CA ALA A 148 -9.48 2.07 26.69
C ALA A 148 -10.08 0.79 27.29
N VAL A 149 -9.47 -0.35 27.02
CA VAL A 149 -9.94 -1.62 27.56
C VAL A 149 -9.85 -1.62 29.09
N ALA A 150 -8.73 -1.16 29.63
CA ALA A 150 -8.62 -1.09 31.09
C ALA A 150 -9.66 -0.15 31.68
N ALA A 151 -9.97 0.94 30.98
CA ALA A 151 -10.97 1.88 31.48
C ALA A 151 -12.35 1.22 31.57
N LEU A 152 -12.76 0.50 30.51
CA LEU A 152 -14.08 -0.10 30.49
C LEU A 152 -14.15 -1.32 31.42
N VAL A 153 -13.05 -2.05 31.55
CA VAL A 153 -13.01 -3.12 32.52
C VAL A 153 -13.17 -2.55 33.93
N ALA A 154 -12.53 -1.41 34.21
CA ALA A 154 -12.66 -0.79 35.52
C ALA A 154 -14.08 -0.33 35.78
N GLN A 155 -14.71 0.30 34.78
CA GLN A 155 -16.12 0.69 34.94
C GLN A 155 -17.01 -0.52 35.21
N ALA A 156 -16.83 -1.62 34.47
CA ALA A 156 -17.62 -2.81 34.73
C ALA A 156 -17.42 -3.33 36.15
N ALA A 157 -16.24 -3.10 36.73
CA ALA A 157 -16.02 -3.50 38.12
C ALA A 157 -16.53 -2.45 39.10
N GLY A 158 -17.15 -1.37 38.63
CA GLY A 158 -17.77 -0.38 39.49
C GLY A 158 -17.15 1.00 39.46
N ALA A 159 -16.01 1.21 38.82
CA ALA A 159 -15.46 2.57 38.69
C ALA A 159 -16.45 3.45 37.93
N LYS A 160 -16.94 4.50 38.58
CA LYS A 160 -17.88 5.34 37.88
C LYS A 160 -17.20 6.41 37.06
N LYS A 161 -16.03 6.88 37.48
CA LYS A 161 -15.32 7.92 36.77
C LYS A 161 -13.86 7.53 36.62
N VAL A 162 -13.42 7.38 35.38
CA VAL A 162 -12.07 6.95 35.06
C VAL A 162 -11.33 8.12 34.41
N LEU A 163 -10.10 8.32 34.83
CA LEU A 163 -9.20 9.29 34.23
C LEU A 163 -8.12 8.55 33.45
N ILE A 164 -7.88 8.98 32.21
CA ILE A 164 -6.73 8.57 31.41
C ILE A 164 -5.87 9.80 31.15
N VAL A 165 -4.62 9.79 31.63
CA VAL A 165 -3.65 10.83 31.33
C VAL A 165 -2.62 10.22 30.39
N ASP A 166 -2.41 10.84 29.24
CA ASP A 166 -1.62 10.26 28.16
C ASP A 166 -0.40 11.15 27.91
N TRP A 167 0.77 10.72 28.36
CA TRP A 167 1.94 11.58 28.25
C TRP A 167 2.91 11.10 27.16
N ASP A 168 2.54 10.06 26.42
CA ASP A 168 3.16 9.78 25.13
C ASP A 168 3.28 11.05 24.30
N VAL A 169 4.38 11.19 23.57
CA VAL A 169 4.59 12.42 22.78
C VAL A 169 3.57 12.56 21.65
N HIS A 170 2.88 11.48 21.26
CA HIS A 170 1.87 11.53 20.22
C HIS A 170 0.47 11.60 20.84
N HIS A 171 -0.43 12.32 20.17
CA HIS A 171 -1.84 12.32 20.58
C HIS A 171 -2.45 10.94 20.37
N GLY A 172 -3.18 10.45 21.37
CA GLY A 172 -3.84 9.16 21.24
C GLY A 172 -5.18 9.28 20.53
N ASN A 173 -5.13 9.46 19.20
CA ASN A 173 -6.36 9.62 18.43
C ASN A 173 -7.32 8.44 18.65
N GLY A 174 -6.78 7.24 18.81
CA GLY A 174 -7.64 6.08 19.07
C GLY A 174 -8.41 6.21 20.37
N THR A 175 -7.72 6.57 21.44
CA THR A 175 -8.37 6.74 22.74
C THR A 175 -9.42 7.85 22.69
N GLN A 176 -9.09 8.99 22.09
CA GLN A 176 -10.06 10.07 22.00
C GLN A 176 -11.26 9.64 21.18
N GLU A 177 -11.03 8.94 20.06
CA GLU A 177 -12.16 8.50 19.25
C GLU A 177 -13.07 7.56 20.04
N ILE A 178 -12.49 6.72 20.90
CA ILE A 178 -13.33 5.82 21.69
C ILE A 178 -14.21 6.59 22.68
N PHE A 179 -13.66 7.62 23.34
CA PHE A 179 -14.32 8.35 24.41
C PHE A 179 -14.81 9.75 24.02
N GLU A 180 -14.82 10.07 22.73
CA GLU A 180 -15.19 11.40 22.24
C GLU A 180 -16.55 11.87 22.75
N GLN A 181 -17.51 10.96 22.89
CA GLN A 181 -18.85 11.34 23.34
C GLN A 181 -19.15 10.93 24.78
N ASN A 182 -18.18 10.42 25.53
CA ASN A 182 -18.37 9.98 26.89
C ASN A 182 -17.93 11.05 27.87
N LYS A 183 -18.68 11.19 28.96
CA LYS A 183 -18.22 11.96 30.09
C LYS A 183 -17.85 11.13 31.31
N SER A 184 -18.16 9.83 31.31
CA SER A 184 -17.73 9.01 32.45
C SER A 184 -16.24 8.70 32.42
N VAL A 185 -15.58 9.06 31.32
CA VAL A 185 -14.13 8.92 31.17
C VAL A 185 -13.58 10.29 30.81
N LEU A 186 -12.58 10.73 31.55
CA LEU A 186 -11.88 11.98 31.26
C LEU A 186 -10.53 11.64 30.61
N TYR A 187 -10.30 12.18 29.42
CA TYR A 187 -9.12 11.91 28.62
C TYR A 187 -8.27 13.18 28.53
N ILE A 188 -7.05 13.12 29.06
CA ILE A 188 -6.12 14.24 29.04
C ILE A 188 -4.87 13.80 28.32
N SER A 189 -4.51 14.50 27.25
CA SER A 189 -3.35 14.13 26.45
C SER A 189 -2.45 15.32 26.29
N LEU A 190 -1.16 15.15 26.61
CA LEU A 190 -0.12 16.11 26.27
C LEU A 190 0.68 15.53 25.12
N HIS A 191 0.99 16.37 24.13
CA HIS A 191 1.66 15.82 22.96
C HIS A 191 2.19 16.96 22.11
N ARG A 192 3.29 16.68 21.42
CA ARG A 192 3.74 17.52 20.34
C ARG A 192 2.67 17.59 19.26
N HIS A 193 2.48 18.77 18.68
CA HIS A 193 1.39 18.95 17.74
C HIS A 193 1.79 19.80 16.54
N GLU A 194 2.48 20.92 16.81
CA GLU A 194 3.02 21.80 15.77
C GLU A 194 1.97 22.13 14.71
N GLY A 195 0.78 22.50 15.18
CA GLY A 195 -0.30 22.87 14.27
C GLY A 195 -0.76 21.77 13.35
N GLY A 196 -0.60 20.50 13.75
CA GLY A 196 -1.04 19.40 12.94
C GLY A 196 0.03 18.76 12.09
N ASN A 197 1.28 19.23 12.17
CA ASN A 197 2.36 18.71 11.34
C ASN A 197 3.18 17.63 12.04
N PHE A 198 2.74 17.14 13.19
CA PHE A 198 3.39 16.06 13.90
C PHE A 198 2.42 14.90 14.00
N TYR A 199 2.92 13.70 13.76
CA TYR A 199 2.08 12.51 13.80
C TYR A 199 1.31 12.43 15.12
N PRO A 200 0.01 12.07 15.09
CA PRO A 200 -0.75 11.78 13.88
C PRO A 200 -1.56 12.98 13.39
N GLY A 201 -1.31 14.18 13.90
CA GLY A 201 -1.97 15.35 13.38
C GLY A 201 -3.30 15.67 14.01
N THR A 202 -3.77 14.86 14.97
CA THR A 202 -5.02 15.12 15.67
C THR A 202 -4.72 15.79 17.01
N GLY A 203 -5.77 16.14 17.73
CA GLY A 203 -5.58 16.63 19.08
C GLY A 203 -5.19 18.09 19.21
N ALA A 204 -5.85 18.97 18.46
CA ALA A 204 -5.71 20.40 18.73
C ALA A 204 -6.45 20.76 20.02
N ALA A 205 -6.08 21.92 20.59
CA ALA A 205 -6.61 22.30 21.91
C ALA A 205 -8.13 22.32 21.92
N ASP A 206 -8.77 22.52 20.77
CA ASP A 206 -10.21 22.68 20.72
C ASP A 206 -10.96 21.41 20.30
N GLU A 207 -10.26 20.28 20.14
CA GLU A 207 -10.91 18.98 20.00
C GLU A 207 -11.25 18.51 21.41
N VAL A 208 -12.45 18.88 21.87
CA VAL A 208 -12.82 18.83 23.29
C VAL A 208 -13.80 17.72 23.62
N GLY A 209 -14.31 17.00 22.63
CA GLY A 209 -15.41 16.09 22.84
C GLY A 209 -16.67 16.57 22.11
N SER A 210 -17.68 15.69 22.13
CA SER A 210 -18.88 15.89 21.33
C SER A 210 -20.10 15.37 22.10
N ASN A 211 -21.24 16.05 21.89
CA ASN A 211 -22.50 15.71 22.54
C ASN A 211 -22.37 15.63 24.05
N GLY A 212 -22.57 14.43 24.62
CA GLY A 212 -22.39 14.31 26.05
C GLY A 212 -21.02 14.75 26.55
N GLY A 213 -20.01 14.74 25.68
CA GLY A 213 -18.63 14.75 26.12
C GLY A 213 -17.81 16.00 25.97
N GLU A 214 -18.39 17.16 25.63
CA GLU A 214 -17.61 18.39 25.56
C GLU A 214 -16.88 18.62 26.86
N GLY A 215 -15.58 18.88 26.76
CA GLY A 215 -14.82 19.18 27.94
C GLY A 215 -14.21 17.97 28.63
N TYR A 216 -14.52 16.75 28.18
CA TYR A 216 -13.96 15.56 28.77
C TYR A 216 -12.83 14.97 27.94
N CYS A 217 -12.43 15.67 26.88
CA CYS A 217 -11.18 15.45 26.19
C CYS A 217 -10.38 16.73 26.33
N VAL A 218 -9.22 16.65 26.95
CA VAL A 218 -8.38 17.81 27.21
C VAL A 218 -7.05 17.60 26.51
N ASN A 219 -6.80 18.35 25.43
CA ASN A 219 -5.59 18.23 24.65
C ASN A 219 -4.66 19.40 24.95
N VAL A 220 -3.42 19.09 25.29
CA VAL A 220 -2.40 20.07 25.60
C VAL A 220 -1.33 19.97 24.51
N PRO A 221 -1.48 20.74 23.41
CA PRO A 221 -0.62 20.52 22.23
C PRO A 221 0.56 21.47 22.16
N TRP A 222 1.78 20.95 22.26
CA TRP A 222 2.96 21.78 22.10
C TRP A 222 3.09 22.24 20.65
N SER A 223 3.55 23.46 20.47
CA SER A 223 3.71 24.02 19.14
C SER A 223 5.09 23.78 18.55
N CYS A 224 6.05 23.36 19.38
CA CYS A 224 7.42 23.11 18.91
C CYS A 224 7.94 21.79 19.46
N GLY A 225 9.22 21.52 19.28
CA GLY A 225 9.65 20.20 19.65
C GLY A 225 10.89 20.04 20.52
N GLY A 226 11.15 20.90 21.49
CA GLY A 226 12.21 20.49 22.40
C GLY A 226 11.78 20.49 23.84
N VAL A 227 10.51 20.14 24.08
CA VAL A 227 9.84 20.41 25.35
C VAL A 227 10.48 19.61 26.48
N GLY A 228 10.78 20.29 27.59
CA GLY A 228 11.42 19.67 28.71
C GLY A 228 10.51 19.54 29.92
N ASP A 229 11.12 19.10 31.03
CA ASP A 229 10.39 18.86 32.28
C ASP A 229 9.60 20.08 32.72
N LYS A 230 10.19 21.27 32.59
CA LYS A 230 9.55 22.46 33.15
C LYS A 230 8.21 22.72 32.50
N ASP A 231 8.09 22.47 31.19
CA ASP A 231 6.81 22.69 30.54
C ASP A 231 5.77 21.65 30.96
N TYR A 232 6.21 20.39 31.11
CA TYR A 232 5.28 19.35 31.55
C TYR A 232 4.78 19.62 32.96
N ILE A 233 5.69 19.95 33.88
CA ILE A 233 5.28 20.22 35.25
C ILE A 233 4.35 21.43 35.30
N PHE A 234 4.66 22.47 34.51
CA PHE A 234 3.83 23.66 34.46
C PHE A 234 2.44 23.33 33.94
N ALA A 235 2.34 22.52 32.87
CA ALA A 235 1.01 22.14 32.40
C ALA A 235 0.29 21.28 33.42
N PHE A 236 1.02 20.43 34.14
CA PHE A 236 0.38 19.62 35.17
C PHE A 236 -0.18 20.47 36.30
N GLN A 237 0.61 21.47 36.76
CA GLN A 237 0.17 22.34 37.86
C GLN A 237 -1.06 23.16 37.49
N HIS A 238 -1.17 23.57 36.23
CA HIS A 238 -2.19 24.52 35.86
C HIS A 238 -3.33 23.95 35.04
N VAL A 239 -3.17 22.78 34.44
CA VAL A 239 -4.25 22.25 33.62
C VAL A 239 -4.65 20.88 34.12
N VAL A 240 -3.70 19.94 34.14
CA VAL A 240 -4.06 18.55 34.36
C VAL A 240 -4.61 18.35 35.76
N LEU A 241 -3.80 18.68 36.77
CA LEU A 241 -4.22 18.45 38.14
C LEU A 241 -5.47 19.26 38.50
N PRO A 242 -5.59 20.55 38.14
CA PRO A 242 -6.88 21.24 38.42
C PRO A 242 -8.10 20.60 37.75
N ILE A 243 -8.02 20.21 36.48
CA ILE A 243 -9.20 19.59 35.88
C ILE A 243 -9.42 18.18 36.45
N ALA A 244 -8.36 17.40 36.60
CA ALA A 244 -8.55 16.05 37.13
C ALA A 244 -9.14 16.09 38.53
N SER A 245 -8.73 17.07 39.34
CA SER A 245 -9.27 17.17 40.69
C SER A 245 -10.73 17.60 40.68
N ALA A 246 -11.11 18.47 39.74
CA ALA A 246 -12.53 18.81 39.61
C ALA A 246 -13.34 17.59 39.14
N PHE A 247 -12.75 16.76 38.30
CA PHE A 247 -13.40 15.53 37.84
C PHE A 247 -13.58 14.54 38.99
N SER A 248 -12.54 14.36 39.81
CA SER A 248 -12.56 13.47 40.95
C SER A 248 -12.75 12.02 40.50
N PRO A 249 -11.74 11.39 39.92
CA PRO A 249 -11.93 10.04 39.39
C PRO A 249 -11.89 8.97 40.47
N ASP A 250 -12.62 7.87 40.22
CA ASP A 250 -12.49 6.67 41.03
C ASP A 250 -11.31 5.80 40.59
N PHE A 251 -10.76 6.00 39.40
CA PHE A 251 -9.72 5.14 38.89
C PHE A 251 -8.85 5.93 37.92
N VAL A 252 -7.54 5.76 38.03
CA VAL A 252 -6.56 6.55 37.29
C VAL A 252 -5.71 5.64 36.41
N ILE A 253 -5.66 5.96 35.12
CA ILE A 253 -4.83 5.27 34.13
C ILE A 253 -3.85 6.27 33.54
N ILE A 254 -2.58 5.88 33.43
CA ILE A 254 -1.58 6.64 32.69
C ILE A 254 -1.20 5.86 31.44
N SER A 255 -1.46 6.46 30.27
CA SER A 255 -0.88 5.99 29.01
C SER A 255 0.55 6.52 28.99
N ALA A 256 1.50 5.68 29.43
CA ALA A 256 2.87 6.13 29.69
C ALA A 256 3.76 5.78 28.51
N GLY A 257 3.67 6.56 27.46
CA GLY A 257 4.71 6.54 26.46
C GLY A 257 5.93 7.29 26.95
N PHE A 258 7.11 6.81 26.57
CA PHE A 258 8.33 7.53 26.94
C PHE A 258 9.05 8.09 25.73
N ASP A 259 8.30 8.41 24.68
CA ASP A 259 8.93 9.01 23.51
C ASP A 259 8.95 10.53 23.55
N ALA A 260 8.51 11.18 24.62
CA ALA A 260 8.90 12.57 24.84
C ALA A 260 10.20 12.67 25.64
N ALA A 261 10.81 11.53 25.95
CA ALA A 261 12.04 11.52 26.74
C ALA A 261 13.22 12.06 25.94
N ARG A 262 14.11 12.73 26.67
CA ARG A 262 15.44 13.08 26.16
C ARG A 262 16.05 11.90 25.43
N GLY A 263 16.46 12.13 24.18
CA GLY A 263 17.07 11.11 23.34
C GLY A 263 16.13 10.27 22.50
N ASP A 264 14.84 10.46 22.58
CA ASP A 264 13.98 9.61 21.76
C ASP A 264 14.04 10.07 20.31
N PRO A 265 14.21 9.17 19.34
CA PRO A 265 14.38 9.60 17.95
C PRO A 265 13.09 10.06 17.29
N LEU A 266 11.93 9.61 17.76
CA LEU A 266 10.65 10.00 17.16
C LEU A 266 10.07 11.28 17.76
N GLY A 267 10.21 11.49 19.07
CA GLY A 267 9.58 12.61 19.71
C GLY A 267 10.47 13.83 19.73
N CYS A 268 11.77 13.61 19.89
CA CYS A 268 12.74 14.70 19.91
C CYS A 268 12.37 15.75 20.95
N CYS A 269 11.75 15.35 22.06
CA CYS A 269 11.58 16.26 23.19
C CYS A 269 12.60 15.92 24.26
N ASP A 270 12.43 16.48 25.45
CA ASP A 270 13.53 16.48 26.42
C ASP A 270 13.08 16.19 27.84
N VAL A 271 12.04 15.36 28.02
CA VAL A 271 11.64 14.97 29.37
C VAL A 271 12.69 14.00 29.92
N THR A 272 13.06 14.19 31.18
CA THR A 272 14.03 13.36 31.88
C THR A 272 13.33 12.45 32.89
N PRO A 273 14.03 11.44 33.42
CA PRO A 273 13.41 10.59 34.45
C PRO A 273 12.89 11.36 35.65
N ALA A 274 13.56 12.44 36.06
CA ALA A 274 13.02 13.28 37.12
C ALA A 274 11.65 13.83 36.76
N GLY A 275 11.45 14.21 35.48
CA GLY A 275 10.15 14.71 35.08
C GLY A 275 9.05 13.66 35.15
N TYR A 276 9.33 12.46 34.64
CA TYR A 276 8.34 11.39 34.73
C TYR A 276 8.03 11.05 36.18
N SER A 277 9.06 11.03 37.03
CA SER A 277 8.87 10.76 38.46
C SER A 277 7.93 11.78 39.08
N ARG A 278 8.22 13.06 38.89
CA ARG A 278 7.41 14.11 39.49
C ARG A 278 5.98 14.07 38.97
N MET A 279 5.82 13.82 37.66
CA MET A 279 4.46 13.69 37.12
C MET A 279 3.70 12.52 37.75
N THR A 280 4.38 11.41 38.03
CA THR A 280 3.70 10.30 38.70
C THR A 280 3.32 10.67 40.13
N GLN A 281 4.21 11.34 40.87
CA GLN A 281 3.86 11.75 42.24
C GLN A 281 2.65 12.68 42.24
N MET A 282 2.59 13.64 41.32
CA MET A 282 1.48 14.60 41.30
C MET A 282 0.16 13.88 41.09
N LEU A 283 0.10 12.97 40.11
CA LEU A 283 -1.13 12.22 39.90
C LEU A 283 -1.41 11.26 41.06
N GLY A 284 -0.36 10.83 41.76
CA GLY A 284 -0.55 9.94 42.89
C GLY A 284 -1.36 10.53 44.02
N ASP A 285 -1.37 11.85 44.13
CA ASP A 285 -2.16 12.53 45.15
C ASP A 285 -3.62 12.65 44.77
N LEU A 286 -4.06 12.04 43.68
CA LEU A 286 -5.46 12.07 43.27
C LEU A 286 -6.25 10.89 43.82
N CYS A 287 -5.64 9.70 43.87
CA CYS A 287 -6.32 8.50 44.35
C CYS A 287 -5.41 7.73 45.28
N GLY A 288 -4.73 8.43 46.19
CA GLY A 288 -3.92 7.75 47.20
C GLY A 288 -2.85 6.85 46.63
N GLY A 289 -2.21 7.27 45.53
CA GLY A 289 -1.17 6.48 44.91
C GLY A 289 -1.67 5.28 44.13
N LYS A 290 -2.97 5.16 43.94
CA LYS A 290 -3.55 4.05 43.20
C LYS A 290 -3.71 4.44 41.73
N MET A 291 -3.00 3.76 40.85
CA MET A 291 -3.07 4.07 39.42
C MET A 291 -2.48 2.91 38.62
N LEU A 292 -2.93 2.79 37.39
CA LEU A 292 -2.39 1.82 36.46
C LEU A 292 -1.57 2.60 35.42
N VAL A 293 -0.31 2.26 35.31
CA VAL A 293 0.58 2.87 34.32
C VAL A 293 0.74 1.84 33.22
N ILE A 294 0.45 2.25 31.97
CA ILE A 294 0.49 1.36 30.83
C ILE A 294 1.52 1.89 29.83
N LEU A 295 2.45 1.02 29.42
CA LEU A 295 3.43 1.39 28.42
C LEU A 295 2.79 1.58 27.04
N GLU A 296 3.02 2.75 26.44
CA GLU A 296 2.74 2.98 25.02
C GLU A 296 4.05 3.06 24.23
N GLY A 297 4.37 4.24 23.67
CA GLY A 297 5.59 4.42 22.89
C GLY A 297 6.86 4.64 23.74
N GLY A 298 7.92 5.07 23.05
CA GLY A 298 9.25 5.18 23.65
C GLY A 298 10.25 4.27 22.96
N TYR A 299 11.25 4.84 22.28
CA TYR A 299 12.01 4.07 21.29
C TYR A 299 13.52 4.08 21.50
N ASN A 300 14.02 4.84 22.46
CA ASN A 300 15.43 4.84 22.82
C ASN A 300 15.58 3.91 24.02
N LEU A 301 16.38 2.86 23.85
CA LEU A 301 16.40 1.82 24.87
C LEU A 301 16.93 2.33 26.21
N ARG A 302 17.93 3.21 26.21
CA ARG A 302 18.39 3.73 27.50
C ARG A 302 17.36 4.67 28.13
N SER A 303 16.65 5.44 27.31
CA SER A 303 15.73 6.44 27.86
C SER A 303 14.51 5.78 28.47
N ILE A 304 13.96 4.76 27.83
CA ILE A 304 12.74 4.17 28.37
C ILE A 304 13.08 3.34 29.60
N SER A 305 14.25 2.71 29.61
CA SER A 305 14.68 1.95 30.78
C SER A 305 14.81 2.87 31.99
N ALA A 306 15.54 3.97 31.83
CA ALA A 306 15.69 4.92 32.93
C ALA A 306 14.36 5.52 33.33
N SER A 307 13.48 5.79 32.36
CA SER A 307 12.22 6.46 32.70
C SER A 307 11.22 5.48 33.32
N ALA A 308 11.20 4.23 32.87
CA ALA A 308 10.28 3.26 33.46
C ALA A 308 10.68 2.91 34.88
N THR A 309 11.99 2.79 35.15
CA THR A 309 12.45 2.53 36.50
C THR A 309 12.07 3.66 37.45
N ALA A 310 12.30 4.91 37.04
CA ALA A 310 11.93 6.05 37.87
C ALA A 310 10.44 6.04 38.20
N VAL A 311 9.59 5.80 37.19
CA VAL A 311 8.14 5.77 37.43
C VAL A 311 7.77 4.65 38.39
N ILE A 312 8.34 3.47 38.18
CA ILE A 312 7.95 2.34 39.01
C ILE A 312 8.44 2.52 40.44
N LYS A 313 9.61 3.16 40.63
CA LYS A 313 10.09 3.43 41.99
C LYS A 313 9.15 4.39 42.72
N VAL A 314 8.58 5.35 42.00
CA VAL A 314 7.55 6.20 42.61
C VAL A 314 6.32 5.37 42.98
N LEU A 315 5.91 4.45 42.10
CA LEU A 315 4.76 3.60 42.45
C LEU A 315 5.05 2.77 43.70
N LEU A 316 6.31 2.45 43.94
CA LEU A 316 6.75 1.69 45.11
C LEU A 316 6.90 2.55 46.37
N GLY A 317 6.63 3.85 46.32
CA GLY A 317 6.90 4.72 47.43
C GLY A 317 8.23 5.44 47.36
N GLU A 318 8.79 5.61 46.17
CA GLU A 318 10.08 6.28 45.94
C GLU A 318 11.21 5.49 46.59
N LEU A 324 18.90 18.33 42.00
CA LEU A 324 18.55 19.68 41.57
C LEU A 324 17.13 19.73 41.04
N PRO A 325 16.38 20.76 41.43
CA PRO A 325 14.95 20.79 41.11
C PRO A 325 14.70 21.09 39.64
N ILE A 326 13.50 20.73 39.19
CA ILE A 326 13.03 21.14 37.88
C ILE A 326 12.70 22.63 37.92
N ALA A 327 13.06 23.35 36.86
CA ALA A 327 12.86 24.79 36.84
C ALA A 327 11.38 25.13 37.00
N THR A 328 11.12 26.30 37.59
CA THR A 328 9.76 26.73 37.89
C THR A 328 9.13 27.57 36.78
N THR A 329 9.94 28.10 35.85
CA THR A 329 9.38 28.95 34.80
C THR A 329 9.31 28.17 33.51
N PRO A 330 8.18 28.18 32.81
CA PRO A 330 8.10 27.48 31.54
C PRO A 330 8.70 28.29 30.41
N SER A 331 9.01 27.59 29.31
CA SER A 331 9.34 28.23 28.06
C SER A 331 8.16 29.09 27.59
N VAL A 332 8.47 30.05 26.71
CA VAL A 332 7.41 30.88 26.11
C VAL A 332 6.42 30.01 25.33
N ALA A 333 6.92 29.05 24.55
CA ALA A 333 6.01 28.16 23.82
C ALA A 333 5.16 27.33 24.78
N GLY A 334 5.77 26.85 25.87
CA GLY A 334 5.00 26.08 26.85
C GLY A 334 3.93 26.93 27.53
N LEU A 335 4.29 28.16 27.90
CA LEU A 335 3.32 29.03 28.54
C LEU A 335 2.16 29.35 27.61
N GLN A 336 2.47 29.69 26.35
CA GLN A 336 1.42 29.96 25.37
C GLN A 336 0.51 28.76 25.18
N THR A 337 1.08 27.55 25.15
CA THR A 337 0.24 26.36 25.05
C THR A 337 -0.74 26.29 26.21
N VAL A 338 -0.25 26.50 27.43
CA VAL A 338 -1.15 26.41 28.58
C VAL A 338 -2.23 27.48 28.51
N LEU A 339 -1.87 28.70 28.07
CA LEU A 339 -2.86 29.75 27.94
C LEU A 339 -3.96 29.35 26.97
N ASP A 340 -3.56 28.82 25.82
CA ASP A 340 -4.54 28.39 24.81
C ASP A 340 -5.46 27.30 25.34
N VAL A 341 -4.94 26.41 26.18
CA VAL A 341 -5.77 25.34 26.73
C VAL A 341 -6.78 25.89 27.72
N LEU A 342 -6.31 26.72 28.66
CA LEU A 342 -7.21 27.30 29.65
C LEU A 342 -8.31 28.13 28.99
N ASN A 343 -7.95 28.89 27.94
CA ASN A 343 -8.95 29.69 27.24
C ASN A 343 -10.09 28.83 26.73
N ILE A 344 -9.77 27.65 26.21
CA ILE A 344 -10.80 26.75 25.71
C ILE A 344 -11.51 26.02 26.84
N GLN A 345 -10.75 25.53 27.82
CA GLN A 345 -11.33 24.63 28.81
C GLN A 345 -12.05 25.37 29.93
N LEU A 346 -11.76 26.67 30.14
CA LEU A 346 -12.40 27.40 31.22
C LEU A 346 -13.92 27.34 31.09
N GLU A 347 -14.44 27.24 29.86
CA GLU A 347 -15.86 27.16 29.64
C GLU A 347 -16.48 25.88 30.19
N PHE A 348 -15.74 24.78 30.23
CA PHE A 348 -16.28 23.51 30.73
C PHE A 348 -15.81 23.19 32.12
N TRP A 349 -14.83 23.92 32.65
CA TRP A 349 -14.25 23.64 33.96
C TRP A 349 -14.12 24.96 34.70
N PRO A 350 -15.24 25.55 35.12
CA PRO A 350 -15.21 26.90 35.73
C PRO A 350 -14.26 27.00 36.90
N SER A 351 -14.09 25.92 37.66
CA SER A 351 -13.06 25.80 38.69
C SER A 351 -11.67 26.29 38.27
N LEU A 352 -11.41 26.44 36.97
CA LEU A 352 -10.09 26.91 36.54
C LEU A 352 -9.88 28.42 36.76
N ALA A 353 -10.93 29.20 37.01
CA ALA A 353 -10.76 30.65 37.17
C ALA A 353 -9.78 30.95 38.31
N ILE A 354 -9.86 30.17 39.38
CA ILE A 354 -8.85 30.10 40.44
C ILE A 354 -7.47 29.96 39.82
N SER A 355 -7.23 28.79 39.22
CA SER A 355 -5.98 28.55 38.51
C SER A 355 -5.63 29.74 37.61
N TYR A 356 -6.53 30.06 36.67
CA TYR A 356 -6.18 30.96 35.57
C TYR A 356 -5.70 32.32 36.07
N SER A 357 -6.12 32.74 37.26
CA SER A 357 -5.45 33.89 37.87
C SER A 357 -4.05 33.50 38.33
N LYS A 358 -3.39 32.70 37.49
CA LYS A 358 -1.94 32.51 37.39
C LYS A 358 -1.26 33.75 36.82
N LEU A 359 -2.04 34.70 36.28
CA LEU A 359 -1.50 35.93 35.74
C LEU A 359 -0.70 36.71 36.77
N LEU A 360 0.59 36.36 36.90
CA LEU A 360 1.52 37.11 37.74
C LEU A 360 1.85 38.43 37.04
N ALA B 1 43.38 22.12 -15.79
CA ALA B 1 42.47 21.50 -14.82
C ALA B 1 42.52 19.98 -14.92
N THR B 2 43.31 19.47 -15.86
CA THR B 2 43.24 18.04 -16.19
C THR B 2 43.80 17.15 -15.08
N SER B 3 44.46 17.71 -14.08
CA SER B 3 44.87 16.92 -12.92
C SER B 3 44.02 17.22 -11.68
N SER B 4 42.93 17.95 -11.84
CA SER B 4 42.12 18.40 -10.71
C SER B 4 41.03 17.38 -10.37
N THR B 5 40.52 17.51 -9.15
CA THR B 5 39.33 16.82 -8.70
C THR B 5 38.13 17.77 -8.76
N ALA B 6 37.03 17.29 -9.30
CA ALA B 6 35.81 18.10 -9.39
C ALA B 6 34.75 17.54 -8.44
N VAL B 7 33.90 18.43 -7.94
CA VAL B 7 32.78 18.07 -7.07
C VAL B 7 31.51 18.65 -7.71
N GLY B 8 30.54 17.78 -7.96
CA GLY B 8 29.26 18.19 -8.53
C GLY B 8 28.20 18.32 -7.46
N PHE B 9 27.54 19.46 -7.44
CA PHE B 9 26.61 19.78 -6.37
C PHE B 9 25.69 20.90 -6.84
N ASP B 10 24.44 20.84 -6.39
CA ASP B 10 23.50 21.92 -6.68
C ASP B 10 22.42 21.96 -5.62
N GLU B 11 22.18 23.15 -5.07
CA GLU B 11 21.22 23.33 -3.99
C GLU B 11 19.79 22.93 -4.34
N ARG B 12 19.43 22.85 -5.62
CA ARG B 12 18.08 22.39 -5.92
C ARG B 12 17.87 20.92 -5.62
N MET B 13 18.95 20.16 -5.40
CA MET B 13 18.74 18.78 -4.96
C MET B 13 18.26 18.72 -3.52
N LEU B 14 18.35 19.80 -2.76
CA LEU B 14 17.85 19.85 -1.39
C LEU B 14 16.34 20.02 -1.27
N LEU B 15 15.62 20.31 -2.35
CA LEU B 15 14.19 20.53 -2.22
C LEU B 15 13.36 19.25 -2.29
N HIS B 16 13.98 18.14 -2.67
CA HIS B 16 13.33 16.83 -2.69
C HIS B 16 13.24 16.32 -1.25
N SER B 17 12.03 16.10 -0.76
CA SER B 17 11.82 15.72 0.63
C SER B 17 10.42 15.14 0.80
N GLU B 18 10.21 14.48 1.94
CA GLU B 18 8.95 13.81 2.26
C GLU B 18 7.99 14.81 2.91
N PHE B 19 6.87 15.04 2.26
CA PHE B 19 5.87 15.99 2.73
C PHE B 19 4.88 15.35 3.71
N GLU B 20 4.56 14.08 3.52
CA GLU B 20 3.58 13.44 4.38
C GLU B 20 4.11 13.31 5.80
N VAL B 21 3.24 13.54 6.77
CA VAL B 21 3.59 13.47 8.17
C VAL B 21 3.53 12.00 8.60
N LYS B 22 4.69 11.42 8.87
CA LYS B 22 4.78 10.03 9.30
C LYS B 22 5.27 9.98 10.74
N ALA B 23 5.08 8.83 11.37
CA ALA B 23 5.55 8.68 12.74
C ALA B 23 7.08 8.70 12.77
N GLN B 24 7.70 8.15 11.74
CA GLN B 24 9.14 8.05 11.64
C GLN B 24 9.64 8.92 10.49
N PRO B 25 10.67 9.74 10.72
CA PRO B 25 11.20 10.56 9.62
C PRO B 25 11.86 9.68 8.58
N HIS B 26 11.85 10.15 7.36
CA HIS B 26 12.50 9.42 6.29
C HIS B 26 14.00 9.65 6.39
N PRO B 27 14.81 8.59 6.36
CA PRO B 27 16.27 8.78 6.45
C PRO B 27 16.86 9.45 5.20
N GLU B 28 16.22 9.38 4.04
CA GLU B 28 16.76 10.01 2.84
C GLU B 28 16.26 11.45 2.78
N ARG B 29 17.11 12.40 3.17
CA ARG B 29 16.63 13.72 3.54
C ARG B 29 17.67 14.78 3.15
N PRO B 30 17.23 16.03 2.93
CA PRO B 30 18.16 17.08 2.49
C PRO B 30 19.36 17.30 3.41
N ASP B 31 19.19 17.08 4.71
CA ASP B 31 20.32 17.23 5.63
C ASP B 31 21.53 16.40 5.22
N ARG B 32 21.33 15.29 4.51
CA ARG B 32 22.46 14.47 4.05
C ARG B 32 23.42 15.31 3.21
N LEU B 33 22.92 16.03 2.20
CA LEU B 33 23.84 16.84 1.41
C LEU B 33 24.38 18.00 2.24
N ARG B 34 23.52 18.66 3.03
CA ARG B 34 23.94 19.81 3.82
C ARG B 34 25.12 19.48 4.71
N ALA B 35 25.06 18.34 5.40
CA ALA B 35 26.14 17.93 6.29
C ALA B 35 27.43 17.70 5.52
N ILE B 36 27.34 17.02 4.37
CA ILE B 36 28.56 16.76 3.62
C ILE B 36 29.13 18.05 3.04
N ALA B 37 28.28 18.92 2.49
CA ALA B 37 28.77 20.18 1.93
C ALA B 37 29.41 21.06 3.00
N ALA B 38 28.74 21.23 4.14
CA ALA B 38 29.32 22.00 5.23
C ALA B 38 30.66 21.43 5.65
N SER B 39 30.75 20.12 5.71
CA SER B 39 32.00 19.52 6.17
C SER B 39 33.11 19.71 5.14
N LEU B 40 32.80 19.68 3.84
CA LEU B 40 33.82 19.92 2.82
C LEU B 40 34.28 21.37 2.83
N ALA B 41 33.38 22.30 3.11
CA ALA B 41 33.76 23.70 3.21
C ALA B 41 34.70 23.91 4.40
N THR B 42 34.32 23.39 5.56
CA THR B 42 35.15 23.51 6.75
C THR B 42 36.55 22.96 6.51
N ALA B 43 36.65 21.81 5.85
CA ALA B 43 37.95 21.19 5.62
C ALA B 43 38.75 21.85 4.49
N GLY B 44 38.26 22.95 3.92
CA GLY B 44 38.91 23.57 2.77
C GLY B 44 38.93 22.72 1.52
N VAL B 45 38.08 21.71 1.43
CA VAL B 45 38.15 20.80 0.31
C VAL B 45 37.27 21.26 -0.84
N PHE B 46 36.09 21.79 -0.54
CA PHE B 46 35.22 22.31 -1.59
C PHE B 46 34.21 23.26 -0.99
N PRO B 47 34.26 24.55 -1.34
CA PRO B 47 35.39 25.14 -2.08
C PRO B 47 36.61 25.24 -1.16
N GLY B 48 37.85 25.26 -1.66
CA GLY B 48 38.16 25.29 -3.06
C GLY B 48 39.44 24.59 -3.51
N ARG B 49 39.86 23.53 -2.83
CA ARG B 49 40.81 22.62 -3.47
C ARG B 49 40.16 21.84 -4.62
N CYS B 50 38.83 21.75 -4.67
CA CYS B 50 38.14 21.05 -5.72
C CYS B 50 37.42 22.02 -6.63
N LEU B 51 37.34 21.67 -7.90
CA LEU B 51 36.64 22.51 -8.87
C LEU B 51 35.16 22.17 -8.88
N PRO B 52 34.30 23.18 -8.96
CA PRO B 52 32.87 22.93 -9.22
C PRO B 52 32.63 22.65 -10.69
N ILE B 53 31.47 22.09 -10.99
CA ILE B 53 31.03 21.93 -12.38
C ILE B 53 29.60 22.45 -12.50
N ASN B 54 29.29 23.08 -13.63
CA ASN B 54 27.95 23.65 -13.82
C ASN B 54 26.89 22.56 -13.79
N ALA B 55 25.88 22.76 -12.97
CA ALA B 55 24.82 21.76 -12.86
C ALA B 55 23.89 21.88 -14.05
N ARG B 56 23.47 20.74 -14.58
CA ARG B 56 22.62 20.72 -15.76
C ARG B 56 21.66 19.54 -15.63
N GLU B 57 20.39 19.77 -15.91
CA GLU B 57 19.43 18.68 -15.92
C GLU B 57 19.75 17.71 -17.06
N ILE B 58 19.84 16.42 -16.74
CA ILE B 58 19.91 15.36 -17.75
C ILE B 58 18.72 15.48 -18.72
N THR B 59 18.92 15.03 -19.96
CA THR B 59 17.82 15.01 -20.91
C THR B 59 17.08 13.68 -20.89
N LYS B 60 15.85 13.70 -21.41
CA LYS B 60 15.11 12.44 -21.53
C LYS B 60 15.83 11.48 -22.48
N GLN B 61 16.43 11.99 -23.57
CA GLN B 61 17.18 11.12 -24.47
C GLN B 61 18.31 10.38 -23.75
N GLU B 62 19.07 11.08 -22.91
CA GLU B 62 20.14 10.40 -22.17
C GLU B 62 19.58 9.39 -21.17
N LEU B 63 18.47 9.74 -20.49
CA LEU B 63 17.91 8.82 -19.52
C LEU B 63 17.39 7.57 -20.18
N GLN B 64 17.00 7.68 -21.44
CA GLN B 64 16.44 6.56 -22.17
C GLN B 64 17.49 5.57 -22.65
N MET B 65 18.78 5.93 -22.61
CA MET B 65 19.82 4.93 -22.76
C MET B 65 19.73 3.86 -21.69
N VAL B 66 19.03 4.15 -20.58
CA VAL B 66 18.96 3.26 -19.44
C VAL B 66 17.51 2.90 -19.09
N HIS B 67 16.60 3.88 -19.15
CA HIS B 67 15.25 3.71 -18.62
C HIS B 67 14.24 3.73 -19.77
N THR B 68 13.06 3.18 -19.50
CA THR B 68 12.00 3.30 -20.47
C THR B 68 11.45 4.72 -20.53
N SER B 69 10.91 5.08 -21.70
CA SER B 69 10.27 6.38 -21.86
C SER B 69 9.17 6.58 -20.85
N GLU B 70 8.39 5.53 -20.57
CA GLU B 70 7.28 5.69 -19.64
C GLU B 70 7.74 5.92 -18.21
N HIS B 71 8.87 5.33 -17.79
CA HIS B 71 9.37 5.62 -16.46
C HIS B 71 9.81 7.09 -16.36
N VAL B 72 10.46 7.62 -17.40
CA VAL B 72 10.88 9.02 -17.36
C VAL B 72 9.67 9.94 -17.31
N ASP B 73 8.62 9.63 -18.08
CA ASP B 73 7.41 10.46 -18.06
C ASP B 73 6.72 10.40 -16.71
N ALA B 74 6.71 9.22 -16.09
CA ALA B 74 6.10 9.04 -14.78
C ALA B 74 6.80 9.89 -13.71
N VAL B 75 8.13 9.80 -13.64
CA VAL B 75 8.87 10.62 -12.68
C VAL B 75 8.59 12.12 -12.94
N ASP B 76 8.60 12.53 -14.20
CA ASP B 76 8.41 13.96 -14.50
C ASP B 76 7.03 14.46 -14.09
N THR B 77 6.02 13.61 -14.24
CA THR B 77 4.65 14.02 -13.93
C THR B 77 4.46 14.30 -12.44
N THR B 78 5.30 13.71 -11.57
CA THR B 78 5.19 14.03 -10.15
C THR B 78 5.43 15.51 -9.87
N SER B 79 6.00 16.26 -10.81
CA SER B 79 6.14 17.70 -10.58
C SER B 79 4.82 18.44 -10.59
N GLN B 80 3.72 17.81 -11.00
CA GLN B 80 2.40 18.43 -10.99
C GLN B 80 1.54 17.98 -9.81
N LEU B 81 2.08 17.23 -8.88
CA LEU B 81 1.32 16.72 -7.75
C LEU B 81 1.89 17.30 -6.46
N LEU B 82 1.06 17.41 -5.43
CA LEU B 82 1.58 17.91 -4.17
C LEU B 82 2.61 16.94 -3.60
N TYR B 83 2.27 15.65 -3.49
CA TYR B 83 3.27 14.64 -3.21
C TYR B 83 2.79 13.31 -3.74
N SER B 84 3.72 12.38 -3.91
CA SER B 84 3.38 11.09 -4.48
C SER B 84 4.35 10.02 -4.00
N TYR B 85 3.93 8.78 -4.19
CA TYR B 85 4.69 7.61 -3.79
C TYR B 85 4.79 6.64 -4.96
N PHE B 86 6.02 6.27 -5.31
CA PHE B 86 6.21 5.19 -6.27
C PHE B 86 6.07 3.83 -5.61
N THR B 87 6.62 3.69 -4.40
CA THR B 87 6.42 2.56 -3.52
C THR B 87 6.19 3.16 -2.15
N SER B 88 6.01 2.33 -1.14
CA SER B 88 5.70 2.89 0.17
C SER B 88 6.88 3.66 0.77
N ASP B 89 8.12 3.36 0.37
CA ASP B 89 9.29 4.03 0.90
C ASP B 89 9.92 5.04 -0.04
N THR B 90 9.39 5.20 -1.26
CA THR B 90 10.00 6.06 -2.28
C THR B 90 9.02 7.19 -2.62
N TYR B 91 9.29 8.37 -2.08
CA TYR B 91 8.39 9.52 -2.16
C TYR B 91 8.81 10.46 -3.29
N ALA B 92 7.92 11.41 -3.58
CA ALA B 92 8.26 12.53 -4.44
C ALA B 92 7.44 13.73 -4.02
N ASN B 93 8.00 14.92 -4.23
CA ASN B 93 7.22 16.15 -4.10
C ASN B 93 7.39 16.90 -5.40
N GLU B 94 6.90 18.14 -5.49
CA GLU B 94 6.86 18.80 -6.80
C GLU B 94 8.26 19.10 -7.35
N TYR B 95 9.29 19.08 -6.49
CA TYR B 95 10.68 19.39 -6.85
C TYR B 95 11.52 18.17 -7.18
N SER B 96 10.99 16.95 -6.97
CA SER B 96 11.80 15.73 -7.07
C SER B 96 12.28 15.47 -8.49
N ALA B 97 11.43 15.69 -9.48
CA ALA B 97 11.80 15.36 -10.85
C ALA B 97 13.01 16.16 -11.27
N ARG B 98 12.98 17.47 -11.03
CA ARG B 98 14.13 18.32 -11.28
C ARG B 98 15.34 17.83 -10.48
N ALA B 99 15.15 17.47 -9.20
CA ALA B 99 16.29 17.02 -8.39
C ALA B 99 16.93 15.76 -8.96
N ALA B 100 16.11 14.77 -9.31
CA ALA B 100 16.62 13.54 -9.93
C ALA B 100 17.33 13.85 -11.24
N ARG B 101 16.78 14.77 -12.02
CA ARG B 101 17.42 15.13 -13.28
C ARG B 101 18.72 15.88 -13.06
N LEU B 102 18.82 16.71 -12.00
CA LEU B 102 20.11 17.34 -11.69
C LEU B 102 21.14 16.32 -11.25
N ALA B 103 20.72 15.37 -10.40
CA ALA B 103 21.63 14.33 -9.96
C ALA B 103 22.20 13.55 -11.14
N ALA B 104 21.34 13.12 -12.07
CA ALA B 104 21.85 12.40 -13.23
C ALA B 104 22.65 13.32 -14.15
N GLY B 105 22.19 14.56 -14.33
CA GLY B 105 22.97 15.51 -15.13
C GLY B 105 24.39 15.69 -14.62
N LEU B 106 24.54 15.86 -13.31
CA LEU B 106 25.88 16.05 -12.74
C LEU B 106 26.75 14.82 -12.93
N CYS B 107 26.16 13.63 -12.73
CA CYS B 107 26.90 12.40 -12.94
C CYS B 107 27.28 12.26 -14.41
N ALA B 108 26.35 12.57 -15.32
CA ALA B 108 26.65 12.48 -16.75
C ALA B 108 27.78 13.42 -17.14
N ASP B 109 27.72 14.69 -16.70
CA ASP B 109 28.77 15.63 -17.07
C ASP B 109 30.09 15.34 -16.36
N LEU B 110 30.04 14.84 -15.12
CA LEU B 110 31.28 14.40 -14.47
C LEU B 110 31.90 13.24 -15.23
N ALA B 111 31.09 12.26 -15.62
CA ALA B 111 31.61 11.11 -16.34
C ALA B 111 32.22 11.52 -17.67
N THR B 112 31.62 12.50 -18.34
CA THR B 112 32.18 12.98 -19.59
C THR B 112 33.51 13.68 -19.36
N ASP B 113 33.53 14.64 -18.43
CA ASP B 113 34.75 15.39 -18.17
C ASP B 113 35.87 14.51 -17.63
N ILE B 114 35.54 13.44 -16.89
CA ILE B 114 36.59 12.61 -16.33
C ILE B 114 37.17 11.70 -17.41
N PHE B 115 36.30 11.06 -18.17
CA PHE B 115 36.79 10.10 -19.17
C PHE B 115 37.56 10.78 -20.30
N THR B 116 37.14 11.98 -20.70
CA THR B 116 37.88 12.67 -21.75
C THR B 116 39.10 13.40 -21.22
N GLY B 117 39.34 13.38 -19.93
CA GLY B 117 40.54 13.99 -19.38
C GLY B 117 40.47 15.48 -19.11
N ARG B 118 39.29 16.11 -19.22
CA ARG B 118 39.18 17.51 -18.81
C ARG B 118 39.53 17.68 -17.34
N VAL B 119 39.16 16.70 -16.50
CA VAL B 119 39.57 16.68 -15.11
C VAL B 119 40.04 15.28 -14.81
N LYS B 120 40.80 15.13 -13.73
CA LYS B 120 41.36 13.83 -13.39
C LYS B 120 40.33 12.90 -12.77
N ASN B 121 39.55 13.40 -11.81
CA ASN B 121 38.58 12.54 -11.13
C ASN B 121 37.53 13.45 -10.49
N GLY B 122 36.51 12.84 -9.88
CA GLY B 122 35.41 13.65 -9.40
C GLY B 122 34.50 12.93 -8.42
N PHE B 123 33.74 13.74 -7.69
CA PHE B 123 32.78 13.26 -6.70
C PHE B 123 31.43 13.91 -7.00
N ALA B 124 30.40 13.10 -7.23
CA ALA B 124 29.06 13.60 -7.47
C ALA B 124 28.30 13.63 -6.15
N LEU B 125 28.11 14.83 -5.59
CA LEU B 125 27.44 14.99 -4.30
C LEU B 125 25.95 15.21 -4.60
N VAL B 126 25.25 14.10 -4.83
CA VAL B 126 23.91 14.14 -5.39
C VAL B 126 22.91 13.37 -4.55
N ARG B 127 21.65 13.79 -4.66
CA ARG B 127 20.49 13.02 -4.23
C ARG B 127 19.32 13.41 -5.12
N PRO B 128 18.30 12.55 -5.24
CA PRO B 128 18.16 11.22 -4.62
C PRO B 128 19.19 10.24 -5.17
N PRO B 129 19.46 9.17 -4.41
CA PRO B 129 20.37 8.11 -4.89
C PRO B 129 19.78 7.35 -6.08
N GLY B 130 20.50 6.35 -6.57
CA GLY B 130 20.15 5.75 -7.85
C GLY B 130 20.12 4.25 -7.98
N HIS B 131 20.93 3.52 -7.22
CA HIS B 131 21.23 2.14 -7.62
C HIS B 131 20.09 1.16 -7.38
N HIS B 132 19.00 1.56 -6.72
CA HIS B 132 17.83 0.68 -6.70
C HIS B 132 16.86 0.92 -7.86
N ALA B 133 17.02 1.97 -8.66
CA ALA B 133 16.12 2.23 -9.77
C ALA B 133 16.43 1.31 -10.94
N GLY B 134 15.42 0.58 -11.41
CA GLY B 134 15.60 -0.35 -12.51
C GLY B 134 15.34 0.32 -13.85
N VAL B 135 15.28 -0.51 -14.89
CA VAL B 135 14.91 -0.03 -16.22
C VAL B 135 13.55 0.64 -16.19
N ARG B 136 12.64 0.13 -15.37
CA ARG B 136 11.24 0.52 -15.41
C ARG B 136 10.72 1.20 -14.17
N HIS B 137 11.40 1.09 -13.02
CA HIS B 137 10.75 1.45 -11.76
C HIS B 137 11.67 2.20 -10.81
N ALA B 138 11.13 3.26 -10.23
CA ALA B 138 11.73 3.86 -9.06
C ALA B 138 11.41 3.03 -7.83
N MET B 139 12.40 2.83 -6.96
CA MET B 139 12.19 2.18 -5.67
C MET B 139 13.45 2.37 -4.83
N GLY B 140 13.34 1.98 -3.56
CA GLY B 140 14.47 2.08 -2.65
C GLY B 140 15.05 3.47 -2.51
N PHE B 141 14.21 4.49 -2.45
CA PHE B 141 14.58 5.90 -2.34
C PHE B 141 15.14 6.48 -3.63
N CYS B 142 15.22 5.70 -4.73
CA CYS B 142 15.86 6.15 -5.95
C CYS B 142 14.84 6.40 -7.06
N LEU B 143 15.06 7.45 -7.86
CA LEU B 143 14.17 7.78 -8.96
C LEU B 143 14.76 7.42 -10.32
N HIS B 144 16.00 7.84 -10.61
CA HIS B 144 16.75 7.39 -11.77
C HIS B 144 18.08 6.82 -11.33
N ASN B 145 18.63 5.93 -12.17
CA ASN B 145 19.87 5.25 -11.82
C ASN B 145 21.03 6.12 -12.29
N ASN B 146 21.53 6.96 -11.37
CA ASN B 146 22.62 7.87 -11.69
C ASN B 146 23.85 7.11 -12.19
N ALA B 147 24.25 6.04 -11.49
CA ALA B 147 25.48 5.36 -11.86
C ALA B 147 25.36 4.70 -13.24
N ALA B 148 24.25 4.02 -13.51
CA ALA B 148 24.04 3.44 -14.84
C ALA B 148 24.06 4.50 -15.93
N VAL B 149 23.55 5.69 -15.62
CA VAL B 149 23.55 6.75 -16.61
C VAL B 149 24.97 7.21 -16.90
N ALA B 150 25.79 7.36 -15.85
CA ALA B 150 27.17 7.74 -16.03
C ALA B 150 27.91 6.72 -16.87
N ALA B 151 27.58 5.43 -16.70
CA ALA B 151 28.31 4.37 -17.40
C ALA B 151 28.00 4.37 -18.89
N LEU B 152 26.73 4.56 -19.24
CA LEU B 152 26.36 4.60 -20.65
C LEU B 152 26.75 5.91 -21.30
N VAL B 153 26.76 7.02 -20.55
CA VAL B 153 27.26 8.27 -21.11
C VAL B 153 28.74 8.15 -21.40
N ALA B 154 29.50 7.52 -20.50
CA ALA B 154 30.92 7.29 -20.76
C ALA B 154 31.13 6.33 -21.92
N GLN B 155 30.22 5.36 -22.11
CA GLN B 155 30.35 4.49 -23.28
C GLN B 155 30.09 5.26 -24.57
N ALA B 156 29.05 6.11 -24.58
CA ALA B 156 28.79 6.94 -25.75
C ALA B 156 29.96 7.86 -26.07
N ALA B 157 30.73 8.27 -25.07
CA ALA B 157 31.91 9.10 -25.30
C ALA B 157 33.19 8.28 -25.56
N GLY B 158 33.10 6.97 -25.72
CA GLY B 158 34.24 6.16 -26.13
C GLY B 158 34.73 5.12 -25.14
N ALA B 159 34.23 5.06 -23.90
CA ALA B 159 34.69 4.03 -22.98
C ALA B 159 34.10 2.70 -23.40
N LYS B 160 34.96 1.71 -23.67
CA LYS B 160 34.47 0.40 -24.08
C LYS B 160 34.10 -0.47 -22.89
N LYS B 161 34.92 -0.46 -21.85
CA LYS B 161 34.74 -1.29 -20.66
C LYS B 161 34.60 -0.37 -19.44
N VAL B 162 33.50 -0.51 -18.73
CA VAL B 162 33.20 0.32 -17.55
C VAL B 162 33.06 -0.57 -16.33
N LEU B 163 33.76 -0.22 -15.25
CA LEU B 163 33.62 -0.87 -13.96
C LEU B 163 32.78 -0.02 -13.01
N ILE B 164 31.79 -0.64 -12.38
CA ILE B 164 31.04 -0.02 -11.29
C ILE B 164 31.28 -0.84 -10.04
N VAL B 165 31.86 -0.21 -9.01
CA VAL B 165 32.00 -0.84 -7.70
C VAL B 165 31.03 -0.19 -6.74
N ASP B 166 30.17 -1.00 -6.13
CA ASP B 166 29.04 -0.52 -5.35
C ASP B 166 29.27 -0.94 -3.91
N TRP B 167 29.74 -0.03 -3.05
CA TRP B 167 29.96 -0.40 -1.67
C TRP B 167 28.87 0.10 -0.73
N ASP B 168 27.79 0.66 -1.26
CA ASP B 168 26.59 0.84 -0.45
C ASP B 168 26.27 -0.46 0.26
N VAL B 169 25.76 -0.38 1.49
CA VAL B 169 25.51 -1.59 2.26
C VAL B 169 24.36 -2.41 1.69
N HIS B 170 23.53 -1.81 0.85
CA HIS B 170 22.46 -2.53 0.18
C HIS B 170 22.93 -2.99 -1.19
N HIS B 171 22.32 -4.07 -1.69
CA HIS B 171 22.64 -4.52 -3.03
C HIS B 171 21.93 -3.63 -4.05
N GLY B 172 22.65 -3.22 -5.10
CA GLY B 172 22.06 -2.35 -6.11
C GLY B 172 21.22 -3.12 -7.11
N ASN B 173 20.03 -3.54 -6.71
CA ASN B 173 19.24 -4.40 -7.58
C ASN B 173 18.95 -3.74 -8.92
N GLY B 174 18.81 -2.42 -8.94
CA GLY B 174 18.51 -1.71 -10.17
C GLY B 174 19.67 -1.66 -11.14
N THR B 175 20.87 -1.33 -10.64
CA THR B 175 22.06 -1.38 -11.49
C THR B 175 22.28 -2.79 -12.05
N GLN B 176 22.12 -3.81 -11.21
CA GLN B 176 22.32 -5.17 -11.69
C GLN B 176 21.31 -5.50 -12.78
N GLU B 177 20.04 -5.14 -12.58
CA GLU B 177 19.01 -5.38 -13.59
C GLU B 177 19.39 -4.74 -14.92
N ILE B 178 19.88 -3.50 -14.89
CA ILE B 178 20.20 -2.79 -16.13
C ILE B 178 21.33 -3.50 -16.89
N PHE B 179 22.32 -4.04 -16.18
CA PHE B 179 23.50 -4.59 -16.82
C PHE B 179 23.56 -6.11 -16.76
N GLU B 180 22.44 -6.76 -16.40
CA GLU B 180 22.37 -8.20 -16.19
C GLU B 180 22.87 -8.99 -17.40
N GLN B 181 22.58 -8.51 -18.61
CA GLN B 181 23.00 -9.21 -19.82
C GLN B 181 24.19 -8.56 -20.47
N ASN B 182 24.79 -7.57 -19.82
CA ASN B 182 25.87 -6.80 -20.39
C ASN B 182 27.20 -7.29 -19.87
N LYS B 183 28.18 -7.37 -20.75
CA LYS B 183 29.55 -7.65 -20.36
C LYS B 183 30.48 -6.48 -20.64
N SER B 184 30.03 -5.44 -21.35
CA SER B 184 30.86 -4.25 -21.46
C SER B 184 30.88 -3.43 -20.18
N VAL B 185 30.05 -3.81 -19.20
CA VAL B 185 30.00 -3.18 -17.89
C VAL B 185 30.15 -4.27 -16.85
N LEU B 186 31.12 -4.11 -15.97
CA LEU B 186 31.31 -5.03 -14.86
C LEU B 186 30.78 -4.34 -13.60
N TYR B 187 29.81 -4.98 -12.97
CA TYR B 187 29.17 -4.48 -11.76
C TYR B 187 29.61 -5.33 -10.59
N ILE B 188 30.31 -4.73 -9.63
CA ILE B 188 30.73 -5.44 -8.42
C ILE B 188 30.05 -4.79 -7.24
N SER B 189 29.38 -5.60 -6.42
CA SER B 189 28.62 -5.09 -5.30
C SER B 189 28.96 -5.87 -4.04
N LEU B 190 29.38 -5.15 -3.00
CA LEU B 190 29.49 -5.68 -1.65
C LEU B 190 28.30 -5.18 -0.86
N HIS B 191 27.65 -6.07 -0.11
CA HIS B 191 26.46 -5.67 0.61
C HIS B 191 26.13 -6.71 1.67
N ARG B 192 25.53 -6.25 2.75
CA ARG B 192 24.88 -7.18 3.66
C ARG B 192 23.74 -7.88 2.93
N HIS B 193 23.56 -9.17 3.21
CA HIS B 193 22.61 -10.00 2.48
C HIS B 193 21.86 -10.94 3.42
N GLU B 194 22.60 -11.62 4.29
CA GLU B 194 22.05 -12.55 5.29
C GLU B 194 21.03 -13.50 4.66
N GLY B 195 21.44 -14.13 3.56
CA GLY B 195 20.59 -15.09 2.88
C GLY B 195 19.30 -14.52 2.32
N GLY B 196 19.22 -13.21 2.14
CA GLY B 196 18.03 -12.58 1.60
C GLY B 196 17.17 -11.89 2.62
N ASN B 197 17.55 -11.88 3.88
CA ASN B 197 16.78 -11.18 4.90
C ASN B 197 17.23 -9.76 5.09
N PHE B 198 18.00 -9.21 4.16
CA PHE B 198 18.39 -7.82 4.22
C PHE B 198 17.99 -7.10 2.94
N TYR B 199 17.47 -5.90 3.10
CA TYR B 199 16.94 -5.14 1.97
C TYR B 199 18.05 -4.97 0.92
N PRO B 200 17.74 -5.15 -0.37
CA PRO B 200 16.41 -5.46 -0.92
C PRO B 200 16.12 -6.94 -1.12
N GLY B 201 17.00 -7.84 -0.66
CA GLY B 201 16.78 -9.27 -0.77
C GLY B 201 17.44 -9.91 -1.95
N THR B 202 18.03 -9.13 -2.84
CA THR B 202 18.62 -9.61 -4.07
C THR B 202 20.13 -9.66 -3.94
N GLY B 203 20.79 -10.17 -4.97
CA GLY B 203 22.23 -10.17 -4.97
C GLY B 203 22.89 -11.26 -4.13
N ALA B 204 22.38 -12.49 -4.21
CA ALA B 204 23.14 -13.63 -3.72
C ALA B 204 24.39 -13.85 -4.57
N ALA B 205 25.37 -14.54 -3.98
CA ALA B 205 26.66 -14.76 -4.64
C ALA B 205 26.54 -15.43 -6.00
N ASP B 206 25.53 -16.26 -6.21
CA ASP B 206 25.43 -16.98 -7.48
C ASP B 206 24.61 -16.23 -8.55
N GLU B 207 24.10 -15.04 -8.25
CA GLU B 207 23.44 -14.21 -9.26
C GLU B 207 24.52 -13.42 -10.02
N VAL B 208 25.00 -14.01 -11.12
CA VAL B 208 26.26 -13.63 -11.76
C VAL B 208 26.04 -12.99 -13.12
N GLY B 209 24.80 -12.70 -13.48
CA GLY B 209 24.48 -12.27 -14.83
C GLY B 209 23.92 -13.43 -15.66
N SER B 210 23.39 -13.09 -16.83
CA SER B 210 22.72 -14.06 -17.68
C SER B 210 23.01 -13.74 -19.15
N ASN B 211 22.63 -14.68 -20.02
CA ASN B 211 22.96 -14.62 -21.46
C ASN B 211 24.47 -14.45 -21.57
N GLY B 212 24.95 -13.48 -22.34
CA GLY B 212 26.37 -13.21 -22.36
C GLY B 212 26.87 -12.38 -21.20
N GLY B 213 26.01 -12.06 -20.23
CA GLY B 213 26.46 -11.30 -19.08
C GLY B 213 27.03 -12.13 -17.95
N GLU B 214 26.94 -13.47 -18.07
CA GLU B 214 27.45 -14.41 -17.08
C GLU B 214 28.88 -14.05 -16.65
N GLY B 215 29.07 -13.91 -15.35
CA GLY B 215 30.36 -13.53 -14.80
C GLY B 215 30.59 -12.05 -14.67
N TYR B 216 29.70 -11.20 -15.19
CA TYR B 216 29.95 -9.77 -15.18
C TYR B 216 29.10 -9.03 -14.15
N CYS B 217 28.39 -9.75 -13.30
CA CYS B 217 27.89 -9.23 -12.04
C CYS B 217 28.51 -10.04 -10.92
N VAL B 218 29.14 -9.36 -9.98
CA VAL B 218 29.90 -10.02 -8.93
C VAL B 218 29.34 -9.55 -7.60
N ASN B 219 28.65 -10.41 -6.89
CA ASN B 219 28.04 -10.07 -5.63
C ASN B 219 28.84 -10.68 -4.49
N VAL B 220 29.25 -9.82 -3.57
CA VAL B 220 29.93 -10.20 -2.33
C VAL B 220 28.96 -10.02 -1.17
N PRO B 221 28.20 -11.05 -0.80
CA PRO B 221 27.14 -10.87 0.21
C PRO B 221 27.54 -11.26 1.64
N TRP B 222 27.47 -10.32 2.57
CA TRP B 222 27.77 -10.65 3.96
C TRP B 222 26.62 -11.43 4.58
N SER B 223 26.98 -12.48 5.31
CA SER B 223 25.99 -13.30 6.00
C SER B 223 25.52 -12.69 7.30
N CYS B 224 26.12 -11.59 7.74
CA CYS B 224 25.79 -11.04 9.05
C CYS B 224 25.97 -9.53 9.02
N GLY B 225 25.57 -8.88 10.12
CA GLY B 225 25.81 -7.45 10.29
C GLY B 225 27.13 -7.19 10.98
N GLY B 226 27.37 -5.92 11.28
CA GLY B 226 28.57 -5.52 12.00
C GLY B 226 29.87 -5.70 11.24
N VAL B 227 29.81 -5.83 9.91
CA VAL B 227 31.01 -6.03 9.11
C VAL B 227 31.87 -4.77 9.17
N GLY B 228 33.16 -4.95 9.44
CA GLY B 228 34.08 -3.84 9.59
C GLY B 228 35.10 -3.75 8.46
N ASP B 229 36.07 -2.85 8.68
CA ASP B 229 37.10 -2.55 7.69
C ASP B 229 37.83 -3.80 7.21
N LYS B 230 38.24 -4.67 8.14
CA LYS B 230 39.14 -5.76 7.75
C LYS B 230 38.48 -6.71 6.74
N ASP B 231 37.16 -6.88 6.82
CA ASP B 231 36.48 -7.76 5.88
C ASP B 231 36.35 -7.10 4.50
N TYR B 232 36.07 -5.78 4.46
CA TYR B 232 36.03 -5.08 3.18
C TYR B 232 37.40 -5.08 2.51
N ILE B 233 38.46 -4.80 3.29
CA ILE B 233 39.80 -4.83 2.73
C ILE B 233 40.14 -6.23 2.21
N PHE B 234 39.86 -7.25 3.02
CA PHE B 234 40.09 -8.63 2.61
C PHE B 234 39.38 -8.97 1.30
N ALA B 235 38.10 -8.57 1.17
CA ALA B 235 37.36 -8.89 -0.05
C ALA B 235 37.87 -8.08 -1.23
N PHE B 236 38.39 -6.87 -0.99
CA PHE B 236 38.99 -6.11 -2.10
C PHE B 236 40.28 -6.77 -2.55
N GLN B 237 41.09 -7.26 -1.61
CA GLN B 237 42.37 -7.90 -1.95
C GLN B 237 42.17 -9.16 -2.78
N HIS B 238 41.17 -9.97 -2.45
CA HIS B 238 41.08 -11.29 -3.05
C HIS B 238 39.96 -11.44 -4.07
N VAL B 239 39.07 -10.46 -4.21
CA VAL B 239 37.94 -10.62 -5.13
C VAL B 239 37.84 -9.41 -6.04
N VAL B 240 37.65 -8.23 -5.46
CA VAL B 240 37.38 -7.04 -6.25
C VAL B 240 38.56 -6.72 -7.17
N LEU B 241 39.72 -6.47 -6.58
CA LEU B 241 40.82 -5.95 -7.42
C LEU B 241 41.30 -6.97 -8.44
N PRO B 242 41.50 -8.24 -8.07
CA PRO B 242 41.81 -9.25 -9.11
C PRO B 242 40.84 -9.27 -10.29
N ILE B 243 39.52 -9.32 -10.02
CA ILE B 243 38.58 -9.39 -11.14
C ILE B 243 38.64 -8.10 -11.94
N ALA B 244 38.65 -6.95 -11.25
CA ALA B 244 38.74 -5.69 -11.96
C ALA B 244 40.03 -5.58 -12.74
N SER B 245 41.13 -6.14 -12.22
CA SER B 245 42.40 -6.09 -12.97
C SER B 245 42.32 -6.96 -14.22
N ALA B 246 41.66 -8.11 -14.15
CA ALA B 246 41.49 -8.95 -15.33
C ALA B 246 40.57 -8.29 -16.36
N PHE B 247 39.44 -7.75 -15.91
CA PHE B 247 38.53 -6.99 -16.78
C PHE B 247 39.26 -5.84 -17.46
N SER B 248 40.06 -5.08 -16.70
CA SER B 248 40.81 -3.90 -17.13
C SER B 248 39.90 -2.81 -17.70
N PRO B 249 39.29 -1.98 -16.85
CA PRO B 249 38.30 -1.02 -17.34
C PRO B 249 38.92 0.25 -17.89
N ASP B 250 38.23 0.86 -18.85
CA ASP B 250 38.58 2.19 -19.34
C ASP B 250 38.01 3.30 -18.47
N PHE B 251 37.04 2.98 -17.60
CA PHE B 251 36.36 3.99 -16.81
C PHE B 251 35.84 3.31 -15.56
N VAL B 252 36.08 3.94 -14.42
CA VAL B 252 35.71 3.38 -13.12
C VAL B 252 34.68 4.29 -12.45
N ILE B 253 33.55 3.70 -12.04
CA ILE B 253 32.55 4.38 -11.22
C ILE B 253 32.47 3.66 -9.88
N ILE B 254 32.40 4.45 -8.81
CA ILE B 254 32.12 3.93 -7.48
C ILE B 254 30.73 4.40 -7.08
N SER B 255 29.80 3.46 -6.94
CA SER B 255 28.54 3.76 -6.26
C SER B 255 28.83 3.81 -4.77
N ALA B 256 29.11 5.00 -4.26
CA ALA B 256 29.61 5.14 -2.89
C ALA B 256 28.45 5.46 -1.97
N GLY B 257 27.80 4.43 -1.47
CA GLY B 257 27.01 4.60 -0.29
C GLY B 257 27.89 4.57 0.95
N PHE B 258 27.51 5.33 1.96
CA PHE B 258 28.23 5.30 3.22
C PHE B 258 27.36 4.70 4.32
N ASP B 259 26.37 3.91 3.94
CA ASP B 259 25.52 3.30 4.95
C ASP B 259 26.10 2.01 5.50
N ALA B 260 27.31 1.63 5.12
CA ALA B 260 28.02 0.62 5.89
C ALA B 260 28.87 1.25 6.97
N ALA B 261 28.86 2.58 7.08
CA ALA B 261 29.70 3.27 8.04
C ALA B 261 29.32 2.88 9.45
N ARG B 262 30.29 2.96 10.33
CA ARG B 262 30.03 2.87 11.75
C ARG B 262 29.09 4.01 12.14
N GLY B 263 28.00 3.67 12.83
CA GLY B 263 27.02 4.65 13.23
C GLY B 263 25.78 4.73 12.35
N ASP B 264 25.77 4.06 11.21
CA ASP B 264 24.62 4.21 10.34
C ASP B 264 23.45 3.38 10.85
N PRO B 265 22.27 3.99 11.03
CA PRO B 265 21.12 3.24 11.56
C PRO B 265 20.49 2.25 10.58
N LEU B 266 20.78 2.32 9.28
CA LEU B 266 20.19 1.36 8.35
C LEU B 266 21.12 0.20 8.02
N GLY B 267 22.43 0.38 8.11
CA GLY B 267 23.29 -0.73 7.81
C GLY B 267 23.72 -1.55 9.03
N CYS B 268 23.88 -0.88 10.17
CA CYS B 268 24.50 -1.48 11.37
C CYS B 268 25.73 -2.31 11.01
N CYS B 269 26.62 -1.71 10.24
CA CYS B 269 27.98 -2.21 10.05
C CYS B 269 28.95 -1.18 10.61
N ASP B 270 30.24 -1.38 10.30
CA ASP B 270 31.29 -0.74 11.09
C ASP B 270 32.48 -0.27 10.26
N VAL B 271 32.31 -0.04 8.95
CA VAL B 271 33.38 0.55 8.16
C VAL B 271 33.67 1.96 8.69
N THR B 272 34.95 2.29 8.78
CA THR B 272 35.41 3.58 9.25
C THR B 272 35.85 4.43 8.07
N PRO B 273 36.03 5.74 8.26
CA PRO B 273 36.62 6.55 7.20
C PRO B 273 37.94 5.98 6.69
N ALA B 274 38.74 5.36 7.56
CA ALA B 274 39.99 4.78 7.10
C ALA B 274 39.73 3.67 6.10
N GLY B 275 38.70 2.85 6.33
CA GLY B 275 38.36 1.81 5.36
C GLY B 275 37.90 2.36 4.01
N TYR B 276 37.04 3.37 4.03
CA TYR B 276 36.65 4.02 2.78
C TYR B 276 37.86 4.65 2.10
N SER B 277 38.77 5.25 2.88
CA SER B 277 39.99 5.81 2.32
C SER B 277 40.78 4.74 1.58
N ARG B 278 41.01 3.61 2.26
CA ARG B 278 41.86 2.58 1.72
C ARG B 278 41.23 1.93 0.48
N MET B 279 39.92 1.73 0.50
CA MET B 279 39.23 1.14 -0.67
C MET B 279 39.32 2.06 -1.88
N THR B 280 39.24 3.37 -1.65
CA THR B 280 39.40 4.32 -2.73
C THR B 280 40.81 4.27 -3.29
N GLN B 281 41.82 4.21 -2.41
CA GLN B 281 43.20 4.17 -2.87
C GLN B 281 43.47 2.89 -3.65
N MET B 282 42.96 1.75 -3.18
CA MET B 282 43.16 0.50 -3.91
C MET B 282 42.56 0.58 -5.29
N LEU B 283 41.37 1.18 -5.41
CA LEU B 283 40.76 1.29 -6.73
C LEU B 283 41.51 2.29 -7.62
N GLY B 284 42.21 3.25 -7.01
CA GLY B 284 43.01 4.17 -7.79
C GLY B 284 44.09 3.48 -8.61
N ASP B 285 44.59 2.33 -8.13
CA ASP B 285 45.58 1.55 -8.88
C ASP B 285 45.11 1.20 -10.28
N LEU B 286 43.84 0.83 -10.42
CA LEU B 286 43.32 0.33 -11.69
C LEU B 286 43.33 1.36 -12.81
N CYS B 287 43.55 2.63 -12.50
CA CYS B 287 43.14 3.68 -13.43
C CYS B 287 43.94 4.97 -13.25
N GLY B 288 45.10 4.92 -12.59
CA GLY B 288 45.83 6.14 -12.35
C GLY B 288 45.05 7.15 -11.56
N GLY B 289 44.10 6.68 -10.75
CA GLY B 289 43.29 7.57 -9.95
C GLY B 289 42.18 8.27 -10.69
N LYS B 290 41.85 7.87 -11.91
CA LYS B 290 40.75 8.49 -12.66
C LYS B 290 39.48 7.71 -12.39
N MET B 291 38.60 8.28 -11.58
CA MET B 291 37.37 7.58 -11.23
C MET B 291 36.30 8.61 -10.89
N LEU B 292 35.06 8.18 -11.01
CA LEU B 292 33.91 8.97 -10.63
C LEU B 292 33.29 8.35 -9.38
N VAL B 293 33.19 9.13 -8.31
CA VAL B 293 32.52 8.67 -7.10
C VAL B 293 31.15 9.33 -7.03
N ILE B 294 30.10 8.49 -6.88
CA ILE B 294 28.70 8.93 -6.85
C ILE B 294 28.10 8.58 -5.48
N LEU B 295 27.64 9.60 -4.75
CA LEU B 295 26.99 9.35 -3.46
C LEU B 295 25.72 8.54 -3.66
N GLU B 296 25.63 7.39 -2.99
CA GLU B 296 24.35 6.68 -2.96
C GLU B 296 23.68 6.88 -1.59
N GLY B 297 23.66 5.84 -0.75
CA GLY B 297 23.06 5.93 0.55
C GLY B 297 24.03 6.42 1.63
N GLY B 298 23.59 6.33 2.88
CA GLY B 298 24.37 6.81 4.01
C GLY B 298 23.59 7.83 4.79
N TYR B 299 23.24 7.52 6.04
CA TYR B 299 22.15 8.24 6.68
C TYR B 299 22.51 8.86 8.01
N ASN B 300 23.66 8.57 8.59
CA ASN B 300 24.12 9.23 9.80
C ASN B 300 24.99 10.41 9.40
N LEU B 301 24.57 11.64 9.77
CA LEU B 301 25.20 12.84 9.25
C LEU B 301 26.68 12.92 9.61
N ARG B 302 27.03 12.56 10.84
CA ARG B 302 28.42 12.60 11.27
C ARG B 302 29.26 11.56 10.51
N SER B 303 28.73 10.34 10.32
CA SER B 303 29.45 9.30 9.59
C SER B 303 29.64 9.65 8.12
N ILE B 304 28.61 10.17 7.45
CA ILE B 304 28.79 10.41 6.02
C ILE B 304 29.71 11.60 5.77
N SER B 305 29.70 12.59 6.66
CA SER B 305 30.62 13.72 6.50
C SER B 305 32.08 13.29 6.67
N ALA B 306 32.36 12.47 7.68
CA ALA B 306 33.71 11.96 7.85
C ALA B 306 34.14 11.10 6.65
N SER B 307 33.27 10.19 6.20
CA SER B 307 33.71 9.24 5.19
C SER B 307 33.84 9.92 3.82
N ALA B 308 32.94 10.85 3.52
CA ALA B 308 33.01 11.52 2.21
C ALA B 308 34.22 12.43 2.13
N THR B 309 34.56 13.11 3.23
CA THR B 309 35.75 13.93 3.25
C THR B 309 36.99 13.06 3.06
N ALA B 310 37.04 11.92 3.75
CA ALA B 310 38.21 11.06 3.62
C ALA B 310 38.36 10.55 2.20
N VAL B 311 37.25 10.15 1.56
CA VAL B 311 37.33 9.66 0.19
C VAL B 311 37.81 10.74 -0.75
N ILE B 312 37.35 11.98 -0.55
CA ILE B 312 37.71 13.06 -1.48
C ILE B 312 39.17 13.48 -1.29
N LYS B 313 39.71 13.32 -0.07
CA LYS B 313 41.15 13.58 0.12
C LYS B 313 41.99 12.64 -0.74
N VAL B 314 41.58 11.38 -0.84
CA VAL B 314 42.30 10.43 -1.69
C VAL B 314 42.21 10.84 -3.15
N LEU B 315 41.03 11.27 -3.61
CA LEU B 315 40.93 11.73 -4.99
C LEU B 315 41.87 12.90 -5.23
N LEU B 316 42.01 13.78 -4.24
CA LEU B 316 42.93 14.92 -4.30
C LEU B 316 44.39 14.50 -4.22
N GLY B 317 44.70 13.25 -3.90
CA GLY B 317 46.06 12.81 -3.69
C GLY B 317 46.50 12.74 -2.24
N GLU B 318 45.57 12.48 -1.31
CA GLU B 318 45.79 12.45 0.16
C GLU B 318 46.26 13.80 0.64
N ALA B 327 43.56 -4.04 10.08
CA ALA B 327 43.72 -5.42 10.59
C ALA B 327 43.67 -6.41 9.42
N THR B 328 44.67 -7.26 9.31
CA THR B 328 44.87 -8.00 8.06
C THR B 328 44.15 -9.35 8.04
N THR B 329 43.46 -9.71 9.12
CA THR B 329 42.83 -11.02 9.25
C THR B 329 41.33 -10.87 9.24
N PRO B 330 40.61 -11.54 8.34
CA PRO B 330 39.17 -11.32 8.24
C PRO B 330 38.41 -12.01 9.37
N SER B 331 37.18 -11.56 9.56
CA SER B 331 36.27 -12.27 10.43
C SER B 331 36.01 -13.67 9.86
N VAL B 332 35.41 -14.52 10.70
CA VAL B 332 35.06 -15.86 10.23
C VAL B 332 33.97 -15.78 9.18
N ALA B 333 32.92 -15.01 9.45
CA ALA B 333 31.88 -14.78 8.45
C ALA B 333 32.43 -14.12 7.20
N GLY B 334 33.39 -13.21 7.35
CA GLY B 334 33.97 -12.56 6.18
C GLY B 334 34.73 -13.53 5.29
N LEU B 335 35.55 -14.39 5.90
CA LEU B 335 36.28 -15.40 5.14
C LEU B 335 35.33 -16.30 4.36
N GLN B 336 34.28 -16.78 5.02
CA GLN B 336 33.30 -17.67 4.39
C GLN B 336 32.67 -17.01 3.16
N THR B 337 32.31 -15.74 3.27
CA THR B 337 31.73 -15.05 2.12
C THR B 337 32.72 -14.99 0.97
N VAL B 338 33.97 -14.65 1.24
CA VAL B 338 34.94 -14.55 0.16
C VAL B 338 35.17 -15.90 -0.48
N LEU B 339 35.18 -16.97 0.33
CA LEU B 339 35.39 -18.32 -0.21
C LEU B 339 34.25 -18.70 -1.15
N ASP B 340 33.02 -18.45 -0.73
CA ASP B 340 31.89 -18.80 -1.58
C ASP B 340 31.89 -18.01 -2.88
N VAL B 341 32.36 -16.76 -2.86
CA VAL B 341 32.41 -15.96 -4.08
C VAL B 341 33.50 -16.47 -5.01
N LEU B 342 34.67 -16.76 -4.46
CA LEU B 342 35.73 -17.37 -5.27
C LEU B 342 35.26 -18.67 -5.90
N ASN B 343 34.54 -19.51 -5.15
CA ASN B 343 34.14 -20.79 -5.71
C ASN B 343 33.18 -20.60 -6.88
N ILE B 344 32.36 -19.56 -6.83
CA ILE B 344 31.44 -19.30 -7.93
C ILE B 344 32.16 -18.63 -9.09
N GLN B 345 32.95 -17.58 -8.80
CA GLN B 345 33.50 -16.75 -9.88
C GLN B 345 34.69 -17.40 -10.59
N LEU B 346 35.17 -18.55 -10.11
CA LEU B 346 36.29 -19.21 -10.78
C LEU B 346 35.90 -19.67 -12.17
N GLU B 347 34.63 -20.01 -12.37
CA GLU B 347 34.14 -20.38 -13.69
C GLU B 347 34.33 -19.27 -14.72
N PHE B 348 34.30 -18.01 -14.28
CA PHE B 348 34.36 -16.89 -15.22
C PHE B 348 35.65 -16.09 -15.13
N TRP B 349 36.35 -16.16 -14.00
CA TRP B 349 37.61 -15.45 -13.79
C TRP B 349 38.63 -16.47 -13.34
N PRO B 350 39.18 -17.27 -14.26
CA PRO B 350 40.12 -18.31 -13.87
C PRO B 350 41.36 -17.78 -13.17
N SER B 351 41.77 -16.54 -13.44
CA SER B 351 42.92 -15.98 -12.74
C SER B 351 42.68 -15.77 -11.24
N LEU B 352 41.48 -16.05 -10.73
CA LEU B 352 41.26 -16.04 -9.29
C LEU B 352 41.95 -17.20 -8.59
N ALA B 353 42.40 -18.19 -9.35
CA ALA B 353 43.19 -19.28 -8.80
C ALA B 353 44.43 -18.74 -8.10
N ILE B 354 45.05 -17.70 -8.66
CA ILE B 354 46.19 -17.06 -8.03
C ILE B 354 45.79 -16.45 -6.69
N SER B 355 44.66 -15.73 -6.67
CA SER B 355 44.23 -15.13 -5.42
C SER B 355 43.75 -16.17 -4.43
N TYR B 356 43.20 -17.28 -4.92
CA TYR B 356 42.82 -18.37 -4.03
C TYR B 356 44.05 -18.90 -3.29
N SER B 357 45.13 -19.17 -4.02
CA SER B 357 46.33 -19.73 -3.39
C SER B 357 46.91 -18.77 -2.36
N LYS B 358 47.06 -17.49 -2.72
CA LYS B 358 47.52 -16.49 -1.76
C LYS B 358 46.66 -16.52 -0.49
N LEU B 359 45.34 -16.55 -0.65
CA LEU B 359 44.45 -16.58 0.50
C LEU B 359 44.73 -17.78 1.40
N LEU B 360 44.85 -18.97 0.81
CA LEU B 360 45.08 -20.16 1.63
C LEU B 360 46.38 -20.05 2.40
N SER B 361 47.35 -19.32 1.86
CA SER B 361 48.65 -19.15 2.50
C SER B 361 48.61 -18.34 3.80
N GLU B 362 47.42 -17.97 4.27
CA GLU B 362 47.28 -17.31 5.57
C GLU B 362 46.14 -17.92 6.38
N LEU B 363 46.39 -18.10 7.68
CA LEU B 363 45.48 -18.74 8.62
C LEU B 363 45.42 -17.88 9.89
N GLU B 364 44.40 -18.04 10.73
CA GLU B 364 43.35 -19.07 10.66
C GLU B 364 41.98 -18.47 11.03
N THR C 5 -36.20 6.90 -17.51
CA THR C 5 -35.11 7.21 -16.58
C THR C 5 -33.98 6.19 -16.59
N ALA C 6 -32.77 6.66 -16.84
CA ALA C 6 -31.57 5.83 -16.77
C ALA C 6 -30.83 6.06 -15.46
N VAL C 7 -29.94 5.13 -15.13
CA VAL C 7 -29.04 5.29 -13.99
C VAL C 7 -27.65 4.82 -14.41
N GLY C 8 -26.68 5.74 -14.35
CA GLY C 8 -25.30 5.38 -14.63
C GLY C 8 -24.60 4.93 -13.36
N PHE C 9 -24.00 3.74 -13.43
CA PHE C 9 -23.27 3.21 -12.29
C PHE C 9 -22.27 2.19 -12.80
N ASP C 10 -21.19 2.02 -12.05
CA ASP C 10 -20.18 1.01 -12.31
C ASP C 10 -19.41 0.79 -11.01
N GLU C 11 -19.16 -0.47 -10.66
CA GLU C 11 -18.51 -0.77 -9.40
C GLU C 11 -17.01 -0.46 -9.41
N ARG C 12 -16.41 -0.27 -10.59
CA ARG C 12 -15.01 0.14 -10.62
C ARG C 12 -14.77 1.56 -10.11
N MET C 13 -15.81 2.38 -9.98
CA MET C 13 -15.68 3.65 -9.26
C MET C 13 -15.56 3.45 -7.75
N LEU C 14 -15.88 2.26 -7.23
CA LEU C 14 -15.60 1.96 -5.83
C LEU C 14 -14.12 1.79 -5.56
N LEU C 15 -13.29 1.56 -6.59
CA LEU C 15 -11.86 1.32 -6.34
C LEU C 15 -11.10 2.58 -5.93
N HIS C 16 -11.64 3.76 -6.20
CA HIS C 16 -11.02 5.03 -5.81
C HIS C 16 -11.17 5.23 -4.30
N SER C 17 -10.07 5.23 -3.57
CA SER C 17 -10.12 5.41 -2.12
C SER C 17 -8.76 5.87 -1.63
N GLU C 18 -8.73 6.37 -0.40
CA GLU C 18 -7.43 6.72 0.12
C GLU C 18 -6.64 5.45 0.40
N PHE C 19 -5.34 5.65 0.62
CA PHE C 19 -4.40 4.55 0.50
C PHE C 19 -4.50 3.60 1.69
N GLU C 20 -4.71 4.14 2.89
CA GLU C 20 -4.76 3.36 4.11
C GLU C 20 -5.63 4.10 5.11
N VAL C 21 -6.08 3.37 6.13
CA VAL C 21 -6.91 3.98 7.16
C VAL C 21 -6.04 4.94 7.98
N LYS C 22 -6.60 6.09 8.28
CA LYS C 22 -5.89 7.19 8.94
C LYS C 22 -6.67 7.61 10.18
N ALA C 23 -6.01 8.40 11.03
CA ALA C 23 -6.69 8.95 12.20
C ALA C 23 -7.90 9.77 11.78
N GLN C 24 -7.75 10.60 10.74
CA GLN C 24 -8.85 11.40 10.19
C GLN C 24 -9.28 10.82 8.85
N PRO C 25 -10.23 9.89 8.82
CA PRO C 25 -10.61 9.25 7.55
C PRO C 25 -11.27 10.23 6.60
N HIS C 26 -11.00 10.03 5.30
CA HIS C 26 -11.52 10.93 4.28
C HIS C 26 -13.03 10.76 4.12
N PRO C 27 -13.80 11.85 4.11
CA PRO C 27 -15.26 11.72 3.90
C PRO C 27 -15.65 11.28 2.49
N GLU C 28 -14.81 11.50 1.48
CA GLU C 28 -15.17 11.10 0.13
C GLU C 28 -14.65 9.68 -0.10
N ARG C 29 -15.53 8.70 0.10
CA ARG C 29 -15.17 7.30 0.25
C ARG C 29 -16.13 6.42 -0.53
N PRO C 30 -15.71 5.21 -0.90
CA PRO C 30 -16.57 4.34 -1.73
C PRO C 30 -17.91 3.99 -1.08
N ASP C 31 -18.03 4.08 0.24
CA ASP C 31 -19.29 3.77 0.91
C ASP C 31 -20.43 4.65 0.40
N ARG C 32 -20.13 5.93 0.10
CA ARG C 32 -21.16 6.82 -0.44
C ARG C 32 -21.93 6.17 -1.58
N LEU C 33 -21.23 5.57 -2.54
CA LEU C 33 -21.92 4.88 -3.63
C LEU C 33 -22.57 3.59 -3.16
N ARG C 34 -22.00 2.94 -2.12
CA ARG C 34 -22.56 1.68 -1.65
C ARG C 34 -23.88 1.90 -0.91
N ALA C 35 -23.96 2.97 -0.13
CA ALA C 35 -25.19 3.26 0.58
C ALA C 35 -26.33 3.60 -0.39
N ILE C 36 -26.05 4.44 -1.41
CA ILE C 36 -27.10 4.82 -2.35
C ILE C 36 -27.57 3.60 -3.13
N ALA C 37 -26.63 2.82 -3.67
CA ALA C 37 -27.02 1.67 -4.47
C ALA C 37 -27.83 0.68 -3.65
N ALA C 38 -27.61 0.64 -2.33
CA ALA C 38 -28.38 -0.24 -1.45
C ALA C 38 -29.80 0.29 -1.28
N SER C 39 -29.92 1.53 -0.77
CA SER C 39 -31.24 2.13 -0.63
C SER C 39 -32.02 2.14 -1.94
N LEU C 40 -31.33 2.29 -3.06
CA LEU C 40 -32.00 2.14 -4.35
C LEU C 40 -32.43 0.69 -4.57
N ALA C 41 -31.59 -0.27 -4.18
CA ALA C 41 -31.91 -1.68 -4.46
C ALA C 41 -33.16 -2.11 -3.70
N THR C 42 -33.23 -1.77 -2.41
CA THR C 42 -34.37 -2.17 -1.59
C THR C 42 -35.69 -1.69 -2.18
N ALA C 43 -35.74 -0.43 -2.61
CA ALA C 43 -36.95 0.13 -3.22
C ALA C 43 -37.01 -0.10 -4.72
N GLY C 44 -36.29 -1.11 -5.24
CA GLY C 44 -36.03 -1.33 -6.65
C GLY C 44 -37.04 -0.79 -7.64
N VAL C 45 -36.68 0.15 -8.51
CA VAL C 45 -35.32 0.67 -8.80
C VAL C 45 -34.54 1.23 -7.59
N PHE C 46 -33.22 1.01 -7.52
CA PHE C 46 -32.35 0.45 -8.58
C PHE C 46 -31.59 -0.81 -8.16
N PRO C 47 -31.67 -1.88 -8.96
CA PRO C 47 -32.35 -2.01 -10.27
C PRO C 47 -33.86 -2.24 -10.17
N GLY C 48 -34.55 -2.04 -11.30
CA GLY C 48 -35.99 -2.16 -11.36
C GLY C 48 -36.60 -1.23 -12.39
N ARG C 49 -37.08 -0.06 -11.95
CA ARG C 49 -37.77 0.87 -12.82
C ARG C 49 -36.85 1.64 -13.77
N CYS C 50 -35.56 1.74 -13.48
CA CYS C 50 -34.64 2.55 -14.30
C CYS C 50 -33.78 1.67 -15.17
N LEU C 51 -33.52 2.17 -16.38
CA LEU C 51 -32.62 1.55 -17.32
C LEU C 51 -31.18 1.61 -16.80
N PRO C 52 -30.37 0.59 -17.09
CA PRO C 52 -28.92 0.72 -16.87
C PRO C 52 -28.16 0.94 -18.17
N ILE C 53 -27.22 1.88 -18.17
CA ILE C 53 -26.40 2.16 -19.34
C ILE C 53 -25.07 1.43 -19.21
N ASN C 54 -24.46 1.10 -20.34
CA ASN C 54 -23.14 0.49 -20.30
C ASN C 54 -22.10 1.57 -20.04
N ALA C 55 -21.20 1.30 -19.10
CA ALA C 55 -20.20 2.28 -18.69
C ALA C 55 -19.04 2.27 -19.68
N ARG C 56 -18.75 3.44 -20.24
CA ARG C 56 -17.62 3.64 -21.13
C ARG C 56 -16.66 4.62 -20.46
N GLU C 57 -15.36 4.41 -20.65
CA GLU C 57 -14.38 5.38 -20.20
C GLU C 57 -14.38 6.59 -21.15
N ILE C 58 -14.59 7.78 -20.59
CA ILE C 58 -14.44 9.02 -21.35
C ILE C 58 -13.11 8.99 -22.08
N THR C 59 -13.05 9.58 -23.27
CA THR C 59 -11.81 9.69 -24.04
C THR C 59 -11.10 11.00 -23.72
N LYS C 60 -9.81 11.06 -24.08
CA LYS C 60 -9.07 12.30 -23.86
C LYS C 60 -9.66 13.43 -24.71
N GLN C 61 -10.08 13.12 -25.95
CA GLN C 61 -10.64 14.13 -26.84
C GLN C 61 -11.85 14.83 -26.21
N GLU C 62 -12.71 14.07 -25.52
CA GLU C 62 -13.85 14.67 -24.84
C GLU C 62 -13.41 15.48 -23.63
N LEU C 63 -12.52 14.92 -22.81
CA LEU C 63 -12.08 15.59 -21.59
C LEU C 63 -11.43 16.93 -21.91
N GLN C 64 -10.71 17.00 -23.03
CA GLN C 64 -10.01 18.21 -23.44
C GLN C 64 -10.93 19.30 -23.97
N MET C 65 -12.21 19.02 -24.17
CA MET C 65 -13.15 20.11 -24.39
C MET C 65 -13.29 20.98 -23.15
N VAL C 66 -12.97 20.42 -21.97
CA VAL C 66 -13.15 21.10 -20.70
C VAL C 66 -11.80 21.42 -20.05
N HIS C 67 -10.88 20.45 -20.01
CA HIS C 67 -9.65 20.52 -19.23
C HIS C 67 -8.44 20.65 -20.15
N THR C 68 -7.40 21.31 -19.64
CA THR C 68 -6.11 21.35 -20.30
C THR C 68 -5.49 19.96 -20.39
N SER C 69 -4.62 19.77 -21.37
CA SER C 69 -3.89 18.51 -21.50
C SER C 69 -2.96 18.29 -20.31
N GLU C 70 -2.35 19.37 -19.81
CA GLU C 70 -1.60 19.30 -18.56
C GLU C 70 -2.41 18.53 -17.51
N HIS C 71 -3.67 18.92 -17.33
CA HIS C 71 -4.49 18.33 -16.26
C HIS C 71 -4.80 16.86 -16.56
N VAL C 72 -5.24 16.58 -17.80
CA VAL C 72 -5.63 15.23 -18.15
C VAL C 72 -4.47 14.26 -18.06
N ASP C 73 -3.24 14.72 -18.38
CA ASP C 73 -2.10 13.83 -18.30
C ASP C 73 -1.69 13.54 -16.87
N ALA C 74 -1.69 14.58 -16.02
CA ALA C 74 -1.41 14.38 -14.60
C ALA C 74 -2.36 13.37 -13.98
N VAL C 75 -3.66 13.46 -14.30
CA VAL C 75 -4.62 12.58 -13.63
C VAL C 75 -4.34 11.12 -13.98
N ASP C 76 -4.07 10.82 -15.24
CA ASP C 76 -3.93 9.39 -15.52
C ASP C 76 -2.52 8.86 -15.42
N THR C 77 -1.51 9.70 -15.20
CA THR C 77 -0.25 9.13 -14.79
C THR C 77 -0.29 8.63 -13.35
N THR C 78 -1.25 9.10 -12.52
CA THR C 78 -1.36 8.58 -11.16
C THR C 78 -1.71 7.10 -11.13
N SER C 79 -2.18 6.53 -12.24
CA SER C 79 -2.35 5.09 -12.24
C SER C 79 -1.02 4.35 -12.22
N GLN C 80 0.10 5.04 -12.45
CA GLN C 80 1.40 4.40 -12.36
C GLN C 80 2.06 4.56 -11.00
N LEU C 81 1.41 5.21 -10.04
CA LEU C 81 1.97 5.43 -8.71
C LEU C 81 1.18 4.62 -7.69
N LEU C 82 1.81 4.35 -6.55
CA LEU C 82 1.11 3.69 -5.46
C LEU C 82 -0.01 4.57 -4.92
N TYR C 83 0.30 5.81 -4.55
CA TYR C 83 -0.75 6.77 -4.22
C TYR C 83 -0.21 8.19 -4.40
N SER C 84 -1.13 9.14 -4.56
CA SER C 84 -0.70 10.51 -4.78
C SER C 84 -1.73 11.49 -4.26
N TYR C 85 -1.29 12.75 -4.13
CA TYR C 85 -2.14 13.83 -3.67
C TYR C 85 -1.99 14.99 -4.63
N PHE C 86 -3.10 15.41 -5.23
CA PHE C 86 -3.08 16.64 -6.02
C PHE C 86 -3.02 17.86 -5.12
N THR C 87 -3.73 17.80 -3.99
CA THR C 87 -3.75 18.84 -2.99
C THR C 87 -3.82 18.12 -1.65
N SER C 88 -3.84 18.90 -0.55
CA SER C 88 -3.91 18.29 0.77
C SER C 88 -5.04 17.31 0.91
N ASP C 89 -6.17 17.57 0.25
CA ASP C 89 -7.41 16.84 0.48
C ASP C 89 -7.92 16.08 -0.74
N THR C 90 -7.15 15.98 -1.82
CA THR C 90 -7.57 15.31 -3.04
C THR C 90 -6.56 14.21 -3.35
N TYR C 91 -6.94 12.96 -3.12
CA TYR C 91 -6.08 11.79 -3.27
C TYR C 91 -6.36 11.08 -4.58
N ALA C 92 -5.43 10.19 -4.93
CA ALA C 92 -5.58 9.21 -6.00
C ALA C 92 -4.80 7.96 -5.58
N ASN C 93 -5.31 6.79 -6.00
CA ASN C 93 -4.53 5.57 -5.98
C ASN C 93 -4.40 5.05 -7.43
N GLU C 94 -3.91 3.81 -7.58
CA GLU C 94 -3.74 3.20 -8.91
C GLU C 94 -5.00 3.23 -9.76
N TYR C 95 -6.17 3.18 -9.14
CA TYR C 95 -7.43 3.02 -9.86
C TYR C 95 -8.19 4.32 -10.04
N SER C 96 -7.66 5.43 -9.53
CA SER C 96 -8.40 6.69 -9.52
C SER C 96 -8.63 7.21 -10.94
N ALA C 97 -7.63 7.06 -11.80
CA ALA C 97 -7.74 7.57 -13.17
C ALA C 97 -8.86 6.87 -13.94
N ARG C 98 -8.95 5.54 -13.82
CA ARG C 98 -10.06 4.83 -14.46
C ARG C 98 -11.39 5.22 -13.84
N ALA C 99 -11.47 5.29 -12.51
CA ALA C 99 -12.72 5.66 -11.86
C ALA C 99 -13.20 7.03 -12.37
N ALA C 100 -12.30 8.01 -12.42
CA ALA C 100 -12.68 9.32 -12.88
C ALA C 100 -13.03 9.30 -14.36
N ARG C 101 -12.41 8.41 -15.14
CA ARG C 101 -12.76 8.29 -16.55
C ARG C 101 -14.14 7.64 -16.72
N LEU C 102 -14.46 6.65 -15.87
CA LEU C 102 -15.79 6.06 -15.90
C LEU C 102 -16.86 7.05 -15.47
N ALA C 103 -16.61 7.82 -14.41
CA ALA C 103 -17.61 8.80 -13.98
C ALA C 103 -17.92 9.79 -15.09
N ALA C 104 -16.88 10.27 -15.78
CA ALA C 104 -17.08 11.22 -16.88
C ALA C 104 -17.71 10.53 -18.08
N GLY C 105 -17.30 9.30 -18.39
CA GLY C 105 -17.90 8.56 -19.49
C GLY C 105 -19.38 8.28 -19.26
N LEU C 106 -19.76 7.97 -18.01
CA LEU C 106 -21.16 7.73 -17.70
C LEU C 106 -21.98 8.99 -17.91
N CYS C 107 -21.52 10.11 -17.33
CA CYS C 107 -22.18 11.40 -17.53
C CYS C 107 -22.28 11.78 -19.00
N ALA C 108 -21.23 11.50 -19.77
CA ALA C 108 -21.26 11.88 -21.17
C ALA C 108 -22.26 11.04 -21.96
N ASP C 109 -22.35 9.74 -21.65
CA ASP C 109 -23.26 8.86 -22.38
C ASP C 109 -24.71 9.04 -21.94
N LEU C 110 -24.95 9.48 -20.70
CA LEU C 110 -26.28 9.92 -20.33
C LEU C 110 -26.65 11.21 -21.04
N ALA C 111 -25.72 12.17 -21.06
CA ALA C 111 -25.99 13.46 -21.67
C ALA C 111 -26.36 13.31 -23.15
N THR C 112 -25.64 12.45 -23.87
CA THR C 112 -26.02 12.23 -25.27
C THR C 112 -27.40 11.58 -25.36
N ASP C 113 -27.65 10.55 -24.55
CA ASP C 113 -28.91 9.83 -24.65
C ASP C 113 -30.09 10.69 -24.21
N ILE C 114 -29.94 11.42 -23.11
CA ILE C 114 -31.07 12.19 -22.58
C ILE C 114 -31.43 13.33 -23.52
N PHE C 115 -30.44 14.02 -24.05
CA PHE C 115 -30.70 15.15 -24.95
C PHE C 115 -31.30 14.67 -26.27
N THR C 116 -30.75 13.62 -26.84
CA THR C 116 -31.26 13.07 -28.09
C THR C 116 -32.55 12.25 -27.88
N GLY C 117 -33.14 12.32 -26.71
CA GLY C 117 -34.45 11.75 -26.47
C GLY C 117 -34.48 10.25 -26.31
N ARG C 118 -33.33 9.57 -26.29
CA ARG C 118 -33.31 8.14 -26.06
C ARG C 118 -33.79 7.74 -24.67
N VAL C 119 -33.93 8.68 -23.75
CA VAL C 119 -34.62 8.43 -22.48
C VAL C 119 -35.00 9.78 -21.89
N LYS C 120 -36.05 9.79 -21.08
CA LYS C 120 -36.55 11.05 -20.53
C LYS C 120 -35.48 11.74 -19.70
N ASN C 121 -34.92 11.02 -18.74
CA ASN C 121 -33.98 11.64 -17.81
C ASN C 121 -33.03 10.57 -17.30
N GLY C 122 -32.27 10.91 -16.26
CA GLY C 122 -31.19 10.03 -15.83
C GLY C 122 -30.52 10.53 -14.57
N PHE C 123 -29.91 9.58 -13.87
CA PHE C 123 -29.13 9.85 -12.66
C PHE C 123 -27.76 9.21 -12.86
N ALA C 124 -26.71 10.02 -12.77
CA ALA C 124 -25.34 9.54 -12.85
C ALA C 124 -24.83 9.34 -11.43
N LEU C 125 -24.66 8.08 -11.04
CA LEU C 125 -24.33 7.71 -9.67
C LEU C 125 -22.82 7.45 -9.62
N VAL C 126 -22.05 8.54 -9.49
CA VAL C 126 -20.64 8.54 -9.86
C VAL C 126 -19.75 9.03 -8.72
N ARG C 127 -18.51 8.57 -8.75
CA ARG C 127 -17.43 8.89 -7.85
C ARG C 127 -16.20 8.90 -8.73
N PRO C 128 -15.25 9.83 -8.52
CA PRO C 128 -15.25 10.96 -7.59
C PRO C 128 -16.13 12.10 -8.12
N PRO C 129 -16.44 13.08 -7.28
CA PRO C 129 -17.24 14.20 -7.76
C PRO C 129 -16.45 15.10 -8.70
N GLY C 130 -17.09 16.16 -9.21
CA GLY C 130 -16.49 16.96 -10.26
C GLY C 130 -16.49 18.47 -10.12
N HIS C 131 -17.42 19.03 -9.34
CA HIS C 131 -17.72 20.45 -9.55
C HIS C 131 -16.61 21.39 -9.08
N HIS C 132 -15.63 20.90 -8.30
CA HIS C 132 -14.47 21.72 -7.94
C HIS C 132 -13.28 21.59 -8.90
N ALA C 133 -13.29 20.63 -9.82
CA ALA C 133 -12.19 20.54 -10.78
C ALA C 133 -12.32 21.65 -11.81
N GLY C 134 -11.28 22.46 -11.95
CA GLY C 134 -11.25 23.53 -12.93
C GLY C 134 -10.59 23.11 -14.23
N VAL C 135 -10.23 24.11 -15.05
CA VAL C 135 -9.58 23.81 -16.32
C VAL C 135 -8.27 23.08 -16.09
N ARG C 136 -7.62 23.33 -14.95
CA ARG C 136 -6.23 22.97 -14.72
C ARG C 136 -5.97 22.29 -13.38
N HIS C 137 -6.91 22.32 -12.44
CA HIS C 137 -6.70 21.86 -11.07
C HIS C 137 -7.67 20.75 -10.71
N ALA C 138 -7.13 19.62 -10.23
CA ALA C 138 -7.91 18.68 -9.44
C ALA C 138 -7.91 19.17 -7.98
N MET C 139 -9.08 19.36 -7.40
CA MET C 139 -9.14 19.84 -6.02
C MET C 139 -10.53 19.61 -5.43
N GLY C 140 -10.63 19.80 -4.12
CA GLY C 140 -11.89 19.58 -3.41
C GLY C 140 -12.51 18.22 -3.65
N PHE C 141 -11.70 17.17 -3.68
CA PHE C 141 -12.10 15.76 -3.85
C PHE C 141 -12.37 15.44 -5.32
N CYS C 142 -12.25 16.39 -6.22
CA CYS C 142 -12.70 16.24 -7.60
C CYS C 142 -11.51 16.12 -8.53
N LEU C 143 -11.57 15.17 -9.46
CA LEU C 143 -10.50 14.93 -10.42
C LEU C 143 -10.81 15.50 -11.80
N HIS C 144 -11.96 15.14 -12.37
CA HIS C 144 -12.46 15.67 -13.63
C HIS C 144 -13.85 16.25 -13.39
N ASN C 145 -14.20 17.30 -14.14
CA ASN C 145 -15.44 18.01 -13.86
C ASN C 145 -16.56 17.38 -14.69
N ASN C 146 -17.34 16.51 -14.04
CA ASN C 146 -18.33 15.69 -14.72
C ASN C 146 -19.44 16.52 -15.34
N ALA C 147 -20.01 17.45 -14.56
CA ALA C 147 -21.03 18.34 -15.08
C ALA C 147 -20.53 19.11 -16.31
N ALA C 148 -19.34 19.71 -16.21
CA ALA C 148 -18.80 20.46 -17.35
C ALA C 148 -18.63 19.56 -18.57
N VAL C 149 -18.16 18.32 -18.37
CA VAL C 149 -18.00 17.41 -19.50
C VAL C 149 -19.35 17.09 -20.12
N ALA C 150 -20.38 16.93 -19.29
CA ALA C 150 -21.70 16.61 -19.82
C ALA C 150 -22.29 17.78 -20.60
N ALA C 151 -22.07 19.01 -20.13
CA ALA C 151 -22.59 20.16 -20.86
C ALA C 151 -21.94 20.28 -22.24
N LEU C 152 -20.64 20.04 -22.33
CA LEU C 152 -19.98 20.22 -23.60
C LEU C 152 -20.25 19.06 -24.54
N VAL C 153 -20.46 17.86 -24.01
CA VAL C 153 -20.88 16.75 -24.83
C VAL C 153 -22.29 16.98 -25.34
N ALA C 154 -23.15 17.56 -24.50
CA ALA C 154 -24.50 17.90 -24.93
C ALA C 154 -24.48 18.90 -26.07
N GLN C 155 -23.69 19.97 -25.93
CA GLN C 155 -23.59 20.95 -27.01
C GLN C 155 -23.08 20.32 -28.28
N ALA C 156 -22.04 19.48 -28.18
CA ALA C 156 -21.52 18.80 -29.35
C ALA C 156 -22.59 17.95 -30.04
N ALA C 157 -23.64 17.57 -29.33
CA ALA C 157 -24.78 16.89 -29.94
C ALA C 157 -25.89 17.86 -30.34
N GLY C 158 -25.58 19.17 -30.41
CA GLY C 158 -26.52 20.14 -30.90
C GLY C 158 -27.33 20.89 -29.86
N ALA C 159 -27.09 20.64 -28.58
CA ALA C 159 -27.73 21.45 -27.53
C ALA C 159 -27.12 22.84 -27.55
N LYS C 160 -27.92 23.86 -27.89
CA LYS C 160 -27.34 25.18 -28.04
C LYS C 160 -27.21 25.92 -26.73
N LYS C 161 -28.02 25.58 -25.73
CA LYS C 161 -28.03 26.29 -24.47
C LYS C 161 -28.23 25.29 -23.33
N VAL C 162 -27.31 25.32 -22.38
CA VAL C 162 -27.25 24.33 -21.31
C VAL C 162 -27.34 25.05 -19.98
N LEU C 163 -28.19 24.56 -19.10
CA LEU C 163 -28.28 25.06 -17.73
C LEU C 163 -27.71 24.02 -16.79
N ILE C 164 -26.90 24.48 -15.85
CA ILE C 164 -26.39 23.67 -14.76
C ILE C 164 -26.87 24.29 -13.47
N VAL C 165 -27.65 23.53 -12.70
CA VAL C 165 -28.06 23.95 -11.37
C VAL C 165 -27.25 23.14 -10.35
N ASP C 166 -26.57 23.84 -9.46
CA ASP C 166 -25.61 23.23 -8.55
C ASP C 166 -26.11 23.51 -7.14
N TRP C 167 -26.74 22.52 -6.50
CA TRP C 167 -27.22 22.70 -5.14
C TRP C 167 -26.37 21.99 -4.09
N ASP C 168 -25.18 21.48 -4.47
CA ASP C 168 -24.18 21.06 -3.50
C ASP C 168 -23.93 22.20 -2.51
N VAL C 169 -23.64 21.85 -1.26
CA VAL C 169 -23.51 22.91 -0.26
C VAL C 169 -22.33 23.83 -0.55
N HIS C 170 -21.38 23.40 -1.36
CA HIS C 170 -20.23 24.23 -1.69
C HIS C 170 -20.40 24.82 -3.09
N HIS C 171 -19.86 26.01 -3.28
CA HIS C 171 -19.77 26.61 -4.60
C HIS C 171 -18.96 25.71 -5.54
N GLY C 172 -19.46 25.53 -6.76
CA GLY C 172 -18.69 24.83 -7.77
C GLY C 172 -17.68 25.73 -8.45
N ASN C 173 -16.59 26.08 -7.75
CA ASN C 173 -15.59 27.01 -8.30
C ASN C 173 -14.98 26.49 -9.57
N GLY C 174 -14.81 25.17 -9.69
CA GLY C 174 -14.31 24.60 -10.93
C GLY C 174 -15.27 24.86 -12.07
N THR C 175 -16.54 24.53 -11.87
CA THR C 175 -17.53 24.71 -12.93
C THR C 175 -17.60 26.17 -13.36
N GLN C 176 -17.62 27.09 -12.40
CA GLN C 176 -17.69 28.51 -12.74
C GLN C 176 -16.48 28.93 -13.55
N GLU C 177 -15.29 28.47 -13.14
CA GLU C 177 -14.08 28.86 -13.85
C GLU C 177 -14.13 28.40 -15.30
N ILE C 178 -14.60 27.17 -15.54
CA ILE C 178 -14.70 26.66 -16.90
C ILE C 178 -15.61 27.54 -17.74
N PHE C 179 -16.71 28.03 -17.16
CA PHE C 179 -17.75 28.72 -17.92
C PHE C 179 -17.82 30.20 -17.61
N GLU C 180 -16.79 30.78 -16.99
CA GLU C 180 -16.86 32.17 -16.55
C GLU C 180 -17.15 33.10 -17.72
N GLN C 181 -16.60 32.81 -18.90
CA GLN C 181 -16.76 33.67 -20.06
C GLN C 181 -17.85 33.21 -21.02
N ASN C 182 -18.35 31.98 -20.90
CA ASN C 182 -19.33 31.47 -21.85
C ASN C 182 -20.74 31.89 -21.46
N LYS C 183 -21.51 32.33 -22.45
CA LYS C 183 -22.92 32.62 -22.27
C LYS C 183 -23.84 31.54 -22.84
N SER C 184 -23.29 30.53 -23.52
CA SER C 184 -24.09 29.40 -23.99
C SER C 184 -24.42 28.41 -22.89
N VAL C 185 -23.84 28.56 -21.70
CA VAL C 185 -24.07 27.70 -20.56
C VAL C 185 -24.42 28.59 -19.39
N LEU C 186 -25.54 28.29 -18.73
CA LEU C 186 -25.97 29.07 -17.58
C LEU C 186 -25.67 28.27 -16.30
N TYR C 187 -24.92 28.88 -15.39
CA TYR C 187 -24.51 28.22 -14.17
C TYR C 187 -25.15 28.93 -12.99
N ILE C 188 -26.01 28.21 -12.27
CA ILE C 188 -26.68 28.75 -11.09
C ILE C 188 -26.28 27.91 -9.90
N SER C 189 -25.68 28.55 -8.91
CA SER C 189 -25.14 27.85 -7.76
C SER C 189 -25.80 28.36 -6.49
N LEU C 190 -26.34 27.44 -5.70
CA LEU C 190 -26.80 27.72 -4.35
C LEU C 190 -25.81 27.08 -3.40
N HIS C 191 -25.21 27.88 -2.52
CA HIS C 191 -24.17 27.34 -1.67
C HIS C 191 -24.05 28.17 -0.41
N ARG C 192 -23.64 27.51 0.66
CA ARG C 192 -23.21 28.22 1.86
C ARG C 192 -21.94 29.01 1.56
N HIS C 193 -21.86 30.22 2.09
CA HIS C 193 -20.77 31.10 1.70
C HIS C 193 -20.20 31.87 2.87
N GLU C 194 -21.05 32.30 3.79
CA GLU C 194 -20.67 32.98 5.02
C GLU C 194 -19.51 33.96 4.77
N GLY C 195 -19.75 34.89 3.84
CA GLY C 195 -18.81 35.95 3.59
C GLY C 195 -17.47 35.52 3.01
N GLY C 196 -17.37 34.30 2.48
CA GLY C 196 -16.12 33.82 1.93
C GLY C 196 -15.24 33.04 2.89
N ASN C 197 -15.82 32.49 3.96
CA ASN C 197 -15.08 31.65 4.90
C ASN C 197 -15.50 30.21 4.87
N PHE C 198 -16.56 29.87 4.13
CA PHE C 198 -16.91 28.48 3.89
C PHE C 198 -16.26 28.03 2.59
N TYR C 199 -15.59 26.87 2.65
CA TYR C 199 -14.90 26.32 1.50
C TYR C 199 -15.82 26.30 0.29
N PRO C 200 -15.36 26.75 -0.89
CA PRO C 200 -13.98 27.15 -1.14
C PRO C 200 -13.78 28.66 -1.10
N GLY C 201 -14.67 29.35 -0.41
CA GLY C 201 -14.59 30.79 -0.30
C GLY C 201 -14.86 31.56 -1.58
N THR C 202 -15.35 30.91 -2.62
CA THR C 202 -15.65 31.59 -3.87
C THR C 202 -17.16 31.72 -4.01
N GLY C 203 -17.60 32.21 -5.16
CA GLY C 203 -19.03 32.30 -5.41
C GLY C 203 -19.75 33.35 -4.58
N ALA C 204 -19.16 34.53 -4.44
CA ALA C 204 -19.89 35.67 -3.89
C ALA C 204 -21.08 36.02 -4.79
N ALA C 205 -22.01 36.79 -4.23
CA ALA C 205 -23.20 37.19 -4.97
C ALA C 205 -22.86 38.05 -6.17
N ASP C 206 -21.86 38.93 -6.03
CA ASP C 206 -21.49 39.85 -7.11
C ASP C 206 -20.57 39.20 -8.14
N GLU C 207 -20.35 37.89 -8.06
CA GLU C 207 -19.43 37.23 -8.98
C GLU C 207 -20.22 36.59 -10.13
N VAL C 208 -20.79 37.46 -10.94
CA VAL C 208 -21.45 37.05 -12.18
C VAL C 208 -20.35 36.69 -13.17
N GLY C 209 -20.71 36.39 -14.41
CA GLY C 209 -19.67 36.05 -15.37
C GLY C 209 -18.68 37.17 -15.70
N SER C 210 -17.99 37.02 -16.83
CA SER C 210 -16.96 37.93 -17.30
C SER C 210 -16.30 37.34 -18.54
N ASN C 211 -16.10 38.12 -19.61
CA ASN C 211 -16.66 39.44 -19.79
C ASN C 211 -17.82 39.22 -20.77
N GLY C 212 -17.56 38.35 -21.76
CA GLY C 212 -18.63 37.95 -22.67
C GLY C 212 -19.82 37.32 -21.97
N GLY C 213 -19.62 36.77 -20.78
CA GLY C 213 -20.68 36.04 -20.12
C GLY C 213 -21.15 36.61 -18.79
N GLU C 214 -21.13 37.93 -18.64
CA GLU C 214 -21.62 38.53 -17.40
C GLU C 214 -23.10 38.24 -17.24
N GLY C 215 -23.53 38.01 -16.00
CA GLY C 215 -24.90 37.62 -15.73
C GLY C 215 -25.21 36.15 -15.95
N TYR C 216 -24.30 35.36 -16.53
CA TYR C 216 -24.54 33.93 -16.76
C TYR C 216 -23.91 33.03 -15.69
N CYS C 217 -23.35 33.59 -14.62
CA CYS C 217 -23.06 32.84 -13.40
C CYS C 217 -23.88 33.45 -12.28
N VAL C 218 -24.76 32.66 -11.69
CA VAL C 218 -25.72 33.15 -10.71
C VAL C 218 -25.41 32.48 -9.38
N ASN C 219 -24.91 33.25 -8.42
CA ASN C 219 -24.50 32.72 -7.14
C ASN C 219 -25.47 33.13 -6.04
N VAL C 220 -25.98 32.15 -5.31
CA VAL C 220 -26.88 32.38 -4.18
C VAL C 220 -26.14 32.05 -2.88
N PRO C 221 -25.43 33.00 -2.27
CA PRO C 221 -24.55 32.67 -1.15
C PRO C 221 -25.20 32.79 0.22
N TRP C 222 -25.49 31.66 0.88
CA TRP C 222 -26.17 31.67 2.17
C TRP C 222 -25.43 32.49 3.23
N SER C 223 -26.21 33.17 4.06
CA SER C 223 -25.67 33.92 5.20
C SER C 223 -24.94 33.00 6.17
N CYS C 224 -25.49 31.81 6.40
CA CYS C 224 -25.24 31.08 7.63
C CYS C 224 -25.42 29.60 7.40
N GLY C 225 -25.29 28.83 8.48
CA GLY C 225 -25.59 27.41 8.46
C GLY C 225 -27.03 27.13 8.83
N GLY C 226 -27.36 25.83 8.84
CA GLY C 226 -28.72 25.44 9.16
C GLY C 226 -29.75 25.85 8.14
N VAL C 227 -29.33 26.10 6.89
CA VAL C 227 -30.27 26.43 5.84
C VAL C 227 -31.21 25.26 5.59
N GLY C 228 -32.50 25.57 5.44
CA GLY C 228 -33.50 24.53 5.39
C GLY C 228 -34.35 24.50 4.13
N ASP C 229 -35.36 23.64 4.13
CA ASP C 229 -36.20 23.46 2.96
C ASP C 229 -36.85 24.75 2.52
N LYS C 230 -37.28 25.58 3.49
CA LYS C 230 -38.01 26.79 3.15
C LYS C 230 -37.18 27.73 2.30
N ASP C 231 -35.95 28.02 2.75
CA ASP C 231 -35.11 28.96 2.01
C ASP C 231 -34.82 28.47 0.60
N TYR C 232 -34.51 27.17 0.44
CA TYR C 232 -34.14 26.68 -0.89
C TYR C 232 -35.29 26.80 -1.86
N ILE C 233 -36.50 26.40 -1.46
CA ILE C 233 -37.63 26.53 -2.37
C ILE C 233 -37.96 27.99 -2.61
N PHE C 234 -37.75 28.84 -1.60
CA PHE C 234 -37.96 30.27 -1.79
C PHE C 234 -37.06 30.80 -2.91
N ALA C 235 -35.78 30.41 -2.90
CA ALA C 235 -34.85 30.91 -3.90
C ALA C 235 -35.07 30.23 -5.25
N PHE C 236 -35.59 29.01 -5.24
CA PHE C 236 -35.88 28.35 -6.51
C PHE C 236 -37.02 29.06 -7.25
N GLN C 237 -38.02 29.56 -6.52
CA GLN C 237 -39.17 30.18 -7.18
C GLN C 237 -39.00 31.69 -7.37
N HIS C 238 -38.02 32.31 -6.71
CA HIS C 238 -37.75 33.73 -6.90
C HIS C 238 -36.47 34.02 -7.67
N VAL C 239 -35.58 33.04 -7.84
CA VAL C 239 -34.31 33.30 -8.50
C VAL C 239 -34.07 32.27 -9.59
N VAL C 240 -33.92 31.00 -9.22
CA VAL C 240 -33.52 29.97 -10.17
C VAL C 240 -34.51 29.88 -11.31
N LEU C 241 -35.76 29.49 -11.01
CA LEU C 241 -36.75 29.28 -12.06
C LEU C 241 -37.02 30.54 -12.90
N PRO C 242 -37.16 31.74 -12.32
CA PRO C 242 -37.25 32.94 -13.18
C PRO C 242 -36.09 33.05 -14.15
N ILE C 243 -34.85 33.04 -13.64
CA ILE C 243 -33.68 33.16 -14.52
C ILE C 243 -33.58 31.98 -15.47
N ALA C 244 -33.95 30.79 -15.01
CA ALA C 244 -33.91 29.63 -15.88
C ALA C 244 -34.94 29.76 -17.00
N SER C 245 -36.14 30.25 -16.68
CA SER C 245 -37.19 30.40 -17.69
C SER C 245 -36.78 31.39 -18.77
N ALA C 246 -36.24 32.55 -18.37
CA ALA C 246 -35.72 33.50 -19.34
C ALA C 246 -34.63 32.87 -20.21
N PHE C 247 -33.80 32.00 -19.61
CA PHE C 247 -32.74 31.35 -20.38
C PHE C 247 -33.33 30.42 -21.42
N SER C 248 -34.31 29.59 -21.04
CA SER C 248 -34.91 28.64 -21.97
C SER C 248 -33.85 27.68 -22.50
N PRO C 249 -33.45 26.68 -21.71
CA PRO C 249 -32.35 25.79 -22.12
C PRO C 249 -32.81 24.59 -22.92
N ASP C 250 -31.89 24.08 -23.73
CA ASP C 250 -32.13 22.81 -24.41
C ASP C 250 -31.87 21.61 -23.52
N PHE C 251 -30.90 21.72 -22.61
CA PHE C 251 -30.51 20.61 -21.75
C PHE C 251 -30.28 21.14 -20.34
N VAL C 252 -30.75 20.39 -19.34
CA VAL C 252 -30.65 20.78 -17.94
C VAL C 252 -29.81 19.74 -17.18
N ILE C 253 -28.80 20.22 -16.45
CA ILE C 253 -27.94 19.40 -15.61
C ILE C 253 -28.07 19.87 -14.17
N ILE C 254 -28.27 18.93 -13.26
CA ILE C 254 -28.21 19.22 -11.84
C ILE C 254 -26.92 18.65 -11.27
N SER C 255 -26.06 19.53 -10.74
CA SER C 255 -24.92 19.07 -9.94
C SER C 255 -25.49 18.77 -8.57
N ALA C 256 -25.94 17.53 -8.38
CA ALA C 256 -26.68 17.16 -7.17
C ALA C 256 -25.71 16.66 -6.12
N GLY C 257 -25.20 17.57 -5.33
CA GLY C 257 -24.63 17.18 -4.07
C GLY C 257 -25.71 17.02 -3.03
N PHE C 258 -25.38 16.35 -1.94
CA PHE C 258 -26.34 16.18 -0.86
C PHE C 258 -25.70 16.49 0.47
N ASP C 259 -24.72 17.39 0.46
CA ASP C 259 -24.07 17.80 1.69
C ASP C 259 -24.70 19.05 2.29
N ALA C 260 -25.78 19.56 1.71
CA ALA C 260 -26.66 20.49 2.41
C ALA C 260 -27.78 19.77 3.16
N ALA C 261 -27.74 18.43 3.22
CA ALA C 261 -28.81 17.64 3.82
C ALA C 261 -28.74 17.65 5.33
N ARG C 262 -29.86 17.26 5.93
CA ARG C 262 -29.97 17.14 7.39
C ARG C 262 -29.01 16.06 7.88
N GLY C 263 -28.07 16.45 8.75
CA GLY C 263 -27.12 15.51 9.34
C GLY C 263 -25.77 15.42 8.66
N ASP C 264 -25.57 16.09 7.53
CA ASP C 264 -24.29 16.01 6.84
C ASP C 264 -23.20 16.66 7.71
N PRO C 265 -22.04 16.03 7.87
CA PRO C 265 -21.01 16.57 8.78
C PRO C 265 -20.21 17.71 8.19
N LEU C 266 -20.27 17.93 6.87
CA LEU C 266 -19.52 19.01 6.25
C LEU C 266 -20.37 20.24 5.99
N GLY C 267 -21.63 20.07 5.60
CA GLY C 267 -22.46 21.21 5.29
C GLY C 267 -23.16 21.83 6.49
N CYS C 268 -23.73 20.97 7.36
CA CYS C 268 -24.45 21.41 8.56
C CYS C 268 -25.66 22.27 8.20
N CYS C 269 -26.38 21.86 7.17
CA CYS C 269 -27.63 22.52 6.79
C CYS C 269 -28.76 21.51 6.93
N ASP C 270 -30.00 21.98 6.74
CA ASP C 270 -31.16 21.20 7.17
C ASP C 270 -32.09 20.81 6.02
N VAL C 271 -31.60 20.78 4.78
CA VAL C 271 -32.47 20.35 3.69
C VAL C 271 -32.85 18.89 3.91
N THR C 272 -34.07 18.56 3.50
CA THR C 272 -34.61 17.21 3.66
C THR C 272 -34.93 16.63 2.29
N PRO C 273 -35.21 15.33 2.19
CA PRO C 273 -35.63 14.77 0.89
C PRO C 273 -36.87 15.44 0.34
N ALA C 274 -37.71 16.02 1.20
CA ALA C 274 -38.81 16.84 0.72
C ALA C 274 -38.28 17.97 -0.14
N GLY C 275 -37.39 18.78 0.43
CA GLY C 275 -36.80 19.88 -0.32
C GLY C 275 -36.14 19.43 -1.62
N TYR C 276 -35.34 18.36 -1.55
CA TYR C 276 -34.66 17.91 -2.76
C TYR C 276 -35.67 17.48 -3.82
N SER C 277 -36.72 16.76 -3.41
CA SER C 277 -37.68 16.23 -4.36
C SER C 277 -38.48 17.34 -5.02
N ARG C 278 -38.93 18.31 -4.20
CA ARG C 278 -39.67 19.43 -4.78
C ARG C 278 -38.74 20.30 -5.63
N MET C 279 -37.50 20.52 -5.16
CA MET C 279 -36.54 21.22 -6.02
C MET C 279 -36.41 20.52 -7.37
N THR C 280 -36.41 19.19 -7.36
CA THR C 280 -36.32 18.46 -8.62
C THR C 280 -37.58 18.64 -9.47
N GLN C 281 -38.76 18.57 -8.84
CA GLN C 281 -40.00 18.77 -9.59
C GLN C 281 -40.04 20.15 -10.23
N MET C 282 -39.68 21.18 -9.47
CA MET C 282 -39.74 22.54 -9.99
C MET C 282 -38.92 22.67 -11.27
N LEU C 283 -37.68 22.16 -11.28
CA LEU C 283 -36.87 22.24 -12.49
C LEU C 283 -37.41 21.35 -13.60
N GLY C 284 -38.19 20.32 -13.25
CA GLY C 284 -38.84 19.50 -14.26
C GLY C 284 -39.82 20.28 -15.12
N ASP C 285 -40.35 21.40 -14.62
CA ASP C 285 -41.23 22.24 -15.40
C ASP C 285 -40.56 22.63 -16.72
N LEU C 286 -39.34 23.14 -16.63
CA LEU C 286 -38.51 23.34 -17.81
C LEU C 286 -38.22 22.00 -18.49
N CYS C 287 -38.16 22.01 -19.81
CA CYS C 287 -37.78 20.85 -20.62
C CYS C 287 -38.60 19.59 -20.33
N GLY C 288 -39.66 19.71 -19.54
CA GLY C 288 -40.56 18.59 -19.31
C GLY C 288 -39.94 17.45 -18.53
N GLY C 289 -39.20 17.76 -17.47
CA GLY C 289 -38.56 16.73 -16.68
C GLY C 289 -37.46 15.98 -17.38
N LYS C 290 -36.77 16.61 -18.31
CA LYS C 290 -35.68 16.00 -19.07
C LYS C 290 -34.35 16.51 -18.52
N MET C 291 -33.88 15.87 -17.45
CA MET C 291 -32.68 16.31 -16.77
C MET C 291 -31.68 15.18 -16.61
N LEU C 292 -30.41 15.57 -16.58
CA LEU C 292 -29.32 14.70 -16.14
C LEU C 292 -28.91 15.17 -14.75
N VAL C 293 -29.05 14.30 -13.76
CA VAL C 293 -28.68 14.61 -12.39
C VAL C 293 -27.38 13.88 -12.06
N ILE C 294 -26.40 14.63 -11.57
CA ILE C 294 -25.04 14.12 -11.37
C ILE C 294 -24.68 14.27 -9.92
N LEU C 295 -24.37 13.15 -9.28
CA LEU C 295 -23.98 13.12 -7.88
C LEU C 295 -22.67 13.86 -7.67
N GLU C 296 -22.65 14.79 -6.71
CA GLU C 296 -21.43 15.46 -6.29
C GLU C 296 -21.06 15.05 -4.86
N GLY C 297 -21.10 15.98 -3.91
CA GLY C 297 -20.81 15.68 -2.53
C GLY C 297 -22.00 15.07 -1.79
N GLY C 298 -21.89 15.08 -0.45
CA GLY C 298 -22.86 14.46 0.43
C GLY C 298 -22.29 13.29 1.21
N TYR C 299 -22.13 13.43 2.52
CA TYR C 299 -21.23 12.52 3.22
C TYR C 299 -21.85 11.71 4.35
N ASN C 300 -23.07 12.03 4.81
CA ASN C 300 -23.78 11.18 5.76
C ASN C 300 -24.53 10.10 5.00
N LEU C 301 -24.24 8.83 5.28
CA LEU C 301 -24.67 7.77 4.37
C LEU C 301 -26.20 7.65 4.31
N ARG C 302 -26.90 7.84 5.44
CA ARG C 302 -28.35 7.66 5.37
C ARG C 302 -29.04 8.86 4.74
N SER C 303 -28.55 10.08 5.01
CA SER C 303 -29.14 11.26 4.40
C SER C 303 -29.03 11.22 2.88
N ILE C 304 -27.85 10.87 2.36
CA ILE C 304 -27.68 10.92 0.91
C ILE C 304 -28.46 9.78 0.25
N SER C 305 -28.64 8.66 0.96
CA SER C 305 -29.48 7.59 0.41
C SER C 305 -30.94 8.01 0.40
N ALA C 306 -31.41 8.65 1.47
CA ALA C 306 -32.74 9.23 1.47
C ALA C 306 -32.93 10.19 0.30
N SER C 307 -32.09 11.22 0.24
CA SER C 307 -32.31 12.32 -0.70
C SER C 307 -32.12 11.89 -2.15
N ALA C 308 -31.13 11.04 -2.42
CA ALA C 308 -30.95 10.57 -3.79
C ALA C 308 -32.17 9.80 -4.27
N THR C 309 -32.73 8.96 -3.40
CA THR C 309 -33.92 8.18 -3.77
C THR C 309 -35.13 9.09 -4.00
N ALA C 310 -35.36 10.02 -3.06
CA ALA C 310 -36.35 11.07 -3.29
C ALA C 310 -36.22 11.67 -4.70
N VAL C 311 -34.99 11.95 -5.12
CA VAL C 311 -34.78 12.60 -6.41
C VAL C 311 -35.12 11.64 -7.55
N ILE C 312 -34.73 10.37 -7.45
CA ILE C 312 -34.89 9.49 -8.60
C ILE C 312 -36.35 9.14 -8.82
N LYS C 313 -37.14 9.06 -7.73
CA LYS C 313 -38.58 8.90 -7.84
C LYS C 313 -39.19 9.95 -8.76
N VAL C 314 -38.95 11.23 -8.44
CA VAL C 314 -39.48 12.35 -9.21
C VAL C 314 -39.22 12.17 -10.69
N LEU C 315 -37.98 11.83 -11.05
CA LEU C 315 -37.69 11.66 -12.47
C LEU C 315 -38.50 10.53 -13.09
N LEU C 316 -39.01 9.62 -12.27
CA LEU C 316 -39.90 8.57 -12.77
C LEU C 316 -41.34 9.08 -12.89
N GLY C 317 -41.91 9.57 -11.80
CA GLY C 317 -43.23 10.17 -11.80
C GLY C 317 -43.45 10.99 -10.55
N GLU C 318 -44.18 10.41 -9.59
CA GLU C 318 -44.29 10.93 -8.22
C GLU C 318 -44.37 12.46 -8.07
N SER C 331 -35.95 32.01 7.48
CA SER C 331 -36.40 32.67 6.28
C SER C 331 -35.79 34.08 6.22
N VAL C 332 -35.49 34.65 7.38
CA VAL C 332 -35.07 36.05 7.42
C VAL C 332 -33.73 36.23 6.74
N ALA C 333 -32.73 35.45 7.14
CA ALA C 333 -31.41 35.58 6.52
C ALA C 333 -31.44 35.09 5.07
N GLY C 334 -32.22 34.04 4.79
CA GLY C 334 -32.41 33.61 3.43
C GLY C 334 -33.13 34.64 2.57
N LEU C 335 -34.00 35.45 3.19
CA LEU C 335 -34.69 36.49 2.44
C LEU C 335 -33.72 37.54 1.91
N GLN C 336 -32.89 38.12 2.79
CA GLN C 336 -31.97 39.14 2.30
C GLN C 336 -31.06 38.59 1.23
N THR C 337 -30.54 37.37 1.44
CA THR C 337 -29.72 36.71 0.42
C THR C 337 -30.41 36.77 -0.95
N VAL C 338 -31.70 36.45 -1.00
CA VAL C 338 -32.41 36.46 -2.28
C VAL C 338 -32.48 37.87 -2.84
N LEU C 339 -32.83 38.85 -2.01
CA LEU C 339 -32.90 40.21 -2.54
C LEU C 339 -31.51 40.72 -2.90
N ASP C 340 -30.47 40.32 -2.15
CA ASP C 340 -29.10 40.63 -2.53
C ASP C 340 -28.78 40.11 -3.93
N VAL C 341 -29.24 38.90 -4.25
CA VAL C 341 -29.00 38.34 -5.58
C VAL C 341 -29.77 39.14 -6.62
N LEU C 342 -31.03 39.46 -6.33
CA LEU C 342 -31.90 40.13 -7.30
C LEU C 342 -31.36 41.52 -7.66
N ASN C 343 -30.93 42.29 -6.66
CA ASN C 343 -30.27 43.57 -6.94
C ASN C 343 -29.21 43.43 -8.01
N ILE C 344 -28.37 42.39 -7.87
CA ILE C 344 -27.22 42.20 -8.75
C ILE C 344 -27.66 41.67 -10.10
N GLN C 345 -28.58 40.71 -10.09
CA GLN C 345 -28.88 39.93 -11.28
C GLN C 345 -29.90 40.60 -12.19
N LEU C 346 -30.79 41.43 -11.63
CA LEU C 346 -31.87 42.01 -12.41
C LEU C 346 -31.35 42.88 -13.56
N GLU C 347 -30.15 43.44 -13.40
CA GLU C 347 -29.53 44.17 -14.50
C GLU C 347 -29.30 43.27 -15.71
N PHE C 348 -28.93 42.00 -15.48
CA PHE C 348 -28.74 41.08 -16.58
C PHE C 348 -29.99 40.28 -16.90
N TRP C 349 -30.98 40.30 -16.01
CA TRP C 349 -32.23 39.58 -16.23
C TRP C 349 -33.41 40.51 -15.93
N PRO C 350 -33.87 41.26 -16.94
CA PRO C 350 -34.99 42.18 -16.71
C PRO C 350 -36.24 41.50 -16.18
N SER C 351 -36.56 40.31 -16.70
CA SER C 351 -37.71 39.54 -16.22
C SER C 351 -37.70 39.31 -14.71
N LEU C 352 -36.59 39.61 -14.02
CA LEU C 352 -36.54 39.40 -12.58
C LEU C 352 -37.47 40.34 -11.83
N ALA C 353 -37.77 41.50 -12.42
CA ALA C 353 -38.63 42.46 -11.73
C ALA C 353 -39.98 41.85 -11.37
N ILE C 354 -40.48 40.93 -12.18
CA ILE C 354 -41.73 40.25 -11.85
C ILE C 354 -41.60 39.52 -10.52
N SER C 355 -40.49 38.80 -10.31
CA SER C 355 -40.27 38.11 -9.04
C SER C 355 -39.83 39.08 -7.93
N TYR C 356 -39.13 40.15 -8.28
CA TYR C 356 -38.77 41.17 -7.31
C TYR C 356 -40.00 41.89 -6.75
N SER C 357 -40.98 42.18 -7.61
CA SER C 357 -42.23 42.83 -7.18
C SER C 357 -42.93 42.04 -6.09
N LYS C 358 -42.99 40.72 -6.25
CA LYS C 358 -43.64 39.82 -5.29
C LYS C 358 -43.13 40.02 -3.87
N LEU C 359 -42.06 40.80 -3.72
CA LEU C 359 -41.58 41.30 -2.44
C LEU C 359 -41.74 42.83 -2.45
N LEU C 360 -42.73 43.38 -1.73
CA LEU C 360 -43.88 42.74 -1.03
C LEU C 360 -43.57 41.63 -0.02
N THR D 2 -25.00 -26.93 -26.04
CA THR D 2 -24.91 -28.38 -25.79
C THR D 2 -23.59 -28.94 -26.38
N SER D 3 -23.18 -28.42 -27.54
CA SER D 3 -21.94 -28.82 -28.21
C SER D 3 -20.90 -27.71 -28.20
N SER D 4 -21.10 -26.66 -27.40
CA SER D 4 -20.24 -25.49 -27.41
C SER D 4 -19.14 -25.59 -26.36
N THR D 5 -18.10 -24.79 -26.56
CA THR D 5 -17.01 -24.65 -25.60
C THR D 5 -17.19 -23.33 -24.86
N ALA D 6 -17.18 -23.40 -23.52
CA ALA D 6 -17.35 -22.23 -22.68
C ALA D 6 -16.01 -21.78 -22.12
N VAL D 7 -15.82 -20.47 -22.03
CA VAL D 7 -14.65 -19.91 -21.36
C VAL D 7 -15.14 -19.11 -20.16
N GLY D 8 -14.61 -19.42 -18.99
CA GLY D 8 -14.91 -18.69 -17.77
C GLY D 8 -13.84 -17.65 -17.49
N PHE D 9 -14.26 -16.39 -17.42
CA PHE D 9 -13.33 -15.29 -17.22
C PHE D 9 -14.04 -14.15 -16.51
N ASP D 10 -13.26 -13.37 -15.73
CA ASP D 10 -13.80 -12.17 -15.10
C ASP D 10 -12.67 -11.22 -14.73
N GLU D 11 -12.80 -9.95 -15.11
CA GLU D 11 -11.73 -8.96 -14.94
C GLU D 11 -11.41 -8.68 -13.48
N ARG D 12 -12.32 -8.96 -12.55
CA ARG D 12 -12.02 -8.71 -11.16
C ARG D 12 -10.92 -9.62 -10.62
N MET D 13 -10.59 -10.71 -11.31
CA MET D 13 -9.44 -11.52 -10.91
C MET D 13 -8.12 -10.82 -11.19
N LEU D 14 -8.12 -9.82 -12.09
CA LEU D 14 -6.92 -9.01 -12.29
C LEU D 14 -6.60 -8.10 -11.10
N LEU D 15 -7.49 -7.98 -10.12
CA LEU D 15 -7.23 -7.08 -9.00
C LEU D 15 -6.31 -7.72 -7.96
N HIS D 16 -6.23 -9.04 -7.95
CA HIS D 16 -5.29 -9.75 -7.09
C HIS D 16 -3.86 -9.54 -7.58
N SER D 17 -3.01 -8.91 -6.77
CA SER D 17 -1.64 -8.60 -7.19
C SER D 17 -0.82 -8.31 -5.95
N GLU D 18 0.51 -8.40 -6.09
CA GLU D 18 1.33 -7.99 -4.97
C GLU D 18 1.23 -6.48 -4.79
N PHE D 19 1.58 -6.04 -3.59
CA PHE D 19 1.11 -4.74 -3.10
C PHE D 19 1.81 -3.58 -3.80
N GLU D 20 3.10 -3.69 -4.05
CA GLU D 20 3.85 -2.62 -4.69
C GLU D 20 4.92 -3.26 -5.56
N VAL D 21 5.63 -2.43 -6.34
CA VAL D 21 6.71 -2.95 -7.17
C VAL D 21 7.91 -3.26 -6.28
N LYS D 22 8.68 -4.27 -6.68
CA LYS D 22 9.66 -4.88 -5.81
C LYS D 22 10.90 -5.23 -6.61
N ALA D 23 12.03 -5.33 -5.89
CA ALA D 23 13.30 -5.71 -6.51
C ALA D 23 13.14 -6.97 -7.34
N GLN D 24 12.46 -7.98 -6.80
CA GLN D 24 12.11 -9.20 -7.54
C GLN D 24 10.60 -9.34 -7.66
N PRO D 25 10.00 -8.96 -8.78
CA PRO D 25 8.53 -8.99 -8.84
C PRO D 25 8.01 -10.42 -8.94
N HIS D 26 6.82 -10.62 -8.40
CA HIS D 26 6.23 -11.94 -8.29
C HIS D 26 5.76 -12.44 -9.66
N PRO D 27 6.10 -13.69 -10.04
CA PRO D 27 5.68 -14.18 -11.36
C PRO D 27 4.18 -14.38 -11.53
N GLU D 28 3.45 -14.68 -10.45
CA GLU D 28 2.01 -14.83 -10.55
C GLU D 28 1.39 -13.44 -10.49
N ARG D 29 1.00 -12.91 -11.65
CA ARG D 29 0.65 -11.51 -11.79
C ARG D 29 -0.52 -11.35 -12.75
N PRO D 30 -1.24 -10.23 -12.67
CA PRO D 30 -2.42 -10.03 -13.54
C PRO D 30 -2.14 -10.11 -15.02
N ASP D 31 -0.93 -9.78 -15.49
CA ASP D 31 -0.65 -9.87 -16.92
C ASP D 31 -0.85 -11.27 -17.49
N ARG D 32 -0.79 -12.33 -16.66
CA ARG D 32 -0.98 -13.67 -17.18
C ARG D 32 -2.34 -13.81 -17.84
N LEU D 33 -3.39 -13.36 -17.14
CA LEU D 33 -4.72 -13.43 -17.71
C LEU D 33 -4.88 -12.43 -18.86
N ARG D 34 -4.33 -11.22 -18.71
CA ARG D 34 -4.45 -10.23 -19.78
C ARG D 34 -3.86 -10.76 -21.08
N ALA D 35 -2.69 -11.39 -20.99
CA ALA D 35 -2.01 -11.84 -22.19
C ALA D 35 -2.78 -12.97 -22.88
N ILE D 36 -3.32 -13.92 -22.09
CA ILE D 36 -4.15 -14.97 -22.68
C ILE D 36 -5.43 -14.39 -23.25
N ALA D 37 -6.07 -13.48 -22.52
CA ALA D 37 -7.35 -12.93 -22.97
C ALA D 37 -7.18 -12.13 -24.26
N ALA D 38 -6.06 -11.40 -24.39
CA ALA D 38 -5.82 -10.66 -25.62
C ALA D 38 -5.52 -11.60 -26.78
N SER D 39 -4.83 -12.71 -26.52
CA SER D 39 -4.52 -13.62 -27.61
C SER D 39 -5.75 -14.43 -28.03
N LEU D 40 -6.67 -14.71 -27.12
CA LEU D 40 -7.92 -15.36 -27.52
C LEU D 40 -8.82 -14.40 -28.28
N ALA D 41 -8.78 -13.11 -27.93
CA ALA D 41 -9.58 -12.13 -28.66
C ALA D 41 -9.13 -12.03 -30.11
N THR D 42 -7.81 -11.93 -30.31
CA THR D 42 -7.23 -11.77 -31.65
C THR D 42 -7.50 -13.00 -32.51
N ALA D 43 -7.42 -14.18 -31.94
CA ALA D 43 -7.73 -15.37 -32.70
C ALA D 43 -9.22 -15.53 -32.98
N GLY D 44 -10.08 -14.68 -32.45
CA GLY D 44 -11.51 -14.93 -32.57
C GLY D 44 -12.03 -16.05 -31.71
N VAL D 45 -11.21 -16.59 -30.80
CA VAL D 45 -11.63 -17.71 -29.98
C VAL D 45 -12.57 -17.27 -28.86
N PHE D 46 -12.20 -16.20 -28.18
CA PHE D 46 -13.01 -15.68 -27.08
C PHE D 46 -12.69 -14.21 -26.86
N PRO D 47 -13.68 -13.31 -26.98
CA PRO D 47 -15.04 -13.61 -27.46
C PRO D 47 -15.05 -14.14 -28.88
N GLY D 48 -16.11 -14.87 -29.25
CA GLY D 48 -16.21 -15.39 -30.59
C GLY D 48 -16.74 -16.80 -30.63
N ARG D 49 -15.86 -17.75 -30.96
CA ARG D 49 -16.27 -19.14 -31.08
C ARG D 49 -16.60 -19.76 -29.74
N CYS D 50 -16.07 -19.25 -28.64
CA CYS D 50 -16.35 -19.79 -27.32
C CYS D 50 -17.45 -18.99 -26.64
N LEU D 51 -18.25 -19.67 -25.84
CA LEU D 51 -19.33 -19.07 -25.06
C LEU D 51 -18.79 -18.54 -23.72
N PRO D 52 -19.24 -17.37 -23.29
CA PRO D 52 -18.97 -16.92 -21.92
C PRO D 52 -19.98 -17.48 -20.93
N ILE D 53 -19.56 -17.55 -19.69
CA ILE D 53 -20.48 -17.90 -18.62
C ILE D 53 -20.48 -16.77 -17.61
N ASN D 54 -21.59 -16.64 -16.89
CA ASN D 54 -21.70 -15.60 -15.89
C ASN D 54 -20.81 -15.93 -14.70
N ALA D 55 -20.10 -14.94 -14.19
CA ALA D 55 -19.17 -15.18 -13.09
C ALA D 55 -19.90 -15.00 -11.77
N ARG D 56 -19.80 -16.02 -10.91
CA ARG D 56 -20.49 -16.04 -9.64
C ARG D 56 -19.47 -16.29 -8.56
N GLU D 57 -19.58 -15.57 -7.44
CA GLU D 57 -18.73 -15.86 -6.29
C GLU D 57 -19.13 -17.19 -5.67
N ILE D 58 -18.16 -18.06 -5.42
CA ILE D 58 -18.51 -19.32 -4.84
C ILE D 58 -19.03 -19.09 -3.43
N THR D 59 -19.81 -20.04 -2.93
CA THR D 59 -20.29 -19.93 -1.57
C THR D 59 -19.36 -20.69 -0.62
N LYS D 60 -19.38 -20.23 0.63
CA LYS D 60 -18.64 -20.87 1.71
C LYS D 60 -19.00 -22.35 1.84
N GLN D 61 -20.28 -22.67 1.64
CA GLN D 61 -20.73 -24.07 1.70
C GLN D 61 -20.06 -24.94 0.63
N GLU D 62 -19.99 -24.46 -0.62
CA GLU D 62 -19.28 -25.22 -1.65
C GLU D 62 -17.79 -25.34 -1.34
N LEU D 63 -17.17 -24.25 -0.84
CA LEU D 63 -15.75 -24.33 -0.49
C LEU D 63 -15.49 -25.30 0.65
N GLN D 64 -16.42 -25.40 1.60
CA GLN D 64 -16.21 -26.28 2.75
C GLN D 64 -16.36 -27.74 2.38
N MET D 65 -16.80 -28.07 1.16
CA MET D 65 -16.63 -29.45 0.69
C MET D 65 -15.17 -29.82 0.56
N VAL D 66 -14.26 -28.86 0.49
CA VAL D 66 -12.83 -29.09 0.32
C VAL D 66 -12.04 -28.59 1.51
N HIS D 67 -12.31 -27.36 1.91
CA HIS D 67 -11.48 -26.65 2.88
C HIS D 67 -12.21 -26.57 4.21
N THR D 68 -11.44 -26.47 5.29
CA THR D 68 -12.03 -26.21 6.58
C THR D 68 -12.62 -24.80 6.61
N SER D 69 -13.61 -24.61 7.49
CA SER D 69 -14.18 -23.29 7.70
C SER D 69 -13.13 -22.29 8.15
N GLU D 70 -12.14 -22.74 8.94
CA GLU D 70 -11.06 -21.84 9.33
C GLU D 70 -10.39 -21.23 8.11
N HIS D 71 -9.97 -22.08 7.16
CA HIS D 71 -9.20 -21.61 6.02
C HIS D 71 -10.01 -20.67 5.15
N VAL D 72 -11.30 -20.96 4.99
CA VAL D 72 -12.18 -20.11 4.18
C VAL D 72 -12.34 -18.76 4.85
N ASP D 73 -12.52 -18.75 6.18
CA ASP D 73 -12.65 -17.48 6.90
C ASP D 73 -11.34 -16.70 6.87
N ALA D 74 -10.21 -17.39 6.96
CA ALA D 74 -8.92 -16.72 6.91
C ALA D 74 -8.74 -15.97 5.59
N VAL D 75 -8.96 -16.66 4.45
CA VAL D 75 -8.88 -16.03 3.14
C VAL D 75 -9.83 -14.85 3.03
N ASP D 76 -11.09 -15.03 3.47
CA ASP D 76 -12.07 -13.95 3.40
C ASP D 76 -11.60 -12.71 4.17
N THR D 77 -11.04 -12.92 5.36
CA THR D 77 -10.67 -11.81 6.22
C THR D 77 -9.50 -10.99 5.68
N THR D 78 -8.64 -11.56 4.82
CA THR D 78 -7.59 -10.74 4.21
C THR D 78 -8.14 -9.51 3.48
N SER D 79 -9.44 -9.50 3.15
CA SER D 79 -10.03 -8.32 2.52
C SER D 79 -10.06 -7.11 3.44
N GLN D 80 -9.80 -7.28 4.73
CA GLN D 80 -9.77 -6.16 5.66
C GLN D 80 -8.38 -5.72 6.02
N LEU D 81 -7.35 -6.35 5.45
CA LEU D 81 -5.95 -5.98 5.66
C LEU D 81 -5.43 -5.22 4.43
N LEU D 82 -4.41 -4.40 4.65
CA LEU D 82 -3.77 -3.68 3.55
C LEU D 82 -3.09 -4.65 2.59
N TYR D 83 -2.24 -5.54 3.11
CA TYR D 83 -1.79 -6.69 2.32
C TYR D 83 -1.30 -7.73 3.31
N SER D 84 -1.14 -8.96 2.83
CA SER D 84 -0.71 -10.03 3.71
C SER D 84 -0.07 -11.15 2.92
N TYR D 85 0.64 -12.03 3.64
CA TYR D 85 1.28 -13.20 3.07
C TYR D 85 0.91 -14.42 3.90
N PHE D 86 0.27 -15.40 3.25
CA PHE D 86 0.03 -16.67 3.93
C PHE D 86 1.34 -17.39 4.18
N THR D 87 2.25 -17.31 3.21
CA THR D 87 3.60 -17.87 3.28
C THR D 87 4.47 -16.88 2.56
N SER D 88 5.77 -17.14 2.51
CA SER D 88 6.65 -16.09 1.98
C SER D 88 6.36 -15.81 0.52
N ASP D 89 5.83 -16.78 -0.23
CA ASP D 89 5.61 -16.62 -1.66
C ASP D 89 4.15 -16.45 -2.04
N THR D 90 3.22 -16.46 -1.08
CA THR D 90 1.79 -16.43 -1.37
C THR D 90 1.17 -15.17 -0.75
N TYR D 91 0.87 -14.18 -1.60
CA TYR D 91 0.43 -12.84 -1.20
C TYR D 91 -1.08 -12.71 -1.29
N ALA D 92 -1.60 -11.70 -0.59
CA ALA D 92 -2.97 -11.23 -0.76
C ALA D 92 -3.03 -9.72 -0.60
N ASN D 93 -3.90 -9.08 -1.35
CA ASN D 93 -4.32 -7.72 -1.07
C ASN D 93 -5.81 -7.74 -0.70
N GLU D 94 -6.41 -6.55 -0.61
CA GLU D 94 -7.79 -6.48 -0.17
C GLU D 94 -8.76 -7.04 -1.21
N TYR D 95 -8.31 -7.25 -2.46
CA TYR D 95 -9.18 -7.76 -3.53
C TYR D 95 -8.99 -9.25 -3.78
N SER D 96 -8.05 -9.90 -3.08
CA SER D 96 -7.68 -11.28 -3.35
C SER D 96 -8.77 -12.27 -2.93
N ALA D 97 -9.53 -11.98 -1.87
CA ALA D 97 -10.55 -12.92 -1.43
C ALA D 97 -11.67 -13.03 -2.45
N ARG D 98 -12.08 -11.90 -3.03
CA ARG D 98 -13.10 -11.93 -4.07
C ARG D 98 -12.59 -12.60 -5.34
N ALA D 99 -11.36 -12.27 -5.77
CA ALA D 99 -10.78 -12.96 -6.92
C ALA D 99 -10.82 -14.48 -6.73
N ALA D 100 -10.38 -14.95 -5.56
CA ALA D 100 -10.35 -16.38 -5.28
C ALA D 100 -11.74 -16.99 -5.30
N ARG D 101 -12.73 -16.26 -4.79
CA ARG D 101 -14.10 -16.74 -4.84
C ARG D 101 -14.64 -16.75 -6.27
N LEU D 102 -14.16 -15.84 -7.12
CA LEU D 102 -14.60 -15.86 -8.51
C LEU D 102 -13.92 -16.99 -9.28
N ALA D 103 -12.62 -17.23 -9.02
CA ALA D 103 -11.96 -18.36 -9.66
C ALA D 103 -12.62 -19.67 -9.29
N ALA D 104 -12.96 -19.86 -8.02
CA ALA D 104 -13.58 -21.11 -7.61
C ALA D 104 -15.02 -21.18 -8.10
N GLY D 105 -15.77 -20.08 -8.05
CA GLY D 105 -17.11 -20.07 -8.60
C GLY D 105 -17.16 -20.35 -10.09
N LEU D 106 -16.21 -19.79 -10.86
CA LEU D 106 -16.18 -20.08 -12.29
C LEU D 106 -15.92 -21.56 -12.54
N CYS D 107 -14.99 -22.14 -11.77
CA CYS D 107 -14.71 -23.56 -11.90
C CYS D 107 -15.92 -24.40 -11.51
N ALA D 108 -16.59 -24.03 -10.42
CA ALA D 108 -17.78 -24.75 -9.98
C ALA D 108 -18.86 -24.75 -11.05
N ASP D 109 -19.11 -23.59 -11.67
CA ASP D 109 -20.21 -23.48 -12.62
C ASP D 109 -19.88 -24.15 -13.95
N LEU D 110 -18.63 -24.01 -14.40
CA LEU D 110 -18.19 -24.75 -15.58
C LEU D 110 -18.27 -26.25 -15.35
N ALA D 111 -17.91 -26.70 -14.15
CA ALA D 111 -17.96 -28.13 -13.85
C ALA D 111 -19.39 -28.65 -13.87
N THR D 112 -20.33 -27.88 -13.31
CA THR D 112 -21.73 -28.25 -13.38
C THR D 112 -22.24 -28.23 -14.81
N ASP D 113 -21.95 -27.15 -15.54
CA ASP D 113 -22.44 -27.00 -16.90
C ASP D 113 -21.93 -28.10 -17.81
N ILE D 114 -20.65 -28.44 -17.67
CA ILE D 114 -20.07 -29.48 -18.52
C ILE D 114 -20.65 -30.84 -18.16
N PHE D 115 -20.64 -31.19 -16.87
CA PHE D 115 -21.02 -32.55 -16.50
C PHE D 115 -22.50 -32.82 -16.77
N THR D 116 -23.38 -31.87 -16.48
CA THR D 116 -24.80 -32.09 -16.71
C THR D 116 -25.19 -31.90 -18.17
N GLY D 117 -24.25 -31.53 -19.04
CA GLY D 117 -24.51 -31.45 -20.47
C GLY D 117 -25.06 -30.14 -20.99
N ARG D 118 -25.02 -29.06 -20.21
CA ARG D 118 -25.40 -27.76 -20.77
C ARG D 118 -24.42 -27.30 -21.85
N VAL D 119 -23.12 -27.59 -21.67
CA VAL D 119 -22.11 -27.31 -22.69
C VAL D 119 -21.23 -28.55 -22.81
N LYS D 120 -20.47 -28.60 -23.91
CA LYS D 120 -19.60 -29.74 -24.16
C LYS D 120 -18.37 -29.71 -23.25
N ASN D 121 -17.59 -28.63 -23.29
CA ASN D 121 -16.35 -28.57 -22.50
C ASN D 121 -16.06 -27.11 -22.19
N GLY D 122 -14.93 -26.86 -21.53
CA GLY D 122 -14.71 -25.53 -20.99
C GLY D 122 -13.29 -25.31 -20.52
N PHE D 123 -12.93 -24.04 -20.46
CA PHE D 123 -11.62 -23.59 -20.00
C PHE D 123 -11.85 -22.50 -18.96
N ALA D 124 -11.39 -22.74 -17.74
CA ALA D 124 -11.50 -21.74 -16.67
C ALA D 124 -10.25 -20.87 -16.70
N LEU D 125 -10.38 -19.65 -17.22
CA LEU D 125 -9.26 -18.72 -17.35
C LEU D 125 -9.22 -17.87 -16.08
N VAL D 126 -8.58 -18.42 -15.03
CA VAL D 126 -8.80 -17.94 -13.67
C VAL D 126 -7.47 -17.71 -12.95
N ARG D 127 -7.55 -16.88 -11.90
CA ARG D 127 -6.45 -16.41 -11.06
C ARG D 127 -7.07 -16.16 -9.71
N PRO D 128 -6.39 -16.49 -8.61
CA PRO D 128 -5.10 -17.16 -8.48
C PRO D 128 -5.21 -18.67 -8.74
N PRO D 129 -4.08 -19.34 -8.97
CA PRO D 129 -4.10 -20.79 -9.18
C PRO D 129 -4.54 -21.51 -7.92
N GLY D 130 -4.69 -22.84 -8.04
CA GLY D 130 -5.26 -23.60 -6.96
C GLY D 130 -4.53 -24.81 -6.40
N HIS D 131 -3.71 -25.50 -7.19
CA HIS D 131 -3.40 -26.89 -6.85
C HIS D 131 -2.38 -27.06 -5.71
N HIS D 132 -1.79 -25.98 -5.17
CA HIS D 132 -1.01 -26.13 -3.95
C HIS D 132 -1.81 -25.88 -2.68
N ALA D 133 -3.01 -25.29 -2.78
CA ALA D 133 -3.84 -25.11 -1.59
C ALA D 133 -4.35 -26.45 -1.09
N GLY D 134 -4.03 -26.78 0.17
CA GLY D 134 -4.51 -28.01 0.79
C GLY D 134 -5.81 -27.79 1.53
N VAL D 135 -6.17 -28.79 2.35
CA VAL D 135 -7.41 -28.72 3.13
C VAL D 135 -7.47 -27.45 3.98
N ARG D 136 -6.36 -27.06 4.60
CA ARG D 136 -6.38 -25.92 5.52
C ARG D 136 -5.26 -24.90 5.28
N HIS D 137 -4.49 -25.02 4.21
CA HIS D 137 -3.35 -24.15 3.99
C HIS D 137 -3.34 -23.59 2.57
N ALA D 138 -3.31 -22.27 2.47
CA ALA D 138 -2.91 -21.58 1.25
C ALA D 138 -1.39 -21.58 1.13
N MET D 139 -0.89 -21.90 -0.07
CA MET D 139 0.54 -21.82 -0.33
C MET D 139 0.78 -21.92 -1.84
N GLY D 140 2.04 -21.74 -2.23
CA GLY D 140 2.45 -21.86 -3.62
C GLY D 140 1.66 -21.02 -4.58
N PHE D 141 1.33 -19.78 -4.19
CA PHE D 141 0.56 -18.79 -4.96
C PHE D 141 -0.93 -19.09 -4.94
N CYS D 142 -1.39 -20.14 -4.27
CA CYS D 142 -2.76 -20.62 -4.37
C CYS D 142 -3.51 -20.38 -3.07
N LEU D 143 -4.75 -19.86 -3.20
CA LEU D 143 -5.61 -19.54 -2.05
C LEU D 143 -6.65 -20.61 -1.77
N HIS D 144 -7.41 -21.01 -2.79
CA HIS D 144 -8.34 -22.14 -2.71
C HIS D 144 -8.02 -23.12 -3.84
N ASN D 145 -8.29 -24.40 -3.61
CA ASN D 145 -7.97 -25.38 -4.64
C ASN D 145 -9.14 -25.48 -5.63
N ASN D 146 -9.03 -24.76 -6.76
CA ASN D 146 -10.08 -24.73 -7.77
C ASN D 146 -10.36 -26.10 -8.36
N ALA D 147 -9.31 -26.87 -8.66
CA ALA D 147 -9.53 -28.17 -9.30
C ALA D 147 -10.28 -29.11 -8.36
N ALA D 148 -9.94 -29.10 -7.08
CA ALA D 148 -10.63 -29.96 -6.14
C ALA D 148 -12.07 -29.50 -5.90
N VAL D 149 -12.32 -28.19 -5.92
CA VAL D 149 -13.70 -27.72 -5.81
C VAL D 149 -14.53 -28.21 -6.99
N ALA D 150 -13.98 -28.07 -8.21
CA ALA D 150 -14.70 -28.54 -9.40
C ALA D 150 -15.03 -30.02 -9.30
N ALA D 151 -14.08 -30.83 -8.81
CA ALA D 151 -14.31 -32.27 -8.68
C ALA D 151 -15.45 -32.58 -7.72
N LEU D 152 -15.53 -31.84 -6.62
CA LEU D 152 -16.58 -32.11 -5.63
C LEU D 152 -17.92 -31.50 -6.03
N VAL D 153 -17.90 -30.40 -6.77
CA VAL D 153 -19.16 -29.93 -7.35
C VAL D 153 -19.69 -30.97 -8.33
N ALA D 154 -18.80 -31.57 -9.12
CA ALA D 154 -19.21 -32.56 -10.12
C ALA D 154 -19.77 -33.81 -9.45
N GLN D 155 -19.02 -34.35 -8.49
CA GLN D 155 -19.51 -35.48 -7.70
C GLN D 155 -20.90 -35.19 -7.12
N ALA D 156 -21.08 -33.98 -6.57
CA ALA D 156 -22.36 -33.59 -6.01
C ALA D 156 -23.44 -33.52 -7.08
N ALA D 157 -23.08 -33.20 -8.30
CA ALA D 157 -24.08 -33.22 -9.35
C ALA D 157 -24.32 -34.62 -9.90
N GLY D 158 -23.58 -35.61 -9.42
CA GLY D 158 -23.83 -36.98 -9.84
C GLY D 158 -22.67 -37.75 -10.44
N ALA D 159 -21.49 -37.14 -10.58
CA ALA D 159 -20.33 -37.88 -11.09
C ALA D 159 -19.79 -38.83 -10.02
N LYS D 160 -19.68 -40.11 -10.37
CA LYS D 160 -19.12 -41.04 -9.39
C LYS D 160 -17.61 -41.01 -9.42
N LYS D 161 -17.01 -40.96 -10.60
CA LYS D 161 -15.57 -41.06 -10.76
C LYS D 161 -15.04 -39.83 -11.49
N VAL D 162 -14.19 -39.06 -10.82
CA VAL D 162 -13.61 -37.84 -11.40
C VAL D 162 -12.12 -38.09 -11.58
N LEU D 163 -11.60 -37.72 -12.74
CA LEU D 163 -10.17 -37.78 -13.02
C LEU D 163 -9.64 -36.35 -13.07
N ILE D 164 -8.51 -36.13 -12.39
CA ILE D 164 -7.77 -34.87 -12.44
C ILE D 164 -6.41 -35.17 -13.02
N VAL D 165 -6.07 -34.54 -14.13
CA VAL D 165 -4.74 -34.64 -14.70
C VAL D 165 -4.07 -33.27 -14.55
N ASP D 166 -2.90 -33.28 -13.91
CA ASP D 166 -2.17 -32.09 -13.51
C ASP D 166 -0.86 -32.05 -14.31
N TRP D 167 -0.82 -31.29 -15.40
CA TRP D 167 0.44 -31.20 -16.14
C TRP D 167 1.21 -29.92 -15.84
N ASP D 168 0.83 -29.19 -14.79
CA ASP D 168 1.66 -28.13 -14.25
C ASP D 168 3.04 -28.68 -13.92
N VAL D 169 4.08 -27.88 -14.14
CA VAL D 169 5.43 -28.41 -13.91
C VAL D 169 5.70 -28.72 -12.43
N HIS D 170 4.90 -28.18 -11.50
CA HIS D 170 5.07 -28.43 -10.07
C HIS D 170 4.05 -29.46 -9.57
N HIS D 171 4.45 -30.23 -8.58
CA HIS D 171 3.54 -31.22 -8.03
C HIS D 171 2.38 -30.53 -7.31
N GLY D 172 1.17 -31.00 -7.57
CA GLY D 172 0.01 -30.50 -6.85
C GLY D 172 -0.14 -31.04 -5.44
N ASN D 173 0.74 -30.60 -4.52
CA ASN D 173 0.70 -31.13 -3.16
C ASN D 173 -0.65 -30.89 -2.51
N GLY D 174 -1.28 -29.75 -2.80
CA GLY D 174 -2.58 -29.45 -2.20
C GLY D 174 -3.67 -30.40 -2.67
N THR D 175 -3.74 -30.64 -3.98
CA THR D 175 -4.73 -31.56 -4.53
C THR D 175 -4.51 -32.97 -3.98
N GLN D 176 -3.27 -33.46 -4.00
CA GLN D 176 -3.02 -34.82 -3.53
C GLN D 176 -3.40 -34.97 -2.06
N GLU D 177 -3.04 -34.00 -1.22
CA GLU D 177 -3.49 -34.03 0.17
C GLU D 177 -5.01 -34.15 0.27
N ILE D 178 -5.76 -33.41 -0.56
CA ILE D 178 -7.20 -33.43 -0.45
C ILE D 178 -7.77 -34.82 -0.80
N PHE D 179 -7.20 -35.49 -1.81
CA PHE D 179 -7.69 -36.79 -2.28
C PHE D 179 -6.79 -37.97 -1.89
N GLU D 180 -6.00 -37.81 -0.83
CA GLU D 180 -5.01 -38.83 -0.46
C GLU D 180 -5.66 -40.17 -0.15
N GLN D 181 -6.70 -40.15 0.69
CA GLN D 181 -7.42 -41.36 1.10
C GLN D 181 -8.67 -41.59 0.26
N ASN D 182 -8.79 -40.91 -0.87
CA ASN D 182 -9.99 -40.90 -1.68
C ASN D 182 -9.75 -41.71 -2.96
N LYS D 183 -10.70 -42.57 -3.30
CA LYS D 183 -10.57 -43.34 -4.53
C LYS D 183 -11.68 -43.09 -5.53
N SER D 184 -12.68 -42.27 -5.19
CA SER D 184 -13.61 -41.82 -6.21
C SER D 184 -13.01 -40.70 -7.08
N VAL D 185 -11.86 -40.16 -6.70
CA VAL D 185 -11.11 -39.22 -7.52
C VAL D 185 -9.75 -39.82 -7.82
N LEU D 186 -9.39 -39.87 -9.09
CA LEU D 186 -8.07 -40.32 -9.52
C LEU D 186 -7.21 -39.08 -9.81
N TYR D 187 -6.07 -38.98 -9.16
CA TYR D 187 -5.17 -37.83 -9.34
C TYR D 187 -3.89 -38.29 -10.01
N ILE D 188 -3.59 -37.73 -11.18
CA ILE D 188 -2.39 -38.03 -11.94
C ILE D 188 -1.62 -36.74 -12.18
N SER D 189 -0.38 -36.67 -11.68
CA SER D 189 0.44 -35.48 -11.84
C SER D 189 1.76 -35.83 -12.52
N LEU D 190 2.11 -35.03 -13.52
CA LEU D 190 3.43 -35.05 -14.12
C LEU D 190 4.13 -33.76 -13.73
N HIS D 191 5.37 -33.88 -13.26
CA HIS D 191 6.02 -32.71 -12.67
C HIS D 191 7.50 -32.96 -12.53
N ARG D 192 8.26 -31.86 -12.54
CA ARG D 192 9.65 -31.89 -12.16
C ARG D 192 9.78 -32.22 -10.68
N HIS D 193 10.74 -33.08 -10.35
CA HIS D 193 10.86 -33.53 -8.97
C HIS D 193 12.32 -33.46 -8.49
N GLU D 194 13.24 -33.97 -9.31
CA GLU D 194 14.67 -33.92 -9.03
C GLU D 194 14.99 -34.47 -7.64
N GLY D 195 14.54 -35.69 -7.38
CA GLY D 195 14.74 -36.32 -6.09
C GLY D 195 14.15 -35.56 -4.94
N GLY D 196 13.22 -34.64 -5.19
CA GLY D 196 12.64 -33.85 -4.12
C GLY D 196 13.23 -32.47 -3.94
N ASN D 197 14.13 -32.03 -4.82
CA ASN D 197 14.69 -30.69 -4.71
C ASN D 197 13.87 -29.63 -5.42
N PHE D 198 12.93 -30.01 -6.28
CA PHE D 198 12.13 -29.03 -7.00
C PHE D 198 10.88 -28.71 -6.20
N TYR D 199 10.52 -27.43 -6.16
CA TYR D 199 9.35 -27.03 -5.38
C TYR D 199 8.12 -27.79 -5.88
N PRO D 200 7.28 -28.32 -4.98
CA PRO D 200 7.33 -28.27 -3.52
C PRO D 200 8.02 -29.47 -2.85
N GLY D 201 8.76 -30.27 -3.63
CA GLY D 201 9.47 -31.39 -3.08
C GLY D 201 8.61 -32.57 -2.69
N THR D 202 7.33 -32.54 -3.00
CA THR D 202 6.41 -33.63 -2.73
C THR D 202 6.24 -34.47 -3.99
N GLY D 203 5.39 -35.48 -3.93
CA GLY D 203 5.06 -36.22 -5.14
C GLY D 203 6.15 -37.10 -5.72
N ALA D 204 6.80 -37.89 -4.87
CA ALA D 204 7.64 -38.96 -5.39
C ALA D 204 6.76 -40.06 -5.98
N ALA D 205 7.36 -40.87 -6.86
CA ALA D 205 6.59 -41.87 -7.60
C ALA D 205 5.90 -42.87 -6.67
N ASP D 206 6.48 -43.14 -5.51
CA ASP D 206 5.87 -44.08 -4.58
C ASP D 206 4.91 -43.41 -3.60
N GLU D 207 4.54 -42.15 -3.85
CA GLU D 207 3.49 -41.49 -3.08
C GLU D 207 2.16 -41.74 -3.78
N VAL D 208 1.62 -42.95 -3.55
CA VAL D 208 0.51 -43.46 -4.35
C VAL D 208 -0.84 -43.30 -3.66
N GLY D 209 -0.90 -42.52 -2.59
CA GLY D 209 -2.10 -42.47 -1.78
C GLY D 209 -2.00 -43.40 -0.59
N SER D 210 -2.95 -43.25 0.32
CA SER D 210 -2.90 -43.92 1.60
C SER D 210 -4.27 -44.46 1.98
N ASN D 211 -4.25 -45.51 2.81
CA ASN D 211 -5.37 -45.85 3.69
C ASN D 211 -6.67 -46.12 2.92
N GLY D 212 -6.59 -46.87 1.84
CA GLY D 212 -7.75 -47.10 1.00
C GLY D 212 -7.76 -46.28 -0.28
N GLY D 213 -6.96 -45.23 -0.35
CA GLY D 213 -6.75 -44.51 -1.58
C GLY D 213 -5.52 -44.91 -2.35
N GLU D 214 -4.82 -45.98 -1.95
CA GLU D 214 -3.60 -46.38 -2.64
C GLU D 214 -3.91 -46.71 -4.08
N GLY D 215 -2.99 -46.32 -4.97
CA GLY D 215 -3.19 -46.49 -6.39
C GLY D 215 -3.92 -45.35 -7.07
N TYR D 216 -4.61 -44.49 -6.32
CA TYR D 216 -5.39 -43.43 -6.92
C TYR D 216 -4.69 -42.06 -6.86
N CYS D 217 -3.42 -42.03 -6.45
CA CYS D 217 -2.52 -40.91 -6.69
C CYS D 217 -1.37 -41.45 -7.53
N VAL D 218 -1.26 -40.98 -8.77
CA VAL D 218 -0.21 -41.40 -9.68
C VAL D 218 0.70 -40.21 -9.95
N ASN D 219 1.95 -40.31 -9.48
CA ASN D 219 2.94 -39.27 -9.72
C ASN D 219 3.97 -39.71 -10.75
N VAL D 220 4.15 -38.88 -11.77
CA VAL D 220 5.15 -39.09 -12.81
C VAL D 220 6.21 -38.02 -12.64
N PRO D 221 7.30 -38.29 -11.89
CA PRO D 221 8.21 -37.22 -11.47
C PRO D 221 9.51 -37.18 -12.25
N TRP D 222 9.72 -36.19 -13.10
CA TRP D 222 10.95 -36.13 -13.88
C TRP D 222 12.16 -35.91 -12.97
N SER D 223 13.28 -36.53 -13.33
CA SER D 223 14.52 -36.37 -12.58
C SER D 223 15.32 -35.14 -13.00
N CYS D 224 14.88 -34.42 -14.02
CA CYS D 224 15.63 -33.26 -14.49
C CYS D 224 14.67 -32.33 -15.22
N GLY D 225 15.20 -31.20 -15.69
CA GLY D 225 14.65 -30.47 -16.81
C GLY D 225 15.64 -30.56 -17.96
N GLY D 226 15.30 -29.88 -19.06
CA GLY D 226 13.97 -29.45 -19.37
C GLY D 226 13.37 -30.49 -20.29
N VAL D 227 12.40 -31.20 -19.72
CA VAL D 227 11.68 -32.25 -20.41
C VAL D 227 10.85 -31.65 -21.54
N GLY D 228 10.82 -32.33 -22.69
CA GLY D 228 10.12 -31.86 -23.85
C GLY D 228 8.93 -32.72 -24.23
N ASP D 229 8.37 -32.44 -25.40
CA ASP D 229 7.12 -33.08 -25.81
C ASP D 229 7.25 -34.59 -25.81
N LYS D 230 8.37 -35.11 -26.32
CA LYS D 230 8.50 -36.55 -26.51
C LYS D 230 8.33 -37.31 -25.20
N ASP D 231 8.81 -36.73 -24.10
CA ASP D 231 8.67 -37.45 -22.84
C ASP D 231 7.26 -37.37 -22.29
N TYR D 232 6.57 -36.25 -22.51
CA TYR D 232 5.19 -36.15 -22.04
C TYR D 232 4.28 -37.10 -22.80
N ILE D 233 4.38 -37.11 -24.13
CA ILE D 233 3.53 -37.99 -24.92
C ILE D 233 3.78 -39.44 -24.55
N PHE D 234 5.06 -39.81 -24.42
CA PHE D 234 5.44 -41.15 -23.99
C PHE D 234 4.80 -41.50 -22.63
N ALA D 235 4.92 -40.61 -21.65
CA ALA D 235 4.28 -40.89 -20.37
C ALA D 235 2.76 -40.92 -20.49
N PHE D 236 2.19 -40.14 -21.41
CA PHE D 236 0.76 -40.24 -21.66
C PHE D 236 0.40 -41.60 -22.28
N GLN D 237 1.17 -42.08 -23.26
CA GLN D 237 0.84 -43.36 -23.89
C GLN D 237 0.96 -44.52 -22.92
N HIS D 238 1.97 -44.49 -22.05
CA HIS D 238 2.27 -45.64 -21.20
C HIS D 238 1.73 -45.56 -19.78
N VAL D 239 1.42 -44.38 -19.26
CA VAL D 239 0.94 -44.30 -17.88
C VAL D 239 -0.45 -43.68 -17.84
N VAL D 240 -0.56 -42.43 -18.30
CA VAL D 240 -1.78 -41.64 -18.11
C VAL D 240 -2.97 -42.34 -18.74
N LEU D 241 -2.94 -42.54 -20.06
CA LEU D 241 -4.09 -43.12 -20.73
C LEU D 241 -4.43 -44.53 -20.23
N PRO D 242 -3.49 -45.48 -20.15
CA PRO D 242 -3.86 -46.82 -19.63
C PRO D 242 -4.52 -46.79 -18.26
N ILE D 243 -3.99 -46.01 -17.32
CA ILE D 243 -4.59 -45.97 -15.98
C ILE D 243 -5.93 -45.26 -16.02
N ALA D 244 -5.99 -44.11 -16.70
CA ALA D 244 -7.24 -43.38 -16.85
C ALA D 244 -8.33 -44.26 -17.46
N SER D 245 -7.98 -45.06 -18.47
CA SER D 245 -8.96 -45.91 -19.13
C SER D 245 -9.48 -46.99 -18.21
N ALA D 246 -8.58 -47.62 -17.43
CA ALA D 246 -9.01 -48.62 -16.47
C ALA D 246 -9.92 -48.02 -15.41
N PHE D 247 -9.64 -46.78 -15.00
CA PHE D 247 -10.44 -46.12 -13.99
C PHE D 247 -11.83 -45.73 -14.52
N SER D 248 -11.89 -45.33 -15.80
CA SER D 248 -13.15 -45.05 -16.48
C SER D 248 -13.92 -43.91 -15.82
N PRO D 249 -13.41 -42.67 -15.89
CA PRO D 249 -14.04 -41.55 -15.16
C PRO D 249 -15.35 -41.12 -15.79
N ASP D 250 -16.23 -40.56 -14.95
CA ASP D 250 -17.41 -39.82 -15.42
C ASP D 250 -17.12 -38.37 -15.77
N PHE D 251 -16.00 -37.80 -15.30
CA PHE D 251 -15.72 -36.38 -15.46
C PHE D 251 -14.20 -36.19 -15.43
N VAL D 252 -13.70 -35.30 -16.30
CA VAL D 252 -12.27 -35.13 -16.55
C VAL D 252 -11.93 -33.66 -16.33
N ILE D 253 -11.03 -33.39 -15.39
CA ILE D 253 -10.51 -32.06 -15.13
C ILE D 253 -9.03 -32.06 -15.48
N ILE D 254 -8.59 -31.08 -16.25
CA ILE D 254 -7.17 -30.85 -16.48
C ILE D 254 -6.71 -29.69 -15.61
N SER D 255 -5.75 -29.94 -14.73
CA SER D 255 -5.03 -28.86 -14.04
C SER D 255 -3.95 -28.40 -15.00
N ALA D 256 -4.27 -27.40 -15.81
CA ALA D 256 -3.39 -26.96 -16.88
C ALA D 256 -2.56 -25.77 -16.39
N GLY D 257 -1.46 -26.09 -15.70
CA GLY D 257 -0.36 -25.14 -15.61
C GLY D 257 0.45 -25.20 -16.89
N PHE D 258 0.96 -24.03 -17.32
CA PHE D 258 1.77 -23.97 -18.53
C PHE D 258 3.20 -23.57 -18.23
N ASP D 259 3.65 -23.84 -17.00
CA ASP D 259 5.03 -23.54 -16.60
C ASP D 259 6.01 -24.64 -17.00
N ALA D 260 5.54 -25.75 -17.58
CA ALA D 260 6.45 -26.69 -18.23
C ALA D 260 6.75 -26.30 -19.66
N ALA D 261 6.16 -25.22 -20.15
CA ALA D 261 6.36 -24.80 -21.54
C ALA D 261 7.77 -24.30 -21.76
N ARG D 262 8.22 -24.42 -23.01
CA ARG D 262 9.46 -23.79 -23.44
C ARG D 262 9.42 -22.29 -23.17
N GLY D 263 10.42 -21.79 -22.46
CA GLY D 263 10.53 -20.38 -22.15
C GLY D 263 10.05 -19.98 -20.76
N ASP D 264 9.45 -20.89 -20.00
CA ASP D 264 9.04 -20.51 -18.67
C ASP D 264 10.25 -20.26 -17.78
N PRO D 265 10.30 -19.13 -17.07
CA PRO D 265 11.43 -18.89 -16.15
C PRO D 265 11.44 -19.77 -14.89
N LEU D 266 10.32 -20.38 -14.47
CA LEU D 266 10.31 -21.22 -13.27
C LEU D 266 10.49 -22.70 -13.56
N GLY D 267 9.81 -23.23 -14.57
CA GLY D 267 9.88 -24.64 -14.84
C GLY D 267 11.13 -25.09 -15.58
N CYS D 268 11.56 -24.27 -16.55
CA CYS D 268 12.76 -24.56 -17.34
C CYS D 268 12.65 -25.89 -18.07
N CYS D 269 11.46 -26.18 -18.60
CA CYS D 269 11.23 -27.36 -19.43
C CYS D 269 10.96 -26.91 -20.86
N ASP D 270 10.50 -27.85 -21.69
CA ASP D 270 10.54 -27.54 -23.12
C ASP D 270 9.28 -27.99 -23.86
N VAL D 271 8.12 -27.96 -23.22
CA VAL D 271 6.90 -28.39 -23.88
C VAL D 271 6.40 -27.28 -24.78
N THR D 272 6.01 -27.64 -26.00
CA THR D 272 5.52 -26.72 -27.03
C THR D 272 4.00 -26.70 -27.04
N PRO D 273 3.38 -25.72 -27.71
CA PRO D 273 1.92 -25.80 -27.94
C PRO D 273 1.49 -27.10 -28.61
N ALA D 274 2.31 -27.64 -29.52
CA ALA D 274 1.98 -28.94 -30.12
C ALA D 274 1.88 -30.03 -29.06
N GLY D 275 2.72 -29.97 -28.03
CA GLY D 275 2.63 -30.94 -26.96
C GLY D 275 1.32 -30.83 -26.17
N TYR D 276 1.00 -29.62 -25.71
CA TYR D 276 -0.26 -29.41 -25.00
C TYR D 276 -1.44 -29.80 -25.88
N SER D 277 -1.38 -29.45 -27.17
CA SER D 277 -2.43 -29.83 -28.09
C SER D 277 -2.64 -31.34 -28.09
N ARG D 278 -1.54 -32.06 -28.26
CA ARG D 278 -1.62 -33.52 -28.35
C ARG D 278 -2.15 -34.13 -27.05
N MET D 279 -1.68 -33.64 -25.90
CA MET D 279 -2.16 -34.17 -24.63
C MET D 279 -3.65 -33.90 -24.46
N THR D 280 -4.11 -32.72 -24.90
CA THR D 280 -5.54 -32.44 -24.83
C THR D 280 -6.33 -33.42 -25.69
N GLN D 281 -5.92 -33.60 -26.95
CA GLN D 281 -6.59 -34.57 -27.81
C GLN D 281 -6.64 -35.94 -27.18
N MET D 282 -5.49 -36.41 -26.65
CA MET D 282 -5.39 -37.74 -26.06
C MET D 282 -6.38 -37.92 -24.92
N LEU D 283 -6.48 -36.92 -24.04
CA LEU D 283 -7.45 -37.02 -22.96
C LEU D 283 -8.88 -36.94 -23.46
N GLY D 284 -9.13 -36.26 -24.58
CA GLY D 284 -10.47 -36.18 -25.13
C GLY D 284 -11.10 -37.53 -25.41
N ASP D 285 -10.29 -38.53 -25.74
CA ASP D 285 -10.83 -39.82 -26.11
C ASP D 285 -11.32 -40.65 -24.92
N LEU D 286 -11.22 -40.11 -23.70
CA LEU D 286 -11.74 -40.80 -22.53
C LEU D 286 -13.19 -40.43 -22.24
N CYS D 287 -13.61 -39.22 -22.57
CA CYS D 287 -14.97 -38.78 -22.29
C CYS D 287 -15.52 -38.04 -23.48
N GLY D 288 -15.16 -38.49 -24.68
CA GLY D 288 -15.70 -37.93 -25.90
C GLY D 288 -15.61 -36.42 -25.96
N GLY D 289 -14.45 -35.87 -25.60
CA GLY D 289 -14.22 -34.44 -25.68
C GLY D 289 -14.83 -33.60 -24.57
N LYS D 290 -15.48 -34.21 -23.57
CA LYS D 290 -16.05 -33.49 -22.44
C LYS D 290 -15.01 -33.36 -21.33
N MET D 291 -14.61 -32.13 -21.02
CA MET D 291 -13.58 -31.95 -20.01
C MET D 291 -13.52 -30.49 -19.57
N LEU D 292 -13.07 -30.29 -18.34
CA LEU D 292 -12.88 -28.95 -17.80
C LEU D 292 -11.39 -28.69 -17.69
N VAL D 293 -10.91 -27.65 -18.36
CA VAL D 293 -9.50 -27.27 -18.31
C VAL D 293 -9.38 -26.04 -17.43
N ILE D 294 -8.58 -26.15 -16.37
CA ILE D 294 -8.41 -25.09 -15.39
C ILE D 294 -6.97 -24.63 -15.41
N LEU D 295 -6.79 -23.34 -15.62
CA LEU D 295 -5.46 -22.74 -15.57
C LEU D 295 -4.87 -22.80 -14.18
N GLU D 296 -3.62 -23.26 -14.07
CA GLU D 296 -2.83 -23.17 -12.84
C GLU D 296 -1.65 -22.21 -13.05
N GLY D 297 -0.42 -22.71 -13.03
CA GLY D 297 0.75 -21.89 -13.26
C GLY D 297 1.00 -21.56 -14.73
N GLY D 298 2.22 -21.08 -15.01
CA GLY D 298 2.64 -20.61 -16.34
C GLY D 298 2.91 -19.11 -16.35
N TYR D 299 4.15 -18.72 -16.67
CA TYR D 299 4.63 -17.39 -16.31
C TYR D 299 5.32 -16.60 -17.43
N ASN D 300 5.66 -17.22 -18.54
CA ASN D 300 6.09 -16.49 -19.73
C ASN D 300 4.83 -16.12 -20.51
N LEU D 301 4.59 -14.83 -20.71
CA LEU D 301 3.31 -14.41 -21.32
C LEU D 301 3.15 -14.98 -22.73
N ARG D 302 4.22 -14.95 -23.52
CA ARG D 302 4.17 -15.52 -24.87
C ARG D 302 3.89 -17.01 -24.84
N SER D 303 4.58 -17.73 -23.95
CA SER D 303 4.43 -19.17 -23.89
C SER D 303 3.02 -19.57 -23.48
N ILE D 304 2.45 -18.88 -22.50
CA ILE D 304 1.15 -19.34 -22.02
C ILE D 304 0.06 -18.90 -22.97
N SER D 305 0.27 -17.80 -23.70
CA SER D 305 -0.72 -17.37 -24.68
C SER D 305 -0.85 -18.38 -25.81
N ALA D 306 0.28 -18.82 -26.36
CA ALA D 306 0.23 -19.80 -27.43
C ALA D 306 -0.28 -21.15 -26.93
N SER D 307 0.14 -21.58 -25.73
CA SER D 307 -0.28 -22.89 -25.24
C SER D 307 -1.77 -22.92 -24.91
N ALA D 308 -2.29 -21.87 -24.27
CA ALA D 308 -3.71 -21.87 -23.93
C ALA D 308 -4.55 -21.80 -25.20
N THR D 309 -4.13 -21.00 -26.18
CA THR D 309 -4.84 -20.95 -27.46
C THR D 309 -4.85 -22.32 -28.14
N ALA D 310 -3.71 -23.03 -28.10
CA ALA D 310 -3.69 -24.35 -28.71
C ALA D 310 -4.67 -25.29 -28.01
N VAL D 311 -4.71 -25.24 -26.67
CA VAL D 311 -5.59 -26.14 -25.94
C VAL D 311 -7.06 -25.82 -26.25
N ILE D 312 -7.42 -24.54 -26.27
CA ILE D 312 -8.83 -24.23 -26.45
C ILE D 312 -9.26 -24.57 -27.87
N LYS D 313 -8.35 -24.49 -28.85
CA LYS D 313 -8.67 -24.91 -30.20
C LYS D 313 -8.99 -26.40 -30.27
N VAL D 314 -8.30 -27.22 -29.48
CA VAL D 314 -8.63 -28.64 -29.41
C VAL D 314 -10.00 -28.84 -28.77
N LEU D 315 -10.32 -28.05 -27.73
CA LEU D 315 -11.63 -28.16 -27.11
C LEU D 315 -12.73 -27.81 -28.11
N LEU D 316 -12.43 -26.91 -29.04
CA LEU D 316 -13.35 -26.50 -30.08
C LEU D 316 -13.47 -27.52 -31.20
N GLY D 317 -12.62 -28.54 -31.23
CA GLY D 317 -12.65 -29.48 -32.32
C GLY D 317 -11.85 -29.08 -33.53
N GLU D 318 -10.90 -28.16 -33.37
CA GLU D 318 -10.14 -27.64 -34.51
C GLU D 318 -8.74 -28.24 -34.57
N THR D 329 10.03 -41.33 -29.58
CA THR D 329 11.13 -41.94 -28.83
C THR D 329 11.65 -41.03 -27.71
N PRO D 330 11.42 -41.43 -26.48
CA PRO D 330 11.72 -40.57 -25.33
C PRO D 330 13.22 -40.46 -25.07
N SER D 331 13.56 -39.52 -24.19
CA SER D 331 14.89 -39.39 -23.66
C SER D 331 15.16 -40.45 -22.61
N VAL D 332 16.44 -40.64 -22.27
CA VAL D 332 16.76 -41.63 -21.24
C VAL D 332 16.11 -41.27 -19.93
N ALA D 333 16.16 -39.98 -19.56
CA ALA D 333 15.52 -39.53 -18.33
C ALA D 333 14.03 -39.86 -18.34
N GLY D 334 13.36 -39.60 -19.46
CA GLY D 334 11.94 -39.94 -19.55
C GLY D 334 11.66 -41.42 -19.42
N LEU D 335 12.47 -42.27 -20.06
CA LEU D 335 12.30 -43.72 -19.91
C LEU D 335 12.44 -44.14 -18.46
N GLN D 336 13.45 -43.60 -17.77
CA GLN D 336 13.68 -44.02 -16.41
C GLN D 336 12.49 -43.66 -15.52
N THR D 337 11.90 -42.48 -15.74
CA THR D 337 10.73 -42.06 -14.96
C THR D 337 9.54 -42.98 -15.23
N VAL D 338 9.27 -43.27 -16.52
CA VAL D 338 8.13 -44.14 -16.81
C VAL D 338 8.36 -45.52 -16.23
N LEU D 339 9.58 -46.04 -16.41
CA LEU D 339 9.92 -47.36 -15.88
C LEU D 339 9.66 -47.41 -14.39
N ASP D 340 10.16 -46.41 -13.66
CA ASP D 340 9.95 -46.41 -12.20
C ASP D 340 8.48 -46.26 -11.83
N VAL D 341 7.71 -45.46 -12.59
CA VAL D 341 6.29 -45.32 -12.28
C VAL D 341 5.56 -46.65 -12.48
N LEU D 342 5.84 -47.35 -13.58
CA LEU D 342 5.12 -48.59 -13.82
C LEU D 342 5.51 -49.67 -12.82
N ASN D 343 6.79 -49.73 -12.44
CA ASN D 343 7.19 -50.64 -11.36
C ASN D 343 6.31 -50.44 -10.13
N ILE D 344 5.97 -49.18 -9.82
CA ILE D 344 5.18 -48.89 -8.64
C ILE D 344 3.69 -49.12 -8.89
N GLN D 345 3.17 -48.62 -10.00
CA GLN D 345 1.74 -48.65 -10.19
C GLN D 345 1.23 -50.01 -10.66
N LEU D 346 2.12 -50.90 -11.12
CA LEU D 346 1.69 -52.21 -11.59
C LEU D 346 0.90 -52.95 -10.53
N GLU D 347 1.31 -52.86 -9.27
CA GLU D 347 0.60 -53.55 -8.21
C GLU D 347 -0.84 -53.07 -8.08
N PHE D 348 -1.12 -51.84 -8.50
CA PHE D 348 -2.46 -51.28 -8.37
C PHE D 348 -3.26 -51.28 -9.65
N TRP D 349 -2.62 -51.26 -10.81
CA TRP D 349 -3.29 -51.21 -12.11
C TRP D 349 -2.81 -52.35 -13.01
N PRO D 350 -3.26 -53.59 -12.74
CA PRO D 350 -2.72 -54.76 -13.44
C PRO D 350 -2.71 -54.64 -14.96
N SER D 351 -3.69 -53.95 -15.54
CA SER D 351 -3.70 -53.74 -16.98
C SER D 351 -2.44 -53.05 -17.50
N LEU D 352 -1.61 -52.49 -16.61
CA LEU D 352 -0.40 -51.82 -17.09
C LEU D 352 0.64 -52.80 -17.64
N ALA D 353 0.44 -54.11 -17.45
CA ALA D 353 1.37 -55.12 -17.98
C ALA D 353 1.59 -54.95 -19.47
N ILE D 354 0.51 -54.73 -20.22
CA ILE D 354 0.60 -54.52 -21.66
C ILE D 354 1.55 -53.37 -21.96
N SER D 355 1.34 -52.23 -21.32
CA SER D 355 2.27 -51.12 -21.51
C SER D 355 3.65 -51.47 -21.01
N TYR D 356 3.73 -52.29 -19.97
CA TYR D 356 5.05 -52.63 -19.43
C TYR D 356 5.88 -53.41 -20.45
N SER D 357 5.25 -54.35 -21.17
CA SER D 357 6.01 -55.13 -22.15
C SER D 357 6.42 -54.29 -23.35
N LYS D 358 5.64 -53.27 -23.69
CA LYS D 358 6.02 -52.40 -24.80
C LYS D 358 7.18 -51.49 -24.40
N LEU D 359 7.17 -50.98 -23.16
CA LEU D 359 8.31 -50.20 -22.70
C LEU D 359 9.58 -51.04 -22.66
N LEU D 360 9.46 -52.28 -22.17
CA LEU D 360 10.61 -53.16 -22.06
C LEU D 360 11.25 -53.44 -23.39
N SER D 361 10.55 -53.16 -24.50
CA SER D 361 11.11 -53.30 -25.84
C SER D 361 11.86 -52.05 -26.30
N GLU D 362 12.46 -51.32 -25.37
CA GLU D 362 13.58 -50.42 -25.65
C GLU D 362 14.38 -50.21 -24.37
#